data_6IKY
# 
_entry.id   6IKY 
# 
_audit_conform.dict_name       mmcif_pdbx.dic 
_audit_conform.dict_version    5.398 
_audit_conform.dict_location   http://mmcif.pdb.org/dictionaries/ascii/mmcif_pdbx.dic 
# 
loop_
_database_2.database_id 
_database_2.database_code 
_database_2.pdbx_database_accession 
_database_2.pdbx_DOI 
PDB   6IKY         pdb_00006iky 10.2210/pdb6iky/pdb 
WWPDB D_1300009379 ?            ?                   
# 
loop_
_pdbx_audit_revision_history.ordinal 
_pdbx_audit_revision_history.data_content_type 
_pdbx_audit_revision_history.major_revision 
_pdbx_audit_revision_history.minor_revision 
_pdbx_audit_revision_history.revision_date 
1 'Structure model' 1 0 2019-10-23 
2 'Structure model' 1 1 2023-11-22 
3 'Structure model' 1 2 2024-11-06 
# 
_pdbx_audit_revision_details.ordinal             1 
_pdbx_audit_revision_details.revision_ordinal    1 
_pdbx_audit_revision_details.data_content_type   'Structure model' 
_pdbx_audit_revision_details.provider            repository 
_pdbx_audit_revision_details.type                'Initial release' 
_pdbx_audit_revision_details.description         ? 
_pdbx_audit_revision_details.details             ? 
# 
loop_
_pdbx_audit_revision_group.ordinal 
_pdbx_audit_revision_group.revision_ordinal 
_pdbx_audit_revision_group.data_content_type 
_pdbx_audit_revision_group.group 
1 2 'Structure model' 'Data collection'        
2 2 'Structure model' 'Database references'    
3 2 'Structure model' 'Derived calculations'   
4 2 'Structure model' 'Refinement description' 
5 3 'Structure model' 'Structure summary'      
# 
loop_
_pdbx_audit_revision_category.ordinal 
_pdbx_audit_revision_category.revision_ordinal 
_pdbx_audit_revision_category.data_content_type 
_pdbx_audit_revision_category.category 
1 2 'Structure model' chem_comp_atom                
2 2 'Structure model' chem_comp_bond                
3 2 'Structure model' database_2                    
4 2 'Structure model' pdbx_initial_refinement_model 
5 2 'Structure model' pdbx_struct_conn_angle        
6 2 'Structure model' struct_conn                   
7 2 'Structure model' struct_conn_type              
8 3 'Structure model' pdbx_entry_details            
9 3 'Structure model' pdbx_modification_feature     
# 
loop_
_pdbx_audit_revision_item.ordinal 
_pdbx_audit_revision_item.revision_ordinal 
_pdbx_audit_revision_item.data_content_type 
_pdbx_audit_revision_item.item 
1  2 'Structure model' '_database_2.pdbx_DOI'                        
2  2 'Structure model' '_database_2.pdbx_database_accession'         
3  2 'Structure model' '_pdbx_struct_conn_angle.ptnr1_auth_comp_id'  
4  2 'Structure model' '_pdbx_struct_conn_angle.ptnr1_auth_seq_id'   
5  2 'Structure model' '_pdbx_struct_conn_angle.ptnr1_label_asym_id' 
6  2 'Structure model' '_pdbx_struct_conn_angle.ptnr1_label_atom_id' 
7  2 'Structure model' '_pdbx_struct_conn_angle.ptnr1_label_comp_id' 
8  2 'Structure model' '_pdbx_struct_conn_angle.ptnr1_label_seq_id'  
9  2 'Structure model' '_pdbx_struct_conn_angle.ptnr2_auth_seq_id'   
10 2 'Structure model' '_pdbx_struct_conn_angle.ptnr2_label_asym_id' 
11 2 'Structure model' '_pdbx_struct_conn_angle.ptnr2_symmetry'      
12 2 'Structure model' '_pdbx_struct_conn_angle.ptnr3_auth_comp_id'  
13 2 'Structure model' '_pdbx_struct_conn_angle.ptnr3_auth_seq_id'   
14 2 'Structure model' '_pdbx_struct_conn_angle.ptnr3_label_asym_id' 
15 2 'Structure model' '_pdbx_struct_conn_angle.ptnr3_label_atom_id' 
16 2 'Structure model' '_pdbx_struct_conn_angle.ptnr3_label_comp_id' 
17 2 'Structure model' '_pdbx_struct_conn_angle.ptnr3_label_seq_id'  
18 2 'Structure model' '_pdbx_struct_conn_angle.value'               
19 2 'Structure model' '_struct_conn.conn_type_id'                   
20 2 'Structure model' '_struct_conn.id'                             
21 2 'Structure model' '_struct_conn.pdbx_dist_value'                
22 2 'Structure model' '_struct_conn.pdbx_leaving_atom_flag'         
23 2 'Structure model' '_struct_conn.ptnr1_auth_comp_id'             
24 2 'Structure model' '_struct_conn.ptnr1_auth_seq_id'              
25 2 'Structure model' '_struct_conn.ptnr1_label_asym_id'            
26 2 'Structure model' '_struct_conn.ptnr1_label_atom_id'            
27 2 'Structure model' '_struct_conn.ptnr1_label_comp_id'            
28 2 'Structure model' '_struct_conn.ptnr1_label_seq_id'             
29 2 'Structure model' '_struct_conn.ptnr2_auth_comp_id'             
30 2 'Structure model' '_struct_conn.ptnr2_auth_seq_id'              
31 2 'Structure model' '_struct_conn.ptnr2_label_asym_id'            
32 2 'Structure model' '_struct_conn.ptnr2_label_atom_id'            
33 2 'Structure model' '_struct_conn.ptnr2_label_comp_id'            
34 2 'Structure model' '_struct_conn.ptnr2_label_seq_id'             
35 2 'Structure model' '_struct_conn.ptnr2_symmetry'                 
36 2 'Structure model' '_struct_conn_type.id'                        
# 
_pdbx_database_status.status_code                     REL 
_pdbx_database_status.status_code_sf                  REL 
_pdbx_database_status.status_code_mr                  ? 
_pdbx_database_status.entry_id                        6IKY 
_pdbx_database_status.recvd_initial_deposition_date   2018-10-16 
_pdbx_database_status.SG_entry                        N 
_pdbx_database_status.deposit_site                    PDBJ 
_pdbx_database_status.process_site                    PDBJ 
_pdbx_database_status.status_code_cs                  ? 
_pdbx_database_status.methods_development_category    ? 
_pdbx_database_status.pdb_format_compatible           Y 
_pdbx_database_status.status_code_nmr_data            ? 
# 
loop_
_audit_author.name 
_audit_author.pdbx_ordinal 
_audit_author.identifier_ORCID 
'Lee, I.H.'  1 ? 
'Kang, L.W.' 2 ? 
# 
_citation.abstract                  ? 
_citation.abstract_id_CAS           ? 
_citation.book_id_ISBN              ? 
_citation.book_publisher            ? 
_citation.book_publisher_city       ? 
_citation.book_title                ? 
_citation.coordinate_linkage        ? 
_citation.country                   ? 
_citation.database_id_Medline       ? 
_citation.details                   ? 
_citation.id                        primary 
_citation.journal_abbrev            'To be published' 
_citation.journal_id_ASTM           ? 
_citation.journal_id_CSD            0353 
_citation.journal_id_ISSN           ? 
_citation.journal_full              ? 
_citation.journal_issue             ? 
_citation.journal_volume            ? 
_citation.language                  ? 
_citation.page_first                ? 
_citation.page_last                 ? 
_citation.title                     'FBIs complex structure of peptide deformylase from Xanthomonas oryzae pv. oryzae' 
_citation.year                      ? 
_citation.database_id_CSD           ? 
_citation.pdbx_database_id_DOI      ? 
_citation.pdbx_database_id_PubMed   ? 
_citation.unpublished_flag          ? 
# 
loop_
_citation_author.citation_id 
_citation_author.name 
_citation_author.ordinal 
_citation_author.identifier_ORCID 
primary 'Lee, I.H.'  1 ? 
primary 'Kang, L.W.' 2 ? 
# 
loop_
_entity.id 
_entity.type 
_entity.src_method 
_entity.pdbx_description 
_entity.formula_weight 
_entity.pdbx_number_of_molecules 
_entity.pdbx_ec 
_entity.pdbx_mutation 
_entity.pdbx_fragment 
_entity.details 
1 polymer     man 'Peptide deformylase'                                                             18651.156 1  3.5.1.88 ? 
'UNP residues 42-208' ? 
2 non-polymer syn 'NICKEL (II) ION'                                                                 58.693    3  ?        ? ? ? 
3 non-polymer syn '(3~{R},4~{R})-4-oxidanyl-3-(phenylmethyl)-4-(phenylmethylsulfanyl)butanoic acid' 316.415   1  ?        ? ? ? 
4 water       nat water                                                                             18.015    26 ?        ? ? ? 
# 
_entity_name_com.entity_id   1 
_entity_name_com.name        'PDF,Polypeptide deformylase' 
# 
_entity_poly.entity_id                      1 
_entity_poly.type                           'polypeptide(L)' 
_entity_poly.nstd_linkage                   no 
_entity_poly.nstd_monomer                   yes 
_entity_poly.pdbx_seq_one_letter_code       
;MIRDIIRMGDKRLLRVAPQVTNLGSAELHALVSDMFETMGAAHGVGLAAPQIAVDLQLMVFGFEASERYPEAPAVPLTAL
ANAQIEPLSDEMENGWEG(CSD)LSIPGLRAVIPRYRYIRYRGFAPDGSPIEREAEGFHARVVQHEYDHLVGRLYPSRIE
NFDTFGFDDVL
;
_entity_poly.pdbx_seq_one_letter_code_can   
;MIRDIIRMGDKRLLRVAPQVTNLGSAELHALVSDMFETMGAAHGVGLAAPQIAVDLQLMVFGFEASERYPEAPAVPLTAL
ANAQIEPLSDEMENGWEGCLSIPGLRAVIPRYRYIRYRGFAPDGSPIEREAEGFHARVVQHEYDHLVGRLYPSRIENFDT
FGFDDVL
;
_entity_poly.pdbx_strand_id                 A 
_entity_poly.pdbx_target_identifier         ? 
# 
loop_
_pdbx_entity_nonpoly.entity_id 
_pdbx_entity_nonpoly.name 
_pdbx_entity_nonpoly.comp_id 
2 'NICKEL (II) ION'                                                                 NI  
3 '(3~{R},4~{R})-4-oxidanyl-3-(phenylmethyl)-4-(phenylmethylsulfanyl)butanoic acid' K2U 
4 water                                                                             HOH 
# 
loop_
_entity_poly_seq.entity_id 
_entity_poly_seq.num 
_entity_poly_seq.mon_id 
_entity_poly_seq.hetero 
1 1   MET n 
1 2   ILE n 
1 3   ARG n 
1 4   ASP n 
1 5   ILE n 
1 6   ILE n 
1 7   ARG n 
1 8   MET n 
1 9   GLY n 
1 10  ASP n 
1 11  LYS n 
1 12  ARG n 
1 13  LEU n 
1 14  LEU n 
1 15  ARG n 
1 16  VAL n 
1 17  ALA n 
1 18  PRO n 
1 19  GLN n 
1 20  VAL n 
1 21  THR n 
1 22  ASN n 
1 23  LEU n 
1 24  GLY n 
1 25  SER n 
1 26  ALA n 
1 27  GLU n 
1 28  LEU n 
1 29  HIS n 
1 30  ALA n 
1 31  LEU n 
1 32  VAL n 
1 33  SER n 
1 34  ASP n 
1 35  MET n 
1 36  PHE n 
1 37  GLU n 
1 38  THR n 
1 39  MET n 
1 40  GLY n 
1 41  ALA n 
1 42  ALA n 
1 43  HIS n 
1 44  GLY n 
1 45  VAL n 
1 46  GLY n 
1 47  LEU n 
1 48  ALA n 
1 49  ALA n 
1 50  PRO n 
1 51  GLN n 
1 52  ILE n 
1 53  ALA n 
1 54  VAL n 
1 55  ASP n 
1 56  LEU n 
1 57  GLN n 
1 58  LEU n 
1 59  MET n 
1 60  VAL n 
1 61  PHE n 
1 62  GLY n 
1 63  PHE n 
1 64  GLU n 
1 65  ALA n 
1 66  SER n 
1 67  GLU n 
1 68  ARG n 
1 69  TYR n 
1 70  PRO n 
1 71  GLU n 
1 72  ALA n 
1 73  PRO n 
1 74  ALA n 
1 75  VAL n 
1 76  PRO n 
1 77  LEU n 
1 78  THR n 
1 79  ALA n 
1 80  LEU n 
1 81  ALA n 
1 82  ASN n 
1 83  ALA n 
1 84  GLN n 
1 85  ILE n 
1 86  GLU n 
1 87  PRO n 
1 88  LEU n 
1 89  SER n 
1 90  ASP n 
1 91  GLU n 
1 92  MET n 
1 93  GLU n 
1 94  ASN n 
1 95  GLY n 
1 96  TRP n 
1 97  GLU n 
1 98  GLY n 
1 99  CSD n 
1 100 LEU n 
1 101 SER n 
1 102 ILE n 
1 103 PRO n 
1 104 GLY n 
1 105 LEU n 
1 106 ARG n 
1 107 ALA n 
1 108 VAL n 
1 109 ILE n 
1 110 PRO n 
1 111 ARG n 
1 112 TYR n 
1 113 ARG n 
1 114 TYR n 
1 115 ILE n 
1 116 ARG n 
1 117 TYR n 
1 118 ARG n 
1 119 GLY n 
1 120 PHE n 
1 121 ALA n 
1 122 PRO n 
1 123 ASP n 
1 124 GLY n 
1 125 SER n 
1 126 PRO n 
1 127 ILE n 
1 128 GLU n 
1 129 ARG n 
1 130 GLU n 
1 131 ALA n 
1 132 GLU n 
1 133 GLY n 
1 134 PHE n 
1 135 HIS n 
1 136 ALA n 
1 137 ARG n 
1 138 VAL n 
1 139 VAL n 
1 140 GLN n 
1 141 HIS n 
1 142 GLU n 
1 143 TYR n 
1 144 ASP n 
1 145 HIS n 
1 146 LEU n 
1 147 VAL n 
1 148 GLY n 
1 149 ARG n 
1 150 LEU n 
1 151 TYR n 
1 152 PRO n 
1 153 SER n 
1 154 ARG n 
1 155 ILE n 
1 156 GLU n 
1 157 ASN n 
1 158 PHE n 
1 159 ASP n 
1 160 THR n 
1 161 PHE n 
1 162 GLY n 
1 163 PHE n 
1 164 ASP n 
1 165 ASP n 
1 166 VAL n 
1 167 LEU n 
# 
_entity_src_gen.entity_id                          1 
_entity_src_gen.pdbx_src_id                        1 
_entity_src_gen.pdbx_alt_source_flag               sample 
_entity_src_gen.pdbx_seq_type                      'Biological sequence' 
_entity_src_gen.pdbx_beg_seq_num                   1 
_entity_src_gen.pdbx_end_seq_num                   167 
_entity_src_gen.gene_src_common_name               ? 
_entity_src_gen.gene_src_genus                     ? 
_entity_src_gen.pdbx_gene_src_gene                 'def, XOO1075' 
_entity_src_gen.gene_src_species                   ? 
_entity_src_gen.gene_src_strain                    KACC10331 
_entity_src_gen.gene_src_tissue                    ? 
_entity_src_gen.gene_src_tissue_fraction           ? 
_entity_src_gen.gene_src_details                   ? 
_entity_src_gen.pdbx_gene_src_fragment             ? 
_entity_src_gen.pdbx_gene_src_scientific_name      'Xanthomonas oryzae pv. oryzae KACC10331' 
_entity_src_gen.pdbx_gene_src_ncbi_taxonomy_id     291331 
_entity_src_gen.pdbx_gene_src_variant              ? 
_entity_src_gen.pdbx_gene_src_cell_line            ? 
_entity_src_gen.pdbx_gene_src_atcc                 ? 
_entity_src_gen.pdbx_gene_src_organ                ? 
_entity_src_gen.pdbx_gene_src_organelle            ? 
_entity_src_gen.pdbx_gene_src_cell                 ? 
_entity_src_gen.pdbx_gene_src_cellular_location    ? 
_entity_src_gen.host_org_common_name               ? 
_entity_src_gen.pdbx_host_org_scientific_name      'Escherichia coli BL21(DE3)' 
_entity_src_gen.pdbx_host_org_ncbi_taxonomy_id     469008 
_entity_src_gen.host_org_genus                     ? 
_entity_src_gen.pdbx_host_org_gene                 ? 
_entity_src_gen.pdbx_host_org_organ                ? 
_entity_src_gen.host_org_species                   ? 
_entity_src_gen.pdbx_host_org_tissue               ? 
_entity_src_gen.pdbx_host_org_tissue_fraction      ? 
_entity_src_gen.pdbx_host_org_strain               'BL21(DE3)' 
_entity_src_gen.pdbx_host_org_variant              ? 
_entity_src_gen.pdbx_host_org_cell_line            ? 
_entity_src_gen.pdbx_host_org_atcc                 ? 
_entity_src_gen.pdbx_host_org_culture_collection   ? 
_entity_src_gen.pdbx_host_org_cell                 ? 
_entity_src_gen.pdbx_host_org_organelle            ? 
_entity_src_gen.pdbx_host_org_cellular_location    ? 
_entity_src_gen.pdbx_host_org_vector_type          plasmid 
_entity_src_gen.pdbx_host_org_vector               ? 
_entity_src_gen.host_org_details                   ? 
_entity_src_gen.expression_system_id               ? 
_entity_src_gen.plasmid_name                       pET11a 
_entity_src_gen.plasmid_details                    ? 
_entity_src_gen.pdbx_description                   ? 
# 
loop_
_chem_comp.id 
_chem_comp.type 
_chem_comp.mon_nstd_flag 
_chem_comp.name 
_chem_comp.pdbx_synonyms 
_chem_comp.formula 
_chem_comp.formula_weight 
ALA 'L-peptide linking' y ALANINE                                                                           ? 'C3 H7 N O2'     
89.093  
ARG 'L-peptide linking' y ARGININE                                                                          ? 'C6 H15 N4 O2 1' 
175.209 
ASN 'L-peptide linking' y ASPARAGINE                                                                        ? 'C4 H8 N2 O3'    
132.118 
ASP 'L-peptide linking' y 'ASPARTIC ACID'                                                                   ? 'C4 H7 N O4'     
133.103 
CSD 'L-peptide linking' n 3-SULFINOALANINE                                                                  
'S-CYSTEINESULFINIC ACID; S-SULFINOCYSTEINE' 'C3 H7 N O4 S'   153.157 
GLN 'L-peptide linking' y GLUTAMINE                                                                         ? 'C5 H10 N2 O3'   
146.144 
GLU 'L-peptide linking' y 'GLUTAMIC ACID'                                                                   ? 'C5 H9 N O4'     
147.129 
GLY 'peptide linking'   y GLYCINE                                                                           ? 'C2 H5 N O2'     
75.067  
HIS 'L-peptide linking' y HISTIDINE                                                                         ? 'C6 H10 N3 O2 1' 
156.162 
HOH non-polymer         . WATER                                                                             ? 'H2 O'           
18.015  
ILE 'L-peptide linking' y ISOLEUCINE                                                                        ? 'C6 H13 N O2'    
131.173 
K2U non-polymer         . '(3~{R},4~{R})-4-oxidanyl-3-(phenylmethyl)-4-(phenylmethylsulfanyl)butanoic acid' ? 'C18 H20 O3 S'   
316.415 
LEU 'L-peptide linking' y LEUCINE                                                                           ? 'C6 H13 N O2'    
131.173 
LYS 'L-peptide linking' y LYSINE                                                                            ? 'C6 H15 N2 O2 1' 
147.195 
MET 'L-peptide linking' y METHIONINE                                                                        ? 'C5 H11 N O2 S'  
149.211 
NI  non-polymer         . 'NICKEL (II) ION'                                                                 ? 'Ni 2'           
58.693  
PHE 'L-peptide linking' y PHENYLALANINE                                                                     ? 'C9 H11 N O2'    
165.189 
PRO 'L-peptide linking' y PROLINE                                                                           ? 'C5 H9 N O2'     
115.130 
SER 'L-peptide linking' y SERINE                                                                            ? 'C3 H7 N O3'     
105.093 
THR 'L-peptide linking' y THREONINE                                                                         ? 'C4 H9 N O3'     
119.119 
TRP 'L-peptide linking' y TRYPTOPHAN                                                                        ? 'C11 H12 N2 O2'  
204.225 
TYR 'L-peptide linking' y TYROSINE                                                                          ? 'C9 H11 N O3'    
181.189 
VAL 'L-peptide linking' y VALINE                                                                            ? 'C5 H11 N O2'    
117.146 
# 
loop_
_pdbx_poly_seq_scheme.asym_id 
_pdbx_poly_seq_scheme.entity_id 
_pdbx_poly_seq_scheme.seq_id 
_pdbx_poly_seq_scheme.mon_id 
_pdbx_poly_seq_scheme.ndb_seq_num 
_pdbx_poly_seq_scheme.pdb_seq_num 
_pdbx_poly_seq_scheme.auth_seq_num 
_pdbx_poly_seq_scheme.pdb_mon_id 
_pdbx_poly_seq_scheme.auth_mon_id 
_pdbx_poly_seq_scheme.pdb_strand_id 
_pdbx_poly_seq_scheme.pdb_ins_code 
_pdbx_poly_seq_scheme.hetero 
A 1 1   MET 1   1   1   MET MET A . n 
A 1 2   ILE 2   2   2   ILE ILE A . n 
A 1 3   ARG 3   3   3   ARG ARG A . n 
A 1 4   ASP 4   4   4   ASP ASP A . n 
A 1 5   ILE 5   5   5   ILE ILE A . n 
A 1 6   ILE 6   6   6   ILE ILE A . n 
A 1 7   ARG 7   7   7   ARG ARG A . n 
A 1 8   MET 8   8   8   MET MET A . n 
A 1 9   GLY 9   9   9   GLY GLY A . n 
A 1 10  ASP 10  10  10  ASP ASP A . n 
A 1 11  LYS 11  11  11  LYS LYS A . n 
A 1 12  ARG 12  12  12  ARG ARG A . n 
A 1 13  LEU 13  13  13  LEU LEU A . n 
A 1 14  LEU 14  14  14  LEU LEU A . n 
A 1 15  ARG 15  15  15  ARG ARG A . n 
A 1 16  VAL 16  16  16  VAL VAL A . n 
A 1 17  ALA 17  17  17  ALA ALA A . n 
A 1 18  PRO 18  18  18  PRO PRO A . n 
A 1 19  GLN 19  19  19  GLN GLN A . n 
A 1 20  VAL 20  20  20  VAL VAL A . n 
A 1 21  THR 21  21  21  THR THR A . n 
A 1 22  ASN 22  22  22  ASN ASN A . n 
A 1 23  LEU 23  23  23  LEU LEU A . n 
A 1 24  GLY 24  24  24  GLY GLY A . n 
A 1 25  SER 25  25  25  SER SER A . n 
A 1 26  ALA 26  26  26  ALA ALA A . n 
A 1 27  GLU 27  27  27  GLU GLU A . n 
A 1 28  LEU 28  28  28  LEU LEU A . n 
A 1 29  HIS 29  29  29  HIS HIS A . n 
A 1 30  ALA 30  30  30  ALA ALA A . n 
A 1 31  LEU 31  31  31  LEU LEU A . n 
A 1 32  VAL 32  32  32  VAL VAL A . n 
A 1 33  SER 33  33  33  SER SER A . n 
A 1 34  ASP 34  34  34  ASP ASP A . n 
A 1 35  MET 35  35  35  MET MET A . n 
A 1 36  PHE 36  36  36  PHE PHE A . n 
A 1 37  GLU 37  37  37  GLU GLU A . n 
A 1 38  THR 38  38  38  THR THR A . n 
A 1 39  MET 39  39  39  MET MET A . n 
A 1 40  GLY 40  40  40  GLY GLY A . n 
A 1 41  ALA 41  41  41  ALA ALA A . n 
A 1 42  ALA 42  42  42  ALA ALA A . n 
A 1 43  HIS 43  43  43  HIS HIS A . n 
A 1 44  GLY 44  44  44  GLY GLY A . n 
A 1 45  VAL 45  45  45  VAL VAL A . n 
A 1 46  GLY 46  46  46  GLY GLY A . n 
A 1 47  LEU 47  47  47  LEU LEU A . n 
A 1 48  ALA 48  48  48  ALA ALA A . n 
A 1 49  ALA 49  49  49  ALA ALA A . n 
A 1 50  PRO 50  50  50  PRO PRO A . n 
A 1 51  GLN 51  51  51  GLN GLN A . n 
A 1 52  ILE 52  52  52  ILE ILE A . n 
A 1 53  ALA 53  53  53  ALA ALA A . n 
A 1 54  VAL 54  54  54  VAL VAL A . n 
A 1 55  ASP 55  55  55  ASP ASP A . n 
A 1 56  LEU 56  56  56  LEU LEU A . n 
A 1 57  GLN 57  57  57  GLN GLN A . n 
A 1 58  LEU 58  58  58  LEU LEU A . n 
A 1 59  MET 59  59  59  MET MET A . n 
A 1 60  VAL 60  60  60  VAL VAL A . n 
A 1 61  PHE 61  61  61  PHE PHE A . n 
A 1 62  GLY 62  62  62  GLY GLY A . n 
A 1 63  PHE 63  63  63  PHE PHE A . n 
A 1 64  GLU 64  64  64  GLU GLU A . n 
A 1 65  ALA 65  65  65  ALA ALA A . n 
A 1 66  SER 66  66  ?   ?   ?   A . n 
A 1 67  GLU 67  67  ?   ?   ?   A . n 
A 1 68  ARG 68  68  ?   ?   ?   A . n 
A 1 69  TYR 69  69  ?   ?   ?   A . n 
A 1 70  PRO 70  70  ?   ?   ?   A . n 
A 1 71  GLU 71  71  ?   ?   ?   A . n 
A 1 72  ALA 72  72  ?   ?   ?   A . n 
A 1 73  PRO 73  73  73  PRO PRO A . n 
A 1 74  ALA 74  74  74  ALA ALA A . n 
A 1 75  VAL 75  75  75  VAL VAL A . n 
A 1 76  PRO 76  76  76  PRO PRO A . n 
A 1 77  LEU 77  77  77  LEU LEU A . n 
A 1 78  THR 78  78  78  THR THR A . n 
A 1 79  ALA 79  79  79  ALA ALA A . n 
A 1 80  LEU 80  80  80  LEU LEU A . n 
A 1 81  ALA 81  81  81  ALA ALA A . n 
A 1 82  ASN 82  82  82  ASN ASN A . n 
A 1 83  ALA 83  83  83  ALA ALA A . n 
A 1 84  GLN 84  84  84  GLN GLN A . n 
A 1 85  ILE 85  85  85  ILE ILE A . n 
A 1 86  GLU 86  86  86  GLU GLU A . n 
A 1 87  PRO 87  87  87  PRO PRO A . n 
A 1 88  LEU 88  88  88  LEU LEU A . n 
A 1 89  SER 89  89  89  SER SER A . n 
A 1 90  ASP 90  90  90  ASP ASP A . n 
A 1 91  GLU 91  91  91  GLU GLU A . n 
A 1 92  MET 92  92  92  MET MET A . n 
A 1 93  GLU 93  93  93  GLU GLU A . n 
A 1 94  ASN 94  94  94  ASN ASN A . n 
A 1 95  GLY 95  95  95  GLY GLY A . n 
A 1 96  TRP 96  96  96  TRP TRP A . n 
A 1 97  GLU 97  97  97  GLU GLU A . n 
A 1 98  GLY 98  98  98  GLY GLY A . n 
A 1 99  CSD 99  99  99  CSD CSD A . n 
A 1 100 LEU 100 100 100 LEU LEU A . n 
A 1 101 SER 101 101 101 SER SER A . n 
A 1 102 ILE 102 102 102 ILE ILE A . n 
A 1 103 PRO 103 103 103 PRO PRO A . n 
A 1 104 GLY 104 104 104 GLY GLY A . n 
A 1 105 LEU 105 105 105 LEU LEU A . n 
A 1 106 ARG 106 106 106 ARG ARG A . n 
A 1 107 ALA 107 107 107 ALA ALA A . n 
A 1 108 VAL 108 108 108 VAL VAL A . n 
A 1 109 ILE 109 109 109 ILE ILE A . n 
A 1 110 PRO 110 110 110 PRO PRO A . n 
A 1 111 ARG 111 111 111 ARG ARG A . n 
A 1 112 TYR 112 112 112 TYR TYR A . n 
A 1 113 ARG 113 113 113 ARG ARG A . n 
A 1 114 TYR 114 114 114 TYR TYR A . n 
A 1 115 ILE 115 115 115 ILE ILE A . n 
A 1 116 ARG 116 116 116 ARG ARG A . n 
A 1 117 TYR 117 117 117 TYR TYR A . n 
A 1 118 ARG 118 118 118 ARG ARG A . n 
A 1 119 GLY 119 119 119 GLY GLY A . n 
A 1 120 PHE 120 120 120 PHE PHE A . n 
A 1 121 ALA 121 121 121 ALA ALA A . n 
A 1 122 PRO 122 122 122 PRO PRO A . n 
A 1 123 ASP 123 123 123 ASP ASP A . n 
A 1 124 GLY 124 124 124 GLY GLY A . n 
A 1 125 SER 125 125 125 SER SER A . n 
A 1 126 PRO 126 126 126 PRO PRO A . n 
A 1 127 ILE 127 127 127 ILE ILE A . n 
A 1 128 GLU 128 128 128 GLU GLU A . n 
A 1 129 ARG 129 129 129 ARG ARG A . n 
A 1 130 GLU 130 130 130 GLU GLU A . n 
A 1 131 ALA 131 131 131 ALA ALA A . n 
A 1 132 GLU 132 132 132 GLU GLU A . n 
A 1 133 GLY 133 133 133 GLY GLY A . n 
A 1 134 PHE 134 134 134 PHE PHE A . n 
A 1 135 HIS 135 135 135 HIS HIS A . n 
A 1 136 ALA 136 136 136 ALA ALA A . n 
A 1 137 ARG 137 137 137 ARG ARG A . n 
A 1 138 VAL 138 138 138 VAL VAL A . n 
A 1 139 VAL 139 139 139 VAL VAL A . n 
A 1 140 GLN 140 140 140 GLN GLN A . n 
A 1 141 HIS 141 141 141 HIS HIS A . n 
A 1 142 GLU 142 142 142 GLU GLU A . n 
A 1 143 TYR 143 143 143 TYR TYR A . n 
A 1 144 ASP 144 144 144 ASP ASP A . n 
A 1 145 HIS 145 145 145 HIS HIS A . n 
A 1 146 LEU 146 146 146 LEU LEU A . n 
A 1 147 VAL 147 147 147 VAL VAL A . n 
A 1 148 GLY 148 148 148 GLY GLY A . n 
A 1 149 ARG 149 149 149 ARG ARG A . n 
A 1 150 LEU 150 150 150 LEU LEU A . n 
A 1 151 TYR 151 151 151 TYR TYR A . n 
A 1 152 PRO 152 152 152 PRO PRO A . n 
A 1 153 SER 153 153 153 SER SER A . n 
A 1 154 ARG 154 154 154 ARG ARG A . n 
A 1 155 ILE 155 155 155 ILE ILE A . n 
A 1 156 GLU 156 156 156 GLU GLU A . n 
A 1 157 ASN 157 157 157 ASN ASN A . n 
A 1 158 PHE 158 158 158 PHE PHE A . n 
A 1 159 ASP 159 159 159 ASP ASP A . n 
A 1 160 THR 160 160 160 THR THR A . n 
A 1 161 PHE 161 161 161 PHE PHE A . n 
A 1 162 GLY 162 162 162 GLY GLY A . n 
A 1 163 PHE 163 163 163 PHE PHE A . n 
A 1 164 ASP 164 164 164 ASP ASP A . n 
A 1 165 ASP 165 165 165 ASP ASP A . n 
A 1 166 VAL 166 166 166 VAL VAL A . n 
A 1 167 LEU 167 167 167 LEU LEU A . n 
# 
loop_
_pdbx_nonpoly_scheme.asym_id 
_pdbx_nonpoly_scheme.entity_id 
_pdbx_nonpoly_scheme.mon_id 
_pdbx_nonpoly_scheme.ndb_seq_num 
_pdbx_nonpoly_scheme.pdb_seq_num 
_pdbx_nonpoly_scheme.auth_seq_num 
_pdbx_nonpoly_scheme.pdb_mon_id 
_pdbx_nonpoly_scheme.auth_mon_id 
_pdbx_nonpoly_scheme.pdb_strand_id 
_pdbx_nonpoly_scheme.pdb_ins_code 
B 2 NI  1  201 1  NI  NI  A . 
C 2 NI  1  202 2  NI  NI  A . 
D 2 NI  1  203 3  NI  NI  A . 
E 3 K2U 1  204 1  K2U K2U A . 
F 4 HOH 1  301 27 HOH HOH A . 
F 4 HOH 2  302 21 HOH HOH A . 
F 4 HOH 3  303 6  HOH HOH A . 
F 4 HOH 4  304 29 HOH HOH A . 
F 4 HOH 5  305 5  HOH HOH A . 
F 4 HOH 6  306 30 HOH HOH A . 
F 4 HOH 7  307 8  HOH HOH A . 
F 4 HOH 8  308 14 HOH HOH A . 
F 4 HOH 9  309 1  HOH HOH A . 
F 4 HOH 10 310 2  HOH HOH A . 
F 4 HOH 11 311 15 HOH HOH A . 
F 4 HOH 12 312 24 HOH HOH A . 
F 4 HOH 13 313 17 HOH HOH A . 
F 4 HOH 14 314 4  HOH HOH A . 
F 4 HOH 15 315 16 HOH HOH A . 
F 4 HOH 16 316 11 HOH HOH A . 
F 4 HOH 17 317 13 HOH HOH A . 
F 4 HOH 18 318 7  HOH HOH A . 
F 4 HOH 19 319 10 HOH HOH A . 
F 4 HOH 20 320 12 HOH HOH A . 
F 4 HOH 21 321 3  HOH HOH A . 
F 4 HOH 22 322 25 HOH HOH A . 
F 4 HOH 23 323 19 HOH HOH A . 
F 4 HOH 24 324 9  HOH HOH A . 
F 4 HOH 25 325 28 HOH HOH A . 
F 4 HOH 26 326 23 HOH HOH A . 
# 
loop_
_software.citation_id 
_software.classification 
_software.compiler_name 
_software.compiler_version 
_software.contact_author 
_software.contact_author_email 
_software.date 
_software.description 
_software.dependencies 
_software.hardware 
_software.language 
_software.location 
_software.mods 
_software.name 
_software.os 
_software.os_version 
_software.type 
_software.version 
_software.pdbx_ordinal 
? refinement        ? ? ? ? ? ? ? ? ? ? ? REFMAC   ? ? ? 5.8.0158 1 
? 'data scaling'    ? ? ? ? ? ? ? ? ? ? ? HKL-2000 ? ? ? .        2 
? 'data collection' ? ? ? ? ? ? ? ? ? ? ? HKL-2000 ? ? ? .        3 
? 'data reduction'  ? ? ? ? ? ? ? ? ? ? ? HKL-2000 ? ? ? .        4 
? phasing           ? ? ? ? ? ? ? ? ? ? ? MOLREP   ? ? ? .        5 
# 
_cell.angle_alpha                  90.000 
_cell.angle_alpha_esd              ? 
_cell.angle_beta                   90.000 
_cell.angle_beta_esd               ? 
_cell.angle_gamma                  120.000 
_cell.angle_gamma_esd              ? 
_cell.entry_id                     6IKY 
_cell.details                      ? 
_cell.formula_units_Z              ? 
_cell.length_a                     58.754 
_cell.length_a_esd                 ? 
_cell.length_b                     58.754 
_cell.length_b_esd                 ? 
_cell.length_c                     267.674 
_cell.length_c_esd                 ? 
_cell.volume                       ? 
_cell.volume_esd                   ? 
_cell.Z_PDB                        12 
_cell.reciprocal_angle_alpha       ? 
_cell.reciprocal_angle_beta        ? 
_cell.reciprocal_angle_gamma       ? 
_cell.reciprocal_angle_alpha_esd   ? 
_cell.reciprocal_angle_beta_esd    ? 
_cell.reciprocal_angle_gamma_esd   ? 
_cell.reciprocal_length_a          ? 
_cell.reciprocal_length_b          ? 
_cell.reciprocal_length_c          ? 
_cell.reciprocal_length_a_esd      ? 
_cell.reciprocal_length_b_esd      ? 
_cell.reciprocal_length_c_esd      ? 
_cell.pdbx_unique_axis             ? 
# 
_symmetry.entry_id                         6IKY 
_symmetry.cell_setting                     ? 
_symmetry.Int_Tables_number                178 
_symmetry.space_group_name_Hall            ? 
_symmetry.space_group_name_H-M             'P 61 2 2' 
_symmetry.pdbx_full_space_group_name_H-M   ? 
# 
_exptl.absorpt_coefficient_mu     ? 
_exptl.absorpt_correction_T_max   ? 
_exptl.absorpt_correction_T_min   ? 
_exptl.absorpt_correction_type    ? 
_exptl.absorpt_process_details    ? 
_exptl.entry_id                   6IKY 
_exptl.crystals_number            1 
_exptl.details                    ? 
_exptl.method                     'X-RAY DIFFRACTION' 
_exptl.method_details             ? 
# 
_exptl_crystal.colour                      ? 
_exptl_crystal.density_diffrn              ? 
_exptl_crystal.density_Matthews            3.79 
_exptl_crystal.density_method              ? 
_exptl_crystal.density_percent_sol         67.51 
_exptl_crystal.description                 ? 
_exptl_crystal.F_000                       ? 
_exptl_crystal.id                          1 
_exptl_crystal.preparation                 ? 
_exptl_crystal.size_max                    ? 
_exptl_crystal.size_mid                    ? 
_exptl_crystal.size_min                    ? 
_exptl_crystal.size_rad                    ? 
_exptl_crystal.colour_lustre               ? 
_exptl_crystal.colour_modifier             ? 
_exptl_crystal.colour_primary              ? 
_exptl_crystal.density_meas                ? 
_exptl_crystal.density_meas_esd            ? 
_exptl_crystal.density_meas_gt             ? 
_exptl_crystal.density_meas_lt             ? 
_exptl_crystal.density_meas_temp           ? 
_exptl_crystal.density_meas_temp_esd       ? 
_exptl_crystal.density_meas_temp_gt        ? 
_exptl_crystal.density_meas_temp_lt        ? 
_exptl_crystal.pdbx_crystal_image_url      ? 
_exptl_crystal.pdbx_crystal_image_format   ? 
_exptl_crystal.pdbx_mosaicity              1.107 
_exptl_crystal.pdbx_mosaicity_esd          ? 
# 
_exptl_crystal_grow.apparatus       ? 
_exptl_crystal_grow.atmosphere      ? 
_exptl_crystal_grow.crystal_id      1 
_exptl_crystal_grow.details         ? 
_exptl_crystal_grow.method          EVAPORATION 
_exptl_crystal_grow.method_ref      ? 
_exptl_crystal_grow.pH              7.5 
_exptl_crystal_grow.pressure        ? 
_exptl_crystal_grow.pressure_esd    ? 
_exptl_crystal_grow.seeding         ? 
_exptl_crystal_grow.seeding_ref     ? 
_exptl_crystal_grow.temp            287 
_exptl_crystal_grow.temp_details    ? 
_exptl_crystal_grow.temp_esd        ? 
_exptl_crystal_grow.time            ? 
_exptl_crystal_grow.pdbx_details    '0.05M cadmium sulfate, 0.1M HEPES pH 7.5, 2.0M sodium acetate trihydrate' 
_exptl_crystal_grow.pdbx_pH_range   ? 
# 
_diffrn.ambient_environment              ? 
_diffrn.ambient_temp                     100 
_diffrn.ambient_temp_details             ? 
_diffrn.ambient_temp_esd                 ? 
_diffrn.crystal_id                       1 
_diffrn.crystal_support                  ? 
_diffrn.crystal_treatment                ? 
_diffrn.details                          ? 
_diffrn.id                               1 
_diffrn.ambient_pressure                 ? 
_diffrn.ambient_pressure_esd             ? 
_diffrn.ambient_pressure_gt              ? 
_diffrn.ambient_pressure_lt              ? 
_diffrn.ambient_temp_gt                  ? 
_diffrn.ambient_temp_lt                  ? 
_diffrn.pdbx_serial_crystal_experiment   N 
# 
_diffrn_detector.details                      ? 
_diffrn_detector.detector                     CCD 
_diffrn_detector.diffrn_id                    1 
_diffrn_detector.type                         'ADSC QUANTUM 315r' 
_diffrn_detector.area_resol_mean              ? 
_diffrn_detector.dtime                        ? 
_diffrn_detector.pdbx_frames_total            ? 
_diffrn_detector.pdbx_collection_time_total   ? 
_diffrn_detector.pdbx_collection_date         2017-10-18 
_diffrn_detector.pdbx_frequency               ? 
# 
_diffrn_radiation.collimation                      ? 
_diffrn_radiation.diffrn_id                        1 
_diffrn_radiation.filter_edge                      ? 
_diffrn_radiation.inhomogeneity                    ? 
_diffrn_radiation.monochromator                    ? 
_diffrn_radiation.polarisn_norm                    ? 
_diffrn_radiation.polarisn_ratio                   ? 
_diffrn_radiation.probe                            ? 
_diffrn_radiation.type                             ? 
_diffrn_radiation.xray_symbol                      ? 
_diffrn_radiation.wavelength_id                    1 
_diffrn_radiation.pdbx_monochromatic_or_laue_m_l   M 
_diffrn_radiation.pdbx_wavelength_list             ? 
_diffrn_radiation.pdbx_wavelength                  ? 
_diffrn_radiation.pdbx_diffrn_protocol             'SINGLE WAVELENGTH' 
_diffrn_radiation.pdbx_analyzer                    ? 
_diffrn_radiation.pdbx_scattering_type             x-ray 
# 
_diffrn_radiation_wavelength.id           1 
_diffrn_radiation_wavelength.wavelength   0.97950 
_diffrn_radiation_wavelength.wt           1.0 
# 
_diffrn_source.current                     ? 
_diffrn_source.details                     ? 
_diffrn_source.diffrn_id                   1 
_diffrn_source.power                       ? 
_diffrn_source.size                        ? 
_diffrn_source.source                      SYNCHROTRON 
_diffrn_source.target                      ? 
_diffrn_source.type                        'PAL/PLS BEAMLINE 5C (4A)' 
_diffrn_source.voltage                     ? 
_diffrn_source.take-off_angle              ? 
_diffrn_source.pdbx_wavelength_list        0.97950 
_diffrn_source.pdbx_wavelength             ? 
_diffrn_source.pdbx_synchrotron_beamline   '5C (4A)' 
_diffrn_source.pdbx_synchrotron_site       PAL/PLS 
# 
_reflns.B_iso_Wilson_estimate            ? 
_reflns.entry_id                         6IKY 
_reflns.data_reduction_details           ? 
_reflns.data_reduction_method            ? 
_reflns.d_resolution_high                1.900 
_reflns.d_resolution_low                 50.000 
_reflns.details                          ? 
_reflns.limit_h_max                      ? 
_reflns.limit_h_min                      ? 
_reflns.limit_k_max                      ? 
_reflns.limit_k_min                      ? 
_reflns.limit_l_max                      ? 
_reflns.limit_l_min                      ? 
_reflns.number_all                       ? 
_reflns.number_obs                       22054 
_reflns.observed_criterion               ? 
_reflns.observed_criterion_F_max         ? 
_reflns.observed_criterion_F_min         ? 
_reflns.observed_criterion_I_max         ? 
_reflns.observed_criterion_I_min         ? 
_reflns.observed_criterion_sigma_F       ? 
_reflns.observed_criterion_sigma_I       ? 
_reflns.percent_possible_obs             95.700 
_reflns.R_free_details                   ? 
_reflns.Rmerge_F_all                     ? 
_reflns.Rmerge_F_obs                     ? 
_reflns.Friedel_coverage                 ? 
_reflns.number_gt                        ? 
_reflns.threshold_expression             ? 
_reflns.pdbx_redundancy                  9.400 
_reflns.pdbx_Rmerge_I_obs                0.095 
_reflns.pdbx_Rmerge_I_all                ? 
_reflns.pdbx_Rsym_value                  ? 
_reflns.pdbx_netI_over_av_sigmaI         ? 
_reflns.pdbx_netI_over_sigmaI            14.400 
_reflns.pdbx_res_netI_over_av_sigmaI_2   ? 
_reflns.pdbx_res_netI_over_sigmaI_2      ? 
_reflns.pdbx_chi_squared                 2.919 
_reflns.pdbx_scaling_rejects             ? 
_reflns.pdbx_d_res_high_opt              ? 
_reflns.pdbx_d_res_low_opt               ? 
_reflns.pdbx_d_res_opt_method            ? 
_reflns.phase_calculation_details        ? 
_reflns.pdbx_Rrim_I_all                  0.099 
_reflns.pdbx_Rpim_I_all                  0.029 
_reflns.pdbx_d_opt                       ? 
_reflns.pdbx_number_measured_all         ? 
_reflns.pdbx_diffrn_id                   1 
_reflns.pdbx_ordinal                     1 
_reflns.pdbx_CC_half                     ? 
_reflns.pdbx_R_split                     ? 
# 
loop_
_reflns_shell.d_res_high 
_reflns_shell.d_res_low 
_reflns_shell.meanI_over_sigI_all 
_reflns_shell.meanI_over_sigI_obs 
_reflns_shell.number_measured_all 
_reflns_shell.number_measured_obs 
_reflns_shell.number_possible 
_reflns_shell.number_unique_all 
_reflns_shell.number_unique_obs 
_reflns_shell.percent_possible_all 
_reflns_shell.percent_possible_obs 
_reflns_shell.Rmerge_F_all 
_reflns_shell.Rmerge_F_obs 
_reflns_shell.Rmerge_I_all 
_reflns_shell.Rmerge_I_obs 
_reflns_shell.meanI_over_sigI_gt 
_reflns_shell.meanI_over_uI_all 
_reflns_shell.meanI_over_uI_gt 
_reflns_shell.number_measured_gt 
_reflns_shell.number_unique_gt 
_reflns_shell.percent_possible_gt 
_reflns_shell.Rmerge_F_gt 
_reflns_shell.Rmerge_I_gt 
_reflns_shell.pdbx_redundancy 
_reflns_shell.pdbx_Rsym_value 
_reflns_shell.pdbx_chi_squared 
_reflns_shell.pdbx_netI_over_sigmaI_all 
_reflns_shell.pdbx_netI_over_sigmaI_obs 
_reflns_shell.pdbx_Rrim_I_all 
_reflns_shell.pdbx_Rpim_I_all 
_reflns_shell.pdbx_rejects 
_reflns_shell.pdbx_ordinal 
_reflns_shell.pdbx_diffrn_id 
_reflns_shell.pdbx_CC_half 
_reflns_shell.pdbx_R_split 
1.900 1.930  ? ? ? ? ? ? 992  91.400 ? ? ? ? 0.493 ? ? ? ? ? ? ? ? 7.100  ? 1.428 ? ? 0.526 0.175 ? 1  1 0.415 ? 
1.930 1.970  ? ? ? ? ? ? 1021 89.200 ? ? ? ? 0.454 ? ? ? ? ? ? ? ? 7.300  ? 1.477 ? ? 0.483 0.157 ? 2  1 0.720 ? 
1.970 2.010  ? ? ? ? ? ? 1031 94.700 ? ? ? ? 0.418 ? ? ? ? ? ? ? ? 7.600  ? 1.588 ? ? 0.442 0.140 ? 3  1 0.824 ? 
2.010 2.050  ? ? ? ? ? ? 1029 91.200 ? ? ? ? 0.378 ? ? ? ? ? ? ? ? 8.100  ? 1.716 ? ? 0.399 0.122 ? 4  1 0.855 ? 
2.050 2.090  ? ? ? ? ? ? 1034 93.400 ? ? ? ? 0.365 ? ? ? ? ? ? ? ? 8.200  ? 1.795 ? ? 0.385 0.118 ? 5  1 0.890 ? 
2.090 2.140  ? ? ? ? ? ? 1027 91.900 ? ? ? ? 0.303 ? ? ? ? ? ? ? ? 8.700  ? 1.869 ? ? 0.319 0.095 ? 6  1 0.939 ? 
2.140 2.190  ? ? ? ? ? ? 1046 93.600 ? ? ? ? 0.280 ? ? ? ? ? ? ? ? 8.400  ? 1.923 ? ? 0.295 0.089 ? 7  1 0.952 ? 
2.190 2.250  ? ? ? ? ? ? 1079 95.900 ? ? ? ? 0.248 ? ? ? ? ? ? ? ? 8.600  ? 2.034 ? ? 0.261 0.078 ? 8  1 0.968 ? 
2.250 2.320  ? ? ? ? ? ? 1081 95.700 ? ? ? ? 0.228 ? ? ? ? ? ? ? ? 8.700  ? 2.146 ? ? 0.240 0.071 ? 9  1 0.972 ? 
2.320 2.390  ? ? ? ? ? ? 1075 95.600 ? ? ? ? 0.215 ? ? ? ? ? ? ? ? 9.000  ? 2.085 ? ? 0.226 0.066 ? 10 1 0.975 ? 
2.390 2.480  ? ? ? ? ? ? 1106 96.200 ? ? ? ? 0.190 ? ? ? ? ? ? ? ? 9.000  ? 2.191 ? ? 0.200 0.059 ? 11 1 0.981 ? 
2.480 2.580  ? ? ? ? ? ? 1091 97.200 ? ? ? ? 0.167 ? ? ? ? ? ? ? ? 9.300  ? 2.402 ? ? 0.176 0.051 ? 12 1 0.987 ? 
2.580 2.700  ? ? ? ? ? ? 1128 96.800 ? ? ? ? 0.148 ? ? ? ? ? ? ? ? 9.500  ? 2.675 ? ? 0.156 0.045 ? 13 1 0.990 ? 
2.700 2.840  ? ? ? ? ? ? 1121 98.900 ? ? ? ? 0.135 ? ? ? ? ? ? ? ? 9.800  ? 2.920 ? ? 0.142 0.041 ? 14 1 0.992 ? 
2.840 3.020  ? ? ? ? ? ? 1135 98.300 ? ? ? ? 0.116 ? ? ? ? ? ? ? ? 10.300 ? 3.277 ? ? 0.122 0.035 ? 15 1 0.993 ? 
3.020 3.250  ? ? ? ? ? ? 1158 99.400 ? ? ? ? 0.104 ? ? ? ? ? ? ? ? 10.400 ? 3.958 ? ? 0.109 0.031 ? 16 1 0.995 ? 
3.250 3.580  ? ? ? ? ? ? 1153 99.200 ? ? ? ? 0.087 ? ? ? ? ? ? ? ? 10.800 ? 4.552 ? ? 0.091 0.027 ? 17 1 0.996 ? 
3.580 4.090  ? ? ? ? ? ? 1196 99.400 ? ? ? ? 0.076 ? ? ? ? ? ? ? ? 10.700 ? 5.040 ? ? 0.080 0.024 ? 18 1 0.996 ? 
4.090 5.160  ? ? ? ? ? ? 1213 98.400 ? ? ? ? 0.061 ? ? ? ? ? ? ? ? 11.600 ? 4.470 ? ? 0.064 0.018 ? 19 1 0.998 ? 
5.160 50.000 ? ? ? ? ? ? 1338 97.000 ? ? ? ? 0.059 ? ? ? ? ? ? ? ? 13.500 ? 3.919 ? ? 0.061 0.017 ? 20 1 0.998 ? 
# 
_refine.aniso_B[1][1]                            0.0000 
_refine.aniso_B[1][2]                            0.0000 
_refine.aniso_B[1][3]                            0.0000 
_refine.aniso_B[2][2]                            0.0000 
_refine.aniso_B[2][3]                            -0.0000 
_refine.aniso_B[3][3]                            -0.0100 
_refine.B_iso_max                                87.740 
_refine.B_iso_mean                               29.6260 
_refine.B_iso_min                                17.130 
_refine.correlation_coeff_Fo_to_Fc               0.9430 
_refine.correlation_coeff_Fo_to_Fc_free          0.9080 
_refine.details                                  
'HYDROGENS HAVE BEEN ADDED IN THE RIDING POSITIONS U VALUES      : REFINED INDIVIDUALLY' 
_refine.diff_density_max                         ? 
_refine.diff_density_max_esd                     ? 
_refine.diff_density_min                         ? 
_refine.diff_density_min_esd                     ? 
_refine.diff_density_rms                         ? 
_refine.diff_density_rms_esd                     ? 
_refine.entry_id                                 6IKY 
_refine.pdbx_refine_id                           'X-RAY DIFFRACTION' 
_refine.ls_abs_structure_details                 ? 
_refine.ls_abs_structure_Flack                   ? 
_refine.ls_abs_structure_Flack_esd               ? 
_refine.ls_abs_structure_Rogers                  ? 
_refine.ls_abs_structure_Rogers_esd              ? 
_refine.ls_d_res_high                            1.9000 
_refine.ls_d_res_low                             47.5600 
_refine.ls_extinction_coef                       ? 
_refine.ls_extinction_coef_esd                   ? 
_refine.ls_extinction_expression                 ? 
_refine.ls_extinction_method                     ? 
_refine.ls_goodness_of_fit_all                   ? 
_refine.ls_goodness_of_fit_all_esd               ? 
_refine.ls_goodness_of_fit_obs                   ? 
_refine.ls_goodness_of_fit_obs_esd               ? 
_refine.ls_hydrogen_treatment                    ? 
_refine.ls_matrix_type                           ? 
_refine.ls_number_constraints                    ? 
_refine.ls_number_parameters                     ? 
_refine.ls_number_reflns_all                     ? 
_refine.ls_number_reflns_obs                     20815 
_refine.ls_number_reflns_R_free                  1041 
_refine.ls_number_reflns_R_work                  ? 
_refine.ls_number_restraints                     ? 
_refine.ls_percent_reflns_obs                    96.0700 
_refine.ls_percent_reflns_R_free                 4.8000 
_refine.ls_R_factor_all                          ? 
_refine.ls_R_factor_obs                          0.2049 
_refine.ls_R_factor_R_free                       0.2379 
_refine.ls_R_factor_R_free_error                 ? 
_refine.ls_R_factor_R_free_error_details         ? 
_refine.ls_R_factor_R_work                       0.2032 
_refine.ls_R_Fsqd_factor_obs                     ? 
_refine.ls_R_I_factor_obs                        ? 
_refine.ls_redundancy_reflns_all                 ? 
_refine.ls_redundancy_reflns_obs                 ? 
_refine.ls_restrained_S_all                      ? 
_refine.ls_restrained_S_obs                      ? 
_refine.ls_shift_over_esd_max                    ? 
_refine.ls_shift_over_esd_mean                   ? 
_refine.ls_structure_factor_coef                 ? 
_refine.ls_weighting_details                     ? 
_refine.ls_weighting_scheme                      ? 
_refine.ls_wR_factor_all                         ? 
_refine.ls_wR_factor_obs                         ? 
_refine.ls_wR_factor_R_free                      ? 
_refine.ls_wR_factor_R_work                      ? 
_refine.occupancy_max                            ? 
_refine.occupancy_min                            ? 
_refine.solvent_model_details                    ? 
_refine.solvent_model_param_bsol                 ? 
_refine.solvent_model_param_ksol                 ? 
_refine.ls_R_factor_gt                           ? 
_refine.ls_goodness_of_fit_gt                    ? 
_refine.ls_goodness_of_fit_ref                   ? 
_refine.ls_shift_over_su_max                     ? 
_refine.ls_shift_over_su_max_lt                  ? 
_refine.ls_shift_over_su_mean                    ? 
_refine.ls_shift_over_su_mean_lt                 ? 
_refine.pdbx_ls_sigma_I                          ? 
_refine.pdbx_ls_sigma_F                          0.000 
_refine.pdbx_ls_sigma_Fsqd                       ? 
_refine.pdbx_data_cutoff_high_absF               ? 
_refine.pdbx_data_cutoff_high_rms_absF           ? 
_refine.pdbx_data_cutoff_low_absF                ? 
_refine.pdbx_isotropic_thermal_model             ? 
_refine.pdbx_ls_cross_valid_method               THROUGHOUT 
_refine.pdbx_method_to_determine_struct          'MOLECULAR REPLACEMENT' 
_refine.pdbx_starting_model                      5E5D 
_refine.pdbx_stereochemistry_target_values       ? 
_refine.pdbx_R_Free_selection_details            RANDOM 
_refine.pdbx_stereochem_target_val_spec_case     ? 
_refine.pdbx_overall_ESU_R                       0.1150 
_refine.pdbx_overall_ESU_R_Free                  0.1160 
_refine.pdbx_solvent_vdw_probe_radii             1.2000 
_refine.pdbx_solvent_ion_probe_radii             0.8000 
_refine.pdbx_solvent_shrinkage_radii             0.8000 
_refine.pdbx_real_space_R                        ? 
_refine.pdbx_density_correlation                 ? 
_refine.pdbx_pd_number_of_powder_patterns        ? 
_refine.pdbx_pd_number_of_points                 ? 
_refine.pdbx_pd_meas_number_of_points            ? 
_refine.pdbx_pd_proc_ls_prof_R_factor            ? 
_refine.pdbx_pd_proc_ls_prof_wR_factor           ? 
_refine.pdbx_pd_Marquardt_correlation_coeff      ? 
_refine.pdbx_pd_Fsqrd_R_factor                   ? 
_refine.pdbx_pd_ls_matrix_band_width             ? 
_refine.pdbx_overall_phase_error                 ? 
_refine.pdbx_overall_SU_R_free_Cruickshank_DPI   ? 
_refine.pdbx_overall_SU_R_free_Blow_DPI          ? 
_refine.pdbx_overall_SU_R_Blow_DPI               ? 
_refine.pdbx_TLS_residual_ADP_flag               ? 
_refine.pdbx_diffrn_id                           1 
_refine.overall_SU_B                             2.7380 
_refine.overall_SU_ML                            0.0790 
_refine.overall_SU_R_Cruickshank_DPI             0.1149 
_refine.overall_SU_R_free                        ? 
_refine.overall_FOM_free_R_set                   ? 
_refine.overall_FOM_work_R_set                   ? 
_refine.pdbx_average_fsc_overall                 ? 
_refine.pdbx_average_fsc_work                    ? 
_refine.pdbx_average_fsc_free                    ? 
# 
_refine_hist.cycle_id                         final 
_refine_hist.pdbx_refine_id                   'X-RAY DIFFRACTION' 
_refine_hist.d_res_high                       1.9000 
_refine_hist.d_res_low                        47.5600 
_refine_hist.pdbx_number_atoms_ligand         25 
_refine_hist.number_atoms_solvent             26 
_refine_hist.number_atoms_total               1303 
_refine_hist.pdbx_number_residues_total       160 
_refine_hist.pdbx_B_iso_mean_ligand           56.85 
_refine_hist.pdbx_B_iso_mean_solvent          29.15 
_refine_hist.pdbx_number_atoms_protein        1252 
_refine_hist.pdbx_number_atoms_nucleic_acid   0 
# 
loop_
_refine_ls_restr.pdbx_refine_id 
_refine_ls_restr.criterion 
_refine_ls_restr.dev_ideal 
_refine_ls_restr.dev_ideal_target 
_refine_ls_restr.number 
_refine_ls_restr.rejects 
_refine_ls_restr.type 
_refine_ls_restr.weight 
_refine_ls_restr.pdbx_restraint_function 
'X-RAY DIFFRACTION' ? 0.021  0.019  1303 ? r_bond_refined_d       ? ? 
'X-RAY DIFFRACTION' ? 0.002  0.020  1209 ? r_bond_other_d         ? ? 
'X-RAY DIFFRACTION' ? 2.242  1.983  1763 ? r_angle_refined_deg    ? ? 
'X-RAY DIFFRACTION' ? 1.091  3.000  2784 ? r_angle_other_deg      ? ? 
'X-RAY DIFFRACTION' ? 7.012  5.000  158  ? r_dihedral_angle_1_deg ? ? 
'X-RAY DIFFRACTION' ? 33.632 22.857 63   ? r_dihedral_angle_2_deg ? ? 
'X-RAY DIFFRACTION' ? 12.002 15.000 202  ? r_dihedral_angle_3_deg ? ? 
'X-RAY DIFFRACTION' ? 22.047 15.000 13   ? r_dihedral_angle_4_deg ? ? 
'X-RAY DIFFRACTION' ? 0.142  0.200  191  ? r_chiral_restr         ? ? 
'X-RAY DIFFRACTION' ? 0.011  0.021  1458 ? r_gen_planes_refined   ? ? 
'X-RAY DIFFRACTION' ? 0.001  0.020  287  ? r_gen_planes_other     ? ? 
# 
_refine_ls_shell.pdbx_refine_id                   'X-RAY DIFFRACTION' 
_refine_ls_shell.d_res_high                       1.9000 
_refine_ls_shell.d_res_low                        1.9490 
_refine_ls_shell.number_reflns_all                1484 
_refine_ls_shell.number_reflns_obs                ? 
_refine_ls_shell.number_reflns_R_free             75 
_refine_ls_shell.number_reflns_R_work             1409 
_refine_ls_shell.percent_reflns_obs               91.8900 
_refine_ls_shell.percent_reflns_R_free            ? 
_refine_ls_shell.R_factor_all                     ? 
_refine_ls_shell.R_factor_obs                     ? 
_refine_ls_shell.R_factor_R_free                  0.2720 
_refine_ls_shell.R_factor_R_free_error            0.0000 
_refine_ls_shell.R_factor_R_work                  0.2870 
_refine_ls_shell.redundancy_reflns_all            ? 
_refine_ls_shell.redundancy_reflns_obs            ? 
_refine_ls_shell.wR_factor_all                    ? 
_refine_ls_shell.wR_factor_obs                    ? 
_refine_ls_shell.wR_factor_R_free                 ? 
_refine_ls_shell.wR_factor_R_work                 ? 
_refine_ls_shell.pdbx_total_number_of_bins_used   20 
_refine_ls_shell.pdbx_phase_error                 ? 
_refine_ls_shell.pdbx_fsc_work                    ? 
_refine_ls_shell.pdbx_fsc_free                    ? 
# 
_struct.entry_id                     6IKY 
_struct.title                        'K2U complex structure of peptide deformylase from Xanthomonas oryzae pv. oryzae' 
_struct.pdbx_model_details           ? 
_struct.pdbx_formula_weight          ? 
_struct.pdbx_formula_weight_method   ? 
_struct.pdbx_model_type_details      ? 
_struct.pdbx_CASP_flag               N 
# 
_struct_keywords.entry_id        6IKY 
_struct_keywords.text            'peptide deformylase, hydrolase' 
_struct_keywords.pdbx_keywords   HYDROLASE 
# 
loop_
_struct_asym.id 
_struct_asym.pdbx_blank_PDB_chainid_flag 
_struct_asym.pdbx_modified 
_struct_asym.entity_id 
_struct_asym.details 
A N N 1 ? 
B N N 2 ? 
C N N 2 ? 
D N N 2 ? 
E N N 3 ? 
F N N 4 ? 
# 
_struct_ref.id                         1 
_struct_ref.db_name                    UNP 
_struct_ref.db_code                    Q5H3Z2_XANOR 
_struct_ref.pdbx_db_accession          Q5H3Z2 
_struct_ref.pdbx_db_isoform            ? 
_struct_ref.entity_id                  1 
_struct_ref.pdbx_seq_one_letter_code   
;MIRDIIRMGDKRLLRVAPQVTNLGSAELHALVSDMFETMGAAHGVGLAAPQIAVDLQLMVFGFEASERYPEAPAVPLTAL
ANAQIEPLSDEMENGWEGCLSIPGLRAVIPRYRYIRYRGFAPDGSPIEREAEGFHARVVQHEYDHLVGRLYPSRIENFDT
FGFDDVL
;
_struct_ref.pdbx_align_begin           42 
# 
_struct_ref_seq.align_id                      1 
_struct_ref_seq.ref_id                        1 
_struct_ref_seq.pdbx_PDB_id_code              6IKY 
_struct_ref_seq.pdbx_strand_id                A 
_struct_ref_seq.seq_align_beg                 1 
_struct_ref_seq.pdbx_seq_align_beg_ins_code   ? 
_struct_ref_seq.seq_align_end                 167 
_struct_ref_seq.pdbx_seq_align_end_ins_code   ? 
_struct_ref_seq.pdbx_db_accession             Q5H3Z2 
_struct_ref_seq.db_align_beg                  42 
_struct_ref_seq.pdbx_db_align_beg_ins_code    ? 
_struct_ref_seq.db_align_end                  208 
_struct_ref_seq.pdbx_db_align_end_ins_code    ? 
_struct_ref_seq.pdbx_auth_seq_align_beg       1 
_struct_ref_seq.pdbx_auth_seq_align_end       167 
# 
_pdbx_struct_assembly.id                   1 
_pdbx_struct_assembly.details              author_and_software_defined_assembly 
_pdbx_struct_assembly.method_details       PISA 
_pdbx_struct_assembly.oligomeric_details   monomeric 
_pdbx_struct_assembly.oligomeric_count     1 
# 
loop_
_pdbx_struct_assembly_prop.biol_id 
_pdbx_struct_assembly_prop.type 
_pdbx_struct_assembly_prop.value 
_pdbx_struct_assembly_prop.details 
1 'ABSA (A^2)' 200  ? 
1 MORE         -13  ? 
1 'SSA (A^2)'  8100 ? 
# 
_pdbx_struct_assembly_gen.assembly_id       1 
_pdbx_struct_assembly_gen.oper_expression   1 
_pdbx_struct_assembly_gen.asym_id_list      A,B,C,D,E,F 
# 
_pdbx_struct_assembly_auth_evidence.id                     1 
_pdbx_struct_assembly_auth_evidence.assembly_id            1 
_pdbx_struct_assembly_auth_evidence.experimental_support   none 
_pdbx_struct_assembly_auth_evidence.details                ? 
# 
_pdbx_struct_oper_list.id                   1 
_pdbx_struct_oper_list.type                 'identity operation' 
_pdbx_struct_oper_list.name                 1_555 
_pdbx_struct_oper_list.symmetry_operation   x,y,z 
_pdbx_struct_oper_list.matrix[1][1]         1.0000000000 
_pdbx_struct_oper_list.matrix[1][2]         0.0000000000 
_pdbx_struct_oper_list.matrix[1][3]         0.0000000000 
_pdbx_struct_oper_list.vector[1]            0.0000000000 
_pdbx_struct_oper_list.matrix[2][1]         0.0000000000 
_pdbx_struct_oper_list.matrix[2][2]         1.0000000000 
_pdbx_struct_oper_list.matrix[2][3]         0.0000000000 
_pdbx_struct_oper_list.vector[2]            0.0000000000 
_pdbx_struct_oper_list.matrix[3][1]         0.0000000000 
_pdbx_struct_oper_list.matrix[3][2]         0.0000000000 
_pdbx_struct_oper_list.matrix[3][3]         1.0000000000 
_pdbx_struct_oper_list.vector[3]            0.0000000000 
# 
loop_
_struct_conf.conf_type_id 
_struct_conf.id 
_struct_conf.pdbx_PDB_helix_id 
_struct_conf.beg_label_comp_id 
_struct_conf.beg_label_asym_id 
_struct_conf.beg_label_seq_id 
_struct_conf.pdbx_beg_PDB_ins_code 
_struct_conf.end_label_comp_id 
_struct_conf.end_label_asym_id 
_struct_conf.end_label_seq_id 
_struct_conf.pdbx_end_PDB_ins_code 
_struct_conf.beg_auth_comp_id 
_struct_conf.beg_auth_asym_id 
_struct_conf.beg_auth_seq_id 
_struct_conf.end_auth_comp_id 
_struct_conf.end_auth_asym_id 
_struct_conf.end_auth_seq_id 
_struct_conf.pdbx_PDB_helix_class 
_struct_conf.details 
_struct_conf.pdbx_PDB_helix_length 
HELX_P HELX_P1 AA1 ASP A 10  ? ARG A 15  ? ASP A 10  ARG A 15  5 ? 6  
HELX_P HELX_P2 AA2 SER A 25  ? ALA A 42  ? SER A 25  ALA A 42  1 ? 18 
HELX_P HELX_P3 AA3 PRO A 50  ? ALA A 53  ? PRO A 50  ALA A 53  5 ? 4  
HELX_P HELX_P4 AA4 GLY A 133 ? VAL A 147 ? GLY A 133 VAL A 147 1 ? 15 
HELX_P HELX_P5 AA5 LEU A 150 ? ILE A 155 ? LEU A 150 ILE A 155 5 ? 6  
HELX_P HELX_P6 AA6 ASN A 157 ? PHE A 161 ? ASN A 157 PHE A 161 5 ? 5  
# 
_struct_conf_type.id          HELX_P 
_struct_conf_type.criteria    ? 
_struct_conf_type.reference   ? 
# 
loop_
_struct_conn.id 
_struct_conn.conn_type_id 
_struct_conn.pdbx_leaving_atom_flag 
_struct_conn.pdbx_PDB_id 
_struct_conn.ptnr1_label_asym_id 
_struct_conn.ptnr1_label_comp_id 
_struct_conn.ptnr1_label_seq_id 
_struct_conn.ptnr1_label_atom_id 
_struct_conn.pdbx_ptnr1_label_alt_id 
_struct_conn.pdbx_ptnr1_PDB_ins_code 
_struct_conn.pdbx_ptnr1_standard_comp_id 
_struct_conn.ptnr1_symmetry 
_struct_conn.ptnr2_label_asym_id 
_struct_conn.ptnr2_label_comp_id 
_struct_conn.ptnr2_label_seq_id 
_struct_conn.ptnr2_label_atom_id 
_struct_conn.pdbx_ptnr2_label_alt_id 
_struct_conn.pdbx_ptnr2_PDB_ins_code 
_struct_conn.ptnr1_auth_asym_id 
_struct_conn.ptnr1_auth_comp_id 
_struct_conn.ptnr1_auth_seq_id 
_struct_conn.ptnr2_auth_asym_id 
_struct_conn.ptnr2_auth_comp_id 
_struct_conn.ptnr2_auth_seq_id 
_struct_conn.ptnr2_symmetry 
_struct_conn.pdbx_ptnr3_label_atom_id 
_struct_conn.pdbx_ptnr3_label_seq_id 
_struct_conn.pdbx_ptnr3_label_comp_id 
_struct_conn.pdbx_ptnr3_label_asym_id 
_struct_conn.pdbx_ptnr3_label_alt_id 
_struct_conn.pdbx_ptnr3_PDB_ins_code 
_struct_conn.details 
_struct_conn.pdbx_dist_value 
_struct_conn.pdbx_value_order 
_struct_conn.pdbx_role 
covale1  covale both ? A GLY 98  C   ? ? ? 1_555 A CSD 99  N   ? ? A GLY 98  A CSD 99  1_555 ? ? ? ? ? ? ? 1.311 ? ? 
covale2  covale both ? A CSD 99  C   ? ? ? 1_555 A LEU 100 N   ? ? A CSD 99  A LEU 100 1_555 ? ? ? ? ? ? ? 1.333 ? ? 
metalc1  metalc ?    ? A GLU 37  OE1 ? ? ? 1_555 C NI  .   NI  ? ? A GLU 37  A NI  202 8_665 ? ? ? ? ? ? ? 2.745 ? ? 
metalc2  metalc ?    ? A GLU 37  OE2 ? ? ? 1_555 C NI  .   NI  ? ? A GLU 37  A NI  202 8_665 ? ? ? ? ? ? ? 2.236 ? ? 
metalc3  metalc ?    ? A HIS 43  NE2 ? ? ? 1_555 D NI  .   NI  ? ? A HIS 43  A NI  203 1_555 ? ? ? ? ? ? ? 2.135 ? ? 
metalc4  metalc ?    ? A CSD 99  SG  ? ? ? 1_555 B NI  .   NI  ? ? A CSD 99  A NI  201 1_555 ? ? ? ? ? ? ? 2.193 ? ? 
metalc5  metalc ?    ? A GLU 128 OE2 ? ? ? 1_555 D NI  .   NI  ? ? A GLU 128 A NI  203 8_565 ? ? ? ? ? ? ? 2.631 ? ? 
metalc6  metalc ?    ? A GLU 130 OE1 ? ? ? 1_555 D NI  .   NI  ? ? A GLU 130 A NI  203 8_565 ? ? ? ? ? ? ? 2.447 ? ? 
metalc7  metalc ?    ? A GLU 130 OE2 ? ? ? 1_555 D NI  .   NI  ? ? A GLU 130 A NI  203 8_565 ? ? ? ? ? ? ? 2.437 ? ? 
metalc8  metalc ?    ? A GLU 132 OE1 ? ? ? 1_555 C NI  .   NI  ? ? A GLU 132 A NI  202 1_555 ? ? ? ? ? ? ? 2.555 ? ? 
metalc9  metalc ?    ? A GLU 132 OE2 ? ? ? 1_555 C NI  .   NI  ? ? A GLU 132 A NI  202 1_555 ? ? ? ? ? ? ? 2.233 ? ? 
metalc10 metalc ?    ? A HIS 141 NE2 ? ? ? 1_555 B NI  .   NI  ? ? A HIS 141 A NI  201 1_555 ? ? ? ? ? ? ? 2.189 ? ? 
metalc11 metalc ?    ? A HIS 145 NE2 ? ? ? 1_555 B NI  .   NI  ? ? A HIS 145 A NI  201 1_555 ? ? ? ? ? ? ? 2.313 ? ? 
metalc12 metalc ?    ? B NI  .   NI  ? ? ? 1_555 E K2U .   O22 ? ? A NI  201 A K2U 204 1_555 ? ? ? ? ? ? ? 1.806 ? ? 
metalc13 metalc ?    ? B NI  .   NI  ? ? ? 1_555 E K2U .   O21 ? ? A NI  201 A K2U 204 1_555 ? ? ? ? ? ? ? 2.077 ? ? 
# 
loop_
_struct_conn_type.id 
_struct_conn_type.criteria 
_struct_conn_type.reference 
covale ? ? 
metalc ? ? 
# 
loop_
_pdbx_struct_conn_angle.id 
_pdbx_struct_conn_angle.ptnr1_label_atom_id 
_pdbx_struct_conn_angle.ptnr1_label_alt_id 
_pdbx_struct_conn_angle.ptnr1_label_asym_id 
_pdbx_struct_conn_angle.ptnr1_label_comp_id 
_pdbx_struct_conn_angle.ptnr1_label_seq_id 
_pdbx_struct_conn_angle.ptnr1_auth_atom_id 
_pdbx_struct_conn_angle.ptnr1_auth_asym_id 
_pdbx_struct_conn_angle.ptnr1_auth_comp_id 
_pdbx_struct_conn_angle.ptnr1_auth_seq_id 
_pdbx_struct_conn_angle.ptnr1_PDB_ins_code 
_pdbx_struct_conn_angle.ptnr1_symmetry 
_pdbx_struct_conn_angle.ptnr2_label_atom_id 
_pdbx_struct_conn_angle.ptnr2_label_alt_id 
_pdbx_struct_conn_angle.ptnr2_label_asym_id 
_pdbx_struct_conn_angle.ptnr2_label_comp_id 
_pdbx_struct_conn_angle.ptnr2_label_seq_id 
_pdbx_struct_conn_angle.ptnr2_auth_atom_id 
_pdbx_struct_conn_angle.ptnr2_auth_asym_id 
_pdbx_struct_conn_angle.ptnr2_auth_comp_id 
_pdbx_struct_conn_angle.ptnr2_auth_seq_id 
_pdbx_struct_conn_angle.ptnr2_PDB_ins_code 
_pdbx_struct_conn_angle.ptnr2_symmetry 
_pdbx_struct_conn_angle.ptnr3_label_atom_id 
_pdbx_struct_conn_angle.ptnr3_label_alt_id 
_pdbx_struct_conn_angle.ptnr3_label_asym_id 
_pdbx_struct_conn_angle.ptnr3_label_comp_id 
_pdbx_struct_conn_angle.ptnr3_label_seq_id 
_pdbx_struct_conn_angle.ptnr3_auth_atom_id 
_pdbx_struct_conn_angle.ptnr3_auth_asym_id 
_pdbx_struct_conn_angle.ptnr3_auth_comp_id 
_pdbx_struct_conn_angle.ptnr3_auth_seq_id 
_pdbx_struct_conn_angle.ptnr3_PDB_ins_code 
_pdbx_struct_conn_angle.ptnr3_symmetry 
_pdbx_struct_conn_angle.value 
_pdbx_struct_conn_angle.value_esd 
1  OE1 ? A GLU 37  ? A GLU 37  ? 1_555 NI ? C NI . ? A NI 202 ? 8_665 OE2 ? A GLU 37  ? A GLU 37  ? 1_555 52.0  ? 
2  OE1 ? A GLU 37  ? A GLU 37  ? 1_555 NI ? C NI . ? A NI 202 ? 8_665 OE1 ? A GLU 132 ? A GLU 132 ? 1_555 29.4  ? 
3  OE2 ? A GLU 37  ? A GLU 37  ? 1_555 NI ? C NI . ? A NI 202 ? 8_665 OE1 ? A GLU 132 ? A GLU 132 ? 1_555 25.8  ? 
4  OE1 ? A GLU 37  ? A GLU 37  ? 1_555 NI ? C NI . ? A NI 202 ? 8_665 OE2 ? A GLU 132 ? A GLU 132 ? 1_555 30.1  ? 
5  OE2 ? A GLU 37  ? A GLU 37  ? 1_555 NI ? C NI . ? A NI 202 ? 8_665 OE2 ? A GLU 132 ? A GLU 132 ? 1_555 27.5  ? 
6  OE1 ? A GLU 132 ? A GLU 132 ? 1_555 NI ? C NI . ? A NI 202 ? 8_665 OE2 ? A GLU 132 ? A GLU 132 ? 1_555 3.2   ? 
7  NE2 ? A HIS 43  ? A HIS 43  ? 1_555 NI ? D NI . ? A NI 203 ? 1_555 OE2 ? A GLU 128 ? A GLU 128 ? 1_555 57.4  ? 
8  NE2 ? A HIS 43  ? A HIS 43  ? 1_555 NI ? D NI . ? A NI 203 ? 1_555 OE1 ? A GLU 130 ? A GLU 130 ? 1_555 50.1  ? 
9  OE2 ? A GLU 128 ? A GLU 128 ? 1_555 NI ? D NI . ? A NI 203 ? 1_555 OE1 ? A GLU 130 ? A GLU 130 ? 1_555 7.6   ? 
10 NE2 ? A HIS 43  ? A HIS 43  ? 1_555 NI ? D NI . ? A NI 203 ? 1_555 OE2 ? A GLU 130 ? A GLU 130 ? 1_555 51.3  ? 
11 OE2 ? A GLU 128 ? A GLU 128 ? 1_555 NI ? D NI . ? A NI 203 ? 1_555 OE2 ? A GLU 130 ? A GLU 130 ? 1_555 8.2   ? 
12 OE1 ? A GLU 130 ? A GLU 130 ? 1_555 NI ? D NI . ? A NI 203 ? 1_555 OE2 ? A GLU 130 ? A GLU 130 ? 1_555 3.5   ? 
13 SG  ? A CSD 99  ? A CSD 99  ? 1_555 NI ? B NI . ? A NI 201 ? 1_555 NE2 ? A HIS 141 ? A HIS 141 ? 1_555 107.9 ? 
14 SG  ? A CSD 99  ? A CSD 99  ? 1_555 NI ? B NI . ? A NI 201 ? 1_555 NE2 ? A HIS 145 ? A HIS 145 ? 1_555 106.3 ? 
15 NE2 ? A HIS 141 ? A HIS 141 ? 1_555 NI ? B NI . ? A NI 201 ? 1_555 NE2 ? A HIS 145 ? A HIS 145 ? 1_555 104.3 ? 
16 SG  ? A CSD 99  ? A CSD 99  ? 1_555 NI ? B NI . ? A NI 201 ? 1_555 O22 ? E K2U .   ? A K2U 204 ? 1_555 158.3 ? 
17 NE2 ? A HIS 141 ? A HIS 141 ? 1_555 NI ? B NI . ? A NI 201 ? 1_555 O22 ? E K2U .   ? A K2U 204 ? 1_555 90.4  ? 
18 NE2 ? A HIS 145 ? A HIS 145 ? 1_555 NI ? B NI . ? A NI 201 ? 1_555 O22 ? E K2U .   ? A K2U 204 ? 1_555 79.3  ? 
19 SG  ? A CSD 99  ? A CSD 99  ? 1_555 NI ? B NI . ? A NI 201 ? 1_555 O21 ? E K2U .   ? A K2U 204 ? 1_555 91.1  ? 
20 NE2 ? A HIS 141 ? A HIS 141 ? 1_555 NI ? B NI . ? A NI 201 ? 1_555 O21 ? E K2U .   ? A K2U 204 ? 1_555 112.0 ? 
21 NE2 ? A HIS 145 ? A HIS 145 ? 1_555 NI ? B NI . ? A NI 201 ? 1_555 O21 ? E K2U .   ? A K2U 204 ? 1_555 132.3 ? 
22 O22 ? E K2U .   ? A K2U 204 ? 1_555 NI ? B NI . ? A NI 201 ? 1_555 O21 ? E K2U .   ? A K2U 204 ? 1_555 70.8  ? 
# 
loop_
_pdbx_modification_feature.ordinal 
_pdbx_modification_feature.label_comp_id 
_pdbx_modification_feature.label_asym_id 
_pdbx_modification_feature.label_seq_id 
_pdbx_modification_feature.label_alt_id 
_pdbx_modification_feature.modified_residue_label_comp_id 
_pdbx_modification_feature.modified_residue_label_asym_id 
_pdbx_modification_feature.modified_residue_label_seq_id 
_pdbx_modification_feature.modified_residue_label_alt_id 
_pdbx_modification_feature.auth_comp_id 
_pdbx_modification_feature.auth_asym_id 
_pdbx_modification_feature.auth_seq_id 
_pdbx_modification_feature.PDB_ins_code 
_pdbx_modification_feature.symmetry 
_pdbx_modification_feature.modified_residue_auth_comp_id 
_pdbx_modification_feature.modified_residue_auth_asym_id 
_pdbx_modification_feature.modified_residue_auth_seq_id 
_pdbx_modification_feature.modified_residue_PDB_ins_code 
_pdbx_modification_feature.modified_residue_symmetry 
_pdbx_modification_feature.comp_id_linking_atom 
_pdbx_modification_feature.modified_residue_id_linking_atom 
_pdbx_modification_feature.modified_residue_id 
_pdbx_modification_feature.ref_pcm_id 
_pdbx_modification_feature.ref_comp_id 
_pdbx_modification_feature.type 
_pdbx_modification_feature.category 
1 CSD A 99 ? . . . . CSD A 99 ? 1_555 . . . . . . . CYS 1 CSD Oxidation     'Named protein modification' 
2 CSD A 99 ? . . . . CSD A 99 ? 1_555 . . . . . . . CYS 2 CSD Hydroxylation 'Named protein modification' 
# 
loop_
_struct_sheet.id 
_struct_sheet.type 
_struct_sheet.number_strands 
_struct_sheet.details 
AA1 ? 5 ? 
AA2 ? 3 ? 
# 
loop_
_struct_sheet_order.sheet_id 
_struct_sheet_order.range_id_1 
_struct_sheet_order.range_id_2 
_struct_sheet_order.offset 
_struct_sheet_order.sense 
AA1 1 2 ? anti-parallel 
AA1 2 3 ? anti-parallel 
AA1 3 4 ? anti-parallel 
AA1 4 5 ? anti-parallel 
AA2 1 2 ? anti-parallel 
AA2 2 3 ? anti-parallel 
# 
loop_
_struct_sheet_range.sheet_id 
_struct_sheet_range.id 
_struct_sheet_range.beg_label_comp_id 
_struct_sheet_range.beg_label_asym_id 
_struct_sheet_range.beg_label_seq_id 
_struct_sheet_range.pdbx_beg_PDB_ins_code 
_struct_sheet_range.end_label_comp_id 
_struct_sheet_range.end_label_asym_id 
_struct_sheet_range.end_label_seq_id 
_struct_sheet_range.pdbx_end_PDB_ins_code 
_struct_sheet_range.beg_auth_comp_id 
_struct_sheet_range.beg_auth_asym_id 
_struct_sheet_range.beg_auth_seq_id 
_struct_sheet_range.end_auth_comp_id 
_struct_sheet_range.end_auth_asym_id 
_struct_sheet_range.end_auth_seq_id 
AA1 1 GLY A 46  ? ALA A 48  ? GLY A 46  ALA A 48  
AA1 2 LEU A 58  ? PHE A 63  ? LEU A 58  PHE A 63  
AA1 3 VAL A 75  ? PRO A 87  ? VAL A 75  PRO A 87  
AA1 4 TYR A 114 ? PHE A 120 ? TYR A 114 PHE A 120 
AA1 5 PRO A 126 ? GLU A 132 ? PRO A 126 GLU A 132 
AA2 1 MET A 92  ? GLU A 97  ? MET A 92  GLU A 97  
AA2 2 LEU A 105 ? TYR A 112 ? LEU A 105 TYR A 112 
AA2 3 GLY A 162 ? PHE A 163 ? GLY A 162 PHE A 163 
# 
loop_
_pdbx_struct_sheet_hbond.sheet_id 
_pdbx_struct_sheet_hbond.range_id_1 
_pdbx_struct_sheet_hbond.range_id_2 
_pdbx_struct_sheet_hbond.range_1_label_atom_id 
_pdbx_struct_sheet_hbond.range_1_label_comp_id 
_pdbx_struct_sheet_hbond.range_1_label_asym_id 
_pdbx_struct_sheet_hbond.range_1_label_seq_id 
_pdbx_struct_sheet_hbond.range_1_PDB_ins_code 
_pdbx_struct_sheet_hbond.range_1_auth_atom_id 
_pdbx_struct_sheet_hbond.range_1_auth_comp_id 
_pdbx_struct_sheet_hbond.range_1_auth_asym_id 
_pdbx_struct_sheet_hbond.range_1_auth_seq_id 
_pdbx_struct_sheet_hbond.range_2_label_atom_id 
_pdbx_struct_sheet_hbond.range_2_label_comp_id 
_pdbx_struct_sheet_hbond.range_2_label_asym_id 
_pdbx_struct_sheet_hbond.range_2_label_seq_id 
_pdbx_struct_sheet_hbond.range_2_PDB_ins_code 
_pdbx_struct_sheet_hbond.range_2_auth_atom_id 
_pdbx_struct_sheet_hbond.range_2_auth_comp_id 
_pdbx_struct_sheet_hbond.range_2_auth_asym_id 
_pdbx_struct_sheet_hbond.range_2_auth_seq_id 
AA1 1 2 N LEU A 47  ? N LEU A 47  O VAL A 60  ? O VAL A 60  
AA1 2 3 N PHE A 63  ? N PHE A 63  O VAL A 75  ? O VAL A 75  
AA1 3 4 N ALA A 81  ? N ALA A 81  O PHE A 120 ? O PHE A 120 
AA1 4 5 N GLY A 119 ? N GLY A 119 O ILE A 127 ? O ILE A 127 
AA2 1 2 N GLY A 95  ? N GLY A 95  O ILE A 109 ? O ILE A 109 
AA2 2 3 N ARG A 106 ? N ARG A 106 O GLY A 162 ? O GLY A 162 
# 
loop_
_struct_site.id 
_struct_site.pdbx_evidence_code 
_struct_site.pdbx_auth_asym_id 
_struct_site.pdbx_auth_comp_id 
_struct_site.pdbx_auth_seq_id 
_struct_site.pdbx_auth_ins_code 
_struct_site.pdbx_num_residues 
_struct_site.details 
AC1 Software A NI  201 ? 5  'binding site for residue NI A 201'  
AC2 Software A NI  202 ? 2  'binding site for residue NI A 202'  
AC3 Software A NI  203 ? 3  'binding site for residue NI A 203'  
AC4 Software A K2U 204 ? 12 'binding site for residue K2U A 204' 
# 
loop_
_struct_site_gen.id 
_struct_site_gen.site_id 
_struct_site_gen.pdbx_num_res 
_struct_site_gen.label_comp_id 
_struct_site_gen.label_asym_id 
_struct_site_gen.label_seq_id 
_struct_site_gen.pdbx_auth_ins_code 
_struct_site_gen.auth_comp_id 
_struct_site_gen.auth_asym_id 
_struct_site_gen.auth_seq_id 
_struct_site_gen.label_atom_id 
_struct_site_gen.label_alt_id 
_struct_site_gen.symmetry 
_struct_site_gen.details 
1  AC1 5  GLN A 51  ? GLN A 51  . ? 1_555 ? 
2  AC1 5  CSD A 99  ? CSD A 99  . ? 1_555 ? 
3  AC1 5  HIS A 141 ? HIS A 141 . ? 1_555 ? 
4  AC1 5  HIS A 145 ? HIS A 145 . ? 1_555 ? 
5  AC1 5  K2U E .   ? K2U A 204 . ? 1_555 ? 
6  AC2 2  GLU A 37  ? GLU A 37  . ? 8_565 ? 
7  AC2 2  GLU A 132 ? GLU A 132 . ? 1_555 ? 
8  AC3 3  HIS A 43  ? HIS A 43  . ? 1_555 ? 
9  AC3 3  GLU A 128 ? GLU A 128 . ? 8_665 ? 
10 AC3 3  GLU A 130 ? GLU A 130 . ? 8_665 ? 
11 AC4 12 GLY A 44  ? GLY A 44  . ? 1_555 ? 
12 AC4 12 VAL A 45  ? VAL A 45  . ? 1_555 ? 
13 AC4 12 GLY A 46  ? GLY A 46  . ? 1_555 ? 
14 AC4 12 GLN A 51  ? GLN A 51  . ? 1_555 ? 
15 AC4 12 GLU A 97  ? GLU A 97  . ? 1_555 ? 
16 AC4 12 GLY A 98  ? GLY A 98  . ? 1_555 ? 
17 AC4 12 CSD A 99  ? CSD A 99  . ? 1_555 ? 
18 AC4 12 LEU A 100 ? LEU A 100 . ? 1_555 ? 
19 AC4 12 HIS A 141 ? HIS A 141 . ? 1_555 ? 
20 AC4 12 GLU A 142 ? GLU A 142 . ? 1_555 ? 
21 AC4 12 HIS A 145 ? HIS A 145 . ? 1_555 ? 
22 AC4 12 NI  B .   ? NI  A 201 . ? 1_555 ? 
# 
_pdbx_entry_details.entry_id                   6IKY 
_pdbx_entry_details.compound_details           ? 
_pdbx_entry_details.source_details             ? 
_pdbx_entry_details.nonpolymer_details         ? 
_pdbx_entry_details.sequence_details           ? 
_pdbx_entry_details.has_ligand_of_interest     ? 
_pdbx_entry_details.has_protein_modification   Y 
# 
_pdbx_validate_close_contact.id               1 
_pdbx_validate_close_contact.PDB_model_num    1 
_pdbx_validate_close_contact.auth_atom_id_1   O 
_pdbx_validate_close_contact.auth_asym_id_1   A 
_pdbx_validate_close_contact.auth_comp_id_1   HOH 
_pdbx_validate_close_contact.auth_seq_id_1    302 
_pdbx_validate_close_contact.PDB_ins_code_1   ? 
_pdbx_validate_close_contact.label_alt_id_1   ? 
_pdbx_validate_close_contact.auth_atom_id_2   O 
_pdbx_validate_close_contact.auth_asym_id_2   A 
_pdbx_validate_close_contact.auth_comp_id_2   HOH 
_pdbx_validate_close_contact.auth_seq_id_2    318 
_pdbx_validate_close_contact.PDB_ins_code_2   ? 
_pdbx_validate_close_contact.label_alt_id_2   ? 
_pdbx_validate_close_contact.dist             2.07 
# 
_pdbx_validate_symm_contact.id                1 
_pdbx_validate_symm_contact.PDB_model_num     1 
_pdbx_validate_symm_contact.auth_atom_id_1    OE1 
_pdbx_validate_symm_contact.auth_asym_id_1    A 
_pdbx_validate_symm_contact.auth_comp_id_1    GLU 
_pdbx_validate_symm_contact.auth_seq_id_1     128 
_pdbx_validate_symm_contact.PDB_ins_code_1    ? 
_pdbx_validate_symm_contact.label_alt_id_1    ? 
_pdbx_validate_symm_contact.site_symmetry_1   1_555 
_pdbx_validate_symm_contact.auth_atom_id_2    NI 
_pdbx_validate_symm_contact.auth_asym_id_2    A 
_pdbx_validate_symm_contact.auth_comp_id_2    NI 
_pdbx_validate_symm_contact.auth_seq_id_2     203 
_pdbx_validate_symm_contact.PDB_ins_code_2    ? 
_pdbx_validate_symm_contact.label_alt_id_2    ? 
_pdbx_validate_symm_contact.site_symmetry_2   8_565 
_pdbx_validate_symm_contact.dist              1.58 
# 
_pdbx_validate_rmsd_bond.id                        1 
_pdbx_validate_rmsd_bond.PDB_model_num             1 
_pdbx_validate_rmsd_bond.auth_atom_id_1            CG 
_pdbx_validate_rmsd_bond.auth_asym_id_1            A 
_pdbx_validate_rmsd_bond.auth_comp_id_1            TYR 
_pdbx_validate_rmsd_bond.auth_seq_id_1             151 
_pdbx_validate_rmsd_bond.PDB_ins_code_1            ? 
_pdbx_validate_rmsd_bond.label_alt_id_1            ? 
_pdbx_validate_rmsd_bond.auth_atom_id_2            CD1 
_pdbx_validate_rmsd_bond.auth_asym_id_2            A 
_pdbx_validate_rmsd_bond.auth_comp_id_2            TYR 
_pdbx_validate_rmsd_bond.auth_seq_id_2             151 
_pdbx_validate_rmsd_bond.PDB_ins_code_2            ? 
_pdbx_validate_rmsd_bond.label_alt_id_2            ? 
_pdbx_validate_rmsd_bond.bond_value                1.468 
_pdbx_validate_rmsd_bond.bond_target_value         1.387 
_pdbx_validate_rmsd_bond.bond_deviation            0.081 
_pdbx_validate_rmsd_bond.bond_standard_deviation   0.013 
_pdbx_validate_rmsd_bond.linker_flag               N 
# 
loop_
_pdbx_validate_rmsd_angle.id 
_pdbx_validate_rmsd_angle.PDB_model_num 
_pdbx_validate_rmsd_angle.auth_atom_id_1 
_pdbx_validate_rmsd_angle.auth_asym_id_1 
_pdbx_validate_rmsd_angle.auth_comp_id_1 
_pdbx_validate_rmsd_angle.auth_seq_id_1 
_pdbx_validate_rmsd_angle.PDB_ins_code_1 
_pdbx_validate_rmsd_angle.label_alt_id_1 
_pdbx_validate_rmsd_angle.auth_atom_id_2 
_pdbx_validate_rmsd_angle.auth_asym_id_2 
_pdbx_validate_rmsd_angle.auth_comp_id_2 
_pdbx_validate_rmsd_angle.auth_seq_id_2 
_pdbx_validate_rmsd_angle.PDB_ins_code_2 
_pdbx_validate_rmsd_angle.label_alt_id_2 
_pdbx_validate_rmsd_angle.auth_atom_id_3 
_pdbx_validate_rmsd_angle.auth_asym_id_3 
_pdbx_validate_rmsd_angle.auth_comp_id_3 
_pdbx_validate_rmsd_angle.auth_seq_id_3 
_pdbx_validate_rmsd_angle.PDB_ins_code_3 
_pdbx_validate_rmsd_angle.label_alt_id_3 
_pdbx_validate_rmsd_angle.angle_value 
_pdbx_validate_rmsd_angle.angle_target_value 
_pdbx_validate_rmsd_angle.angle_deviation 
_pdbx_validate_rmsd_angle.angle_standard_deviation 
_pdbx_validate_rmsd_angle.linker_flag 
1 1 NE  A ARG 3   ? ? CZ A ARG 3   ? ? NH1 A ARG 3   ? ? 123.42 120.30 3.12  0.50 N 
2 1 NE  A ARG 3   ? ? CZ A ARG 3   ? ? NH2 A ARG 3   ? ? 116.43 120.30 -3.87 0.50 N 
3 1 NE  A ARG 118 ? ? CZ A ARG 118 ? ? NH1 A ARG 118 ? ? 125.83 120.30 5.53  0.50 N 
4 1 NE  A ARG 118 ? ? CZ A ARG 118 ? ? NH2 A ARG 118 ? ? 116.93 120.30 -3.37 0.50 N 
5 1 OE1 A GLU 128 ? ? CD A GLU 128 ? ? OE2 A GLU 128 ? ? 115.80 123.30 -7.50 1.20 N 
6 1 NE  A ARG 129 ? ? CZ A ARG 129 ? ? NH1 A ARG 129 ? ? 124.55 120.30 4.25  0.50 N 
7 1 NE  A ARG 129 ? ? CZ A ARG 129 ? ? NH2 A ARG 129 ? ? 116.63 120.30 -3.67 0.50 N 
# 
_pdbx_validate_torsion.id              1 
_pdbx_validate_torsion.PDB_model_num   1 
_pdbx_validate_torsion.auth_comp_id    PHE 
_pdbx_validate_torsion.auth_asym_id    A 
_pdbx_validate_torsion.auth_seq_id     63 
_pdbx_validate_torsion.PDB_ins_code    ? 
_pdbx_validate_torsion.label_alt_id    ? 
_pdbx_validate_torsion.phi             -174.71 
_pdbx_validate_torsion.psi             138.49 
# 
_pdbx_struct_mod_residue.id               1 
_pdbx_struct_mod_residue.label_asym_id    A 
_pdbx_struct_mod_residue.label_comp_id    CSD 
_pdbx_struct_mod_residue.label_seq_id     99 
_pdbx_struct_mod_residue.auth_asym_id     A 
_pdbx_struct_mod_residue.auth_comp_id     CSD 
_pdbx_struct_mod_residue.auth_seq_id      99 
_pdbx_struct_mod_residue.PDB_ins_code     ? 
_pdbx_struct_mod_residue.parent_comp_id   CYS 
_pdbx_struct_mod_residue.details          'modified residue' 
# 
loop_
_pdbx_unobs_or_zero_occ_residues.id 
_pdbx_unobs_or_zero_occ_residues.PDB_model_num 
_pdbx_unobs_or_zero_occ_residues.polymer_flag 
_pdbx_unobs_or_zero_occ_residues.occupancy_flag 
_pdbx_unobs_or_zero_occ_residues.auth_asym_id 
_pdbx_unobs_or_zero_occ_residues.auth_comp_id 
_pdbx_unobs_or_zero_occ_residues.auth_seq_id 
_pdbx_unobs_or_zero_occ_residues.PDB_ins_code 
_pdbx_unobs_or_zero_occ_residues.label_asym_id 
_pdbx_unobs_or_zero_occ_residues.label_comp_id 
_pdbx_unobs_or_zero_occ_residues.label_seq_id 
1 1 Y 1 A SER 66 ? A SER 66 
2 1 Y 1 A GLU 67 ? A GLU 67 
3 1 Y 1 A ARG 68 ? A ARG 68 
4 1 Y 1 A TYR 69 ? A TYR 69 
5 1 Y 1 A PRO 70 ? A PRO 70 
6 1 Y 1 A GLU 71 ? A GLU 71 
7 1 Y 1 A ALA 72 ? A ALA 72 
# 
loop_
_chem_comp_atom.comp_id 
_chem_comp_atom.atom_id 
_chem_comp_atom.type_symbol 
_chem_comp_atom.pdbx_aromatic_flag 
_chem_comp_atom.pdbx_stereo_config 
_chem_comp_atom.pdbx_ordinal 
ALA N    N  N N 1   
ALA CA   C  N S 2   
ALA C    C  N N 3   
ALA O    O  N N 4   
ALA CB   C  N N 5   
ALA OXT  O  N N 6   
ALA H    H  N N 7   
ALA H2   H  N N 8   
ALA HA   H  N N 9   
ALA HB1  H  N N 10  
ALA HB2  H  N N 11  
ALA HB3  H  N N 12  
ALA HXT  H  N N 13  
ARG N    N  N N 14  
ARG CA   C  N S 15  
ARG C    C  N N 16  
ARG O    O  N N 17  
ARG CB   C  N N 18  
ARG CG   C  N N 19  
ARG CD   C  N N 20  
ARG NE   N  N N 21  
ARG CZ   C  N N 22  
ARG NH1  N  N N 23  
ARG NH2  N  N N 24  
ARG OXT  O  N N 25  
ARG H    H  N N 26  
ARG H2   H  N N 27  
ARG HA   H  N N 28  
ARG HB2  H  N N 29  
ARG HB3  H  N N 30  
ARG HG2  H  N N 31  
ARG HG3  H  N N 32  
ARG HD2  H  N N 33  
ARG HD3  H  N N 34  
ARG HE   H  N N 35  
ARG HH11 H  N N 36  
ARG HH12 H  N N 37  
ARG HH21 H  N N 38  
ARG HH22 H  N N 39  
ARG HXT  H  N N 40  
ASN N    N  N N 41  
ASN CA   C  N S 42  
ASN C    C  N N 43  
ASN O    O  N N 44  
ASN CB   C  N N 45  
ASN CG   C  N N 46  
ASN OD1  O  N N 47  
ASN ND2  N  N N 48  
ASN OXT  O  N N 49  
ASN H    H  N N 50  
ASN H2   H  N N 51  
ASN HA   H  N N 52  
ASN HB2  H  N N 53  
ASN HB3  H  N N 54  
ASN HD21 H  N N 55  
ASN HD22 H  N N 56  
ASN HXT  H  N N 57  
ASP N    N  N N 58  
ASP CA   C  N S 59  
ASP C    C  N N 60  
ASP O    O  N N 61  
ASP CB   C  N N 62  
ASP CG   C  N N 63  
ASP OD1  O  N N 64  
ASP OD2  O  N N 65  
ASP OXT  O  N N 66  
ASP H    H  N N 67  
ASP H2   H  N N 68  
ASP HA   H  N N 69  
ASP HB2  H  N N 70  
ASP HB3  H  N N 71  
ASP HD2  H  N N 72  
ASP HXT  H  N N 73  
CSD N    N  N N 74  
CSD CA   C  N R 75  
CSD CB   C  N N 76  
CSD SG   S  N N 77  
CSD C    C  N N 78  
CSD O    O  N N 79  
CSD OXT  O  N N 80  
CSD OD1  O  N N 81  
CSD OD2  O  N N 82  
CSD H    H  N N 83  
CSD H2   H  N N 84  
CSD HA   H  N N 85  
CSD HB2  H  N N 86  
CSD HB3  H  N N 87  
CSD HXT  H  N N 88  
CSD HD2  H  N N 89  
GLN N    N  N N 90  
GLN CA   C  N S 91  
GLN C    C  N N 92  
GLN O    O  N N 93  
GLN CB   C  N N 94  
GLN CG   C  N N 95  
GLN CD   C  N N 96  
GLN OE1  O  N N 97  
GLN NE2  N  N N 98  
GLN OXT  O  N N 99  
GLN H    H  N N 100 
GLN H2   H  N N 101 
GLN HA   H  N N 102 
GLN HB2  H  N N 103 
GLN HB3  H  N N 104 
GLN HG2  H  N N 105 
GLN HG3  H  N N 106 
GLN HE21 H  N N 107 
GLN HE22 H  N N 108 
GLN HXT  H  N N 109 
GLU N    N  N N 110 
GLU CA   C  N S 111 
GLU C    C  N N 112 
GLU O    O  N N 113 
GLU CB   C  N N 114 
GLU CG   C  N N 115 
GLU CD   C  N N 116 
GLU OE1  O  N N 117 
GLU OE2  O  N N 118 
GLU OXT  O  N N 119 
GLU H    H  N N 120 
GLU H2   H  N N 121 
GLU HA   H  N N 122 
GLU HB2  H  N N 123 
GLU HB3  H  N N 124 
GLU HG2  H  N N 125 
GLU HG3  H  N N 126 
GLU HE2  H  N N 127 
GLU HXT  H  N N 128 
GLY N    N  N N 129 
GLY CA   C  N N 130 
GLY C    C  N N 131 
GLY O    O  N N 132 
GLY OXT  O  N N 133 
GLY H    H  N N 134 
GLY H2   H  N N 135 
GLY HA2  H  N N 136 
GLY HA3  H  N N 137 
GLY HXT  H  N N 138 
HIS N    N  N N 139 
HIS CA   C  N S 140 
HIS C    C  N N 141 
HIS O    O  N N 142 
HIS CB   C  N N 143 
HIS CG   C  Y N 144 
HIS ND1  N  Y N 145 
HIS CD2  C  Y N 146 
HIS CE1  C  Y N 147 
HIS NE2  N  Y N 148 
HIS OXT  O  N N 149 
HIS H    H  N N 150 
HIS H2   H  N N 151 
HIS HA   H  N N 152 
HIS HB2  H  N N 153 
HIS HB3  H  N N 154 
HIS HD1  H  N N 155 
HIS HD2  H  N N 156 
HIS HE1  H  N N 157 
HIS HE2  H  N N 158 
HIS HXT  H  N N 159 
HOH O    O  N N 160 
HOH H1   H  N N 161 
HOH H2   H  N N 162 
ILE N    N  N N 163 
ILE CA   C  N S 164 
ILE C    C  N N 165 
ILE O    O  N N 166 
ILE CB   C  N S 167 
ILE CG1  C  N N 168 
ILE CG2  C  N N 169 
ILE CD1  C  N N 170 
ILE OXT  O  N N 171 
ILE H    H  N N 172 
ILE H2   H  N N 173 
ILE HA   H  N N 174 
ILE HB   H  N N 175 
ILE HG12 H  N N 176 
ILE HG13 H  N N 177 
ILE HG21 H  N N 178 
ILE HG22 H  N N 179 
ILE HG23 H  N N 180 
ILE HD11 H  N N 181 
ILE HD12 H  N N 182 
ILE HD13 H  N N 183 
ILE HXT  H  N N 184 
K2U O22  O  N N 185 
K2U C1   C  N N 186 
K2U O21  O  N N 187 
K2U C2   C  N N 188 
K2U C3   C  N R 189 
K2U C4   C  N N 190 
K2U C5   C  Y N 191 
K2U C6   C  Y N 192 
K2U C7   C  Y N 193 
K2U C8   C  Y N 194 
K2U C9   C  Y N 195 
K2U C10  C  Y N 196 
K2U C11  C  N R 197 
K2U O12  O  N N 198 
K2U S13  S  N N 199 
K2U C14  C  N N 200 
K2U C15  C  Y N 201 
K2U C16  C  Y N 202 
K2U C17  C  Y N 203 
K2U C18  C  Y N 204 
K2U C19  C  Y N 205 
K2U C20  C  Y N 206 
K2U H1   H  N N 207 
K2U H2   H  N N 208 
K2U H3   H  N N 209 
K2U H4   H  N N 210 
K2U H5   H  N N 211 
K2U H6   H  N N 212 
K2U H7   H  N N 213 
K2U H8   H  N N 214 
K2U H9   H  N N 215 
K2U H10  H  N N 216 
K2U H11  H  N N 217 
K2U H12  H  N N 218 
K2U H13  H  N N 219 
K2U H14  H  N N 220 
K2U H15  H  N N 221 
K2U H16  H  N N 222 
K2U H17  H  N N 223 
K2U H18  H  N N 224 
K2U H19  H  N N 225 
K2U H20  H  N N 226 
LEU N    N  N N 227 
LEU CA   C  N S 228 
LEU C    C  N N 229 
LEU O    O  N N 230 
LEU CB   C  N N 231 
LEU CG   C  N N 232 
LEU CD1  C  N N 233 
LEU CD2  C  N N 234 
LEU OXT  O  N N 235 
LEU H    H  N N 236 
LEU H2   H  N N 237 
LEU HA   H  N N 238 
LEU HB2  H  N N 239 
LEU HB3  H  N N 240 
LEU HG   H  N N 241 
LEU HD11 H  N N 242 
LEU HD12 H  N N 243 
LEU HD13 H  N N 244 
LEU HD21 H  N N 245 
LEU HD22 H  N N 246 
LEU HD23 H  N N 247 
LEU HXT  H  N N 248 
LYS N    N  N N 249 
LYS CA   C  N S 250 
LYS C    C  N N 251 
LYS O    O  N N 252 
LYS CB   C  N N 253 
LYS CG   C  N N 254 
LYS CD   C  N N 255 
LYS CE   C  N N 256 
LYS NZ   N  N N 257 
LYS OXT  O  N N 258 
LYS H    H  N N 259 
LYS H2   H  N N 260 
LYS HA   H  N N 261 
LYS HB2  H  N N 262 
LYS HB3  H  N N 263 
LYS HG2  H  N N 264 
LYS HG3  H  N N 265 
LYS HD2  H  N N 266 
LYS HD3  H  N N 267 
LYS HE2  H  N N 268 
LYS HE3  H  N N 269 
LYS HZ1  H  N N 270 
LYS HZ2  H  N N 271 
LYS HZ3  H  N N 272 
LYS HXT  H  N N 273 
MET N    N  N N 274 
MET CA   C  N S 275 
MET C    C  N N 276 
MET O    O  N N 277 
MET CB   C  N N 278 
MET CG   C  N N 279 
MET SD   S  N N 280 
MET CE   C  N N 281 
MET OXT  O  N N 282 
MET H    H  N N 283 
MET H2   H  N N 284 
MET HA   H  N N 285 
MET HB2  H  N N 286 
MET HB3  H  N N 287 
MET HG2  H  N N 288 
MET HG3  H  N N 289 
MET HE1  H  N N 290 
MET HE2  H  N N 291 
MET HE3  H  N N 292 
MET HXT  H  N N 293 
NI  NI   NI N N 294 
PHE N    N  N N 295 
PHE CA   C  N S 296 
PHE C    C  N N 297 
PHE O    O  N N 298 
PHE CB   C  N N 299 
PHE CG   C  Y N 300 
PHE CD1  C  Y N 301 
PHE CD2  C  Y N 302 
PHE CE1  C  Y N 303 
PHE CE2  C  Y N 304 
PHE CZ   C  Y N 305 
PHE OXT  O  N N 306 
PHE H    H  N N 307 
PHE H2   H  N N 308 
PHE HA   H  N N 309 
PHE HB2  H  N N 310 
PHE HB3  H  N N 311 
PHE HD1  H  N N 312 
PHE HD2  H  N N 313 
PHE HE1  H  N N 314 
PHE HE2  H  N N 315 
PHE HZ   H  N N 316 
PHE HXT  H  N N 317 
PRO N    N  N N 318 
PRO CA   C  N S 319 
PRO C    C  N N 320 
PRO O    O  N N 321 
PRO CB   C  N N 322 
PRO CG   C  N N 323 
PRO CD   C  N N 324 
PRO OXT  O  N N 325 
PRO H    H  N N 326 
PRO HA   H  N N 327 
PRO HB2  H  N N 328 
PRO HB3  H  N N 329 
PRO HG2  H  N N 330 
PRO HG3  H  N N 331 
PRO HD2  H  N N 332 
PRO HD3  H  N N 333 
PRO HXT  H  N N 334 
SER N    N  N N 335 
SER CA   C  N S 336 
SER C    C  N N 337 
SER O    O  N N 338 
SER CB   C  N N 339 
SER OG   O  N N 340 
SER OXT  O  N N 341 
SER H    H  N N 342 
SER H2   H  N N 343 
SER HA   H  N N 344 
SER HB2  H  N N 345 
SER HB3  H  N N 346 
SER HG   H  N N 347 
SER HXT  H  N N 348 
THR N    N  N N 349 
THR CA   C  N S 350 
THR C    C  N N 351 
THR O    O  N N 352 
THR CB   C  N R 353 
THR OG1  O  N N 354 
THR CG2  C  N N 355 
THR OXT  O  N N 356 
THR H    H  N N 357 
THR H2   H  N N 358 
THR HA   H  N N 359 
THR HB   H  N N 360 
THR HG1  H  N N 361 
THR HG21 H  N N 362 
THR HG22 H  N N 363 
THR HG23 H  N N 364 
THR HXT  H  N N 365 
TRP N    N  N N 366 
TRP CA   C  N S 367 
TRP C    C  N N 368 
TRP O    O  N N 369 
TRP CB   C  N N 370 
TRP CG   C  Y N 371 
TRP CD1  C  Y N 372 
TRP CD2  C  Y N 373 
TRP NE1  N  Y N 374 
TRP CE2  C  Y N 375 
TRP CE3  C  Y N 376 
TRP CZ2  C  Y N 377 
TRP CZ3  C  Y N 378 
TRP CH2  C  Y N 379 
TRP OXT  O  N N 380 
TRP H    H  N N 381 
TRP H2   H  N N 382 
TRP HA   H  N N 383 
TRP HB2  H  N N 384 
TRP HB3  H  N N 385 
TRP HD1  H  N N 386 
TRP HE1  H  N N 387 
TRP HE3  H  N N 388 
TRP HZ2  H  N N 389 
TRP HZ3  H  N N 390 
TRP HH2  H  N N 391 
TRP HXT  H  N N 392 
TYR N    N  N N 393 
TYR CA   C  N S 394 
TYR C    C  N N 395 
TYR O    O  N N 396 
TYR CB   C  N N 397 
TYR CG   C  Y N 398 
TYR CD1  C  Y N 399 
TYR CD2  C  Y N 400 
TYR CE1  C  Y N 401 
TYR CE2  C  Y N 402 
TYR CZ   C  Y N 403 
TYR OH   O  N N 404 
TYR OXT  O  N N 405 
TYR H    H  N N 406 
TYR H2   H  N N 407 
TYR HA   H  N N 408 
TYR HB2  H  N N 409 
TYR HB3  H  N N 410 
TYR HD1  H  N N 411 
TYR HD2  H  N N 412 
TYR HE1  H  N N 413 
TYR HE2  H  N N 414 
TYR HH   H  N N 415 
TYR HXT  H  N N 416 
VAL N    N  N N 417 
VAL CA   C  N S 418 
VAL C    C  N N 419 
VAL O    O  N N 420 
VAL CB   C  N N 421 
VAL CG1  C  N N 422 
VAL CG2  C  N N 423 
VAL OXT  O  N N 424 
VAL H    H  N N 425 
VAL H2   H  N N 426 
VAL HA   H  N N 427 
VAL HB   H  N N 428 
VAL HG11 H  N N 429 
VAL HG12 H  N N 430 
VAL HG13 H  N N 431 
VAL HG21 H  N N 432 
VAL HG22 H  N N 433 
VAL HG23 H  N N 434 
VAL HXT  H  N N 435 
# 
loop_
_chem_comp_bond.comp_id 
_chem_comp_bond.atom_id_1 
_chem_comp_bond.atom_id_2 
_chem_comp_bond.value_order 
_chem_comp_bond.pdbx_aromatic_flag 
_chem_comp_bond.pdbx_stereo_config 
_chem_comp_bond.pdbx_ordinal 
ALA N   CA   sing N N 1   
ALA N   H    sing N N 2   
ALA N   H2   sing N N 3   
ALA CA  C    sing N N 4   
ALA CA  CB   sing N N 5   
ALA CA  HA   sing N N 6   
ALA C   O    doub N N 7   
ALA C   OXT  sing N N 8   
ALA CB  HB1  sing N N 9   
ALA CB  HB2  sing N N 10  
ALA CB  HB3  sing N N 11  
ALA OXT HXT  sing N N 12  
ARG N   CA   sing N N 13  
ARG N   H    sing N N 14  
ARG N   H2   sing N N 15  
ARG CA  C    sing N N 16  
ARG CA  CB   sing N N 17  
ARG CA  HA   sing N N 18  
ARG C   O    doub N N 19  
ARG C   OXT  sing N N 20  
ARG CB  CG   sing N N 21  
ARG CB  HB2  sing N N 22  
ARG CB  HB3  sing N N 23  
ARG CG  CD   sing N N 24  
ARG CG  HG2  sing N N 25  
ARG CG  HG3  sing N N 26  
ARG CD  NE   sing N N 27  
ARG CD  HD2  sing N N 28  
ARG CD  HD3  sing N N 29  
ARG NE  CZ   sing N N 30  
ARG NE  HE   sing N N 31  
ARG CZ  NH1  sing N N 32  
ARG CZ  NH2  doub N N 33  
ARG NH1 HH11 sing N N 34  
ARG NH1 HH12 sing N N 35  
ARG NH2 HH21 sing N N 36  
ARG NH2 HH22 sing N N 37  
ARG OXT HXT  sing N N 38  
ASN N   CA   sing N N 39  
ASN N   H    sing N N 40  
ASN N   H2   sing N N 41  
ASN CA  C    sing N N 42  
ASN CA  CB   sing N N 43  
ASN CA  HA   sing N N 44  
ASN C   O    doub N N 45  
ASN C   OXT  sing N N 46  
ASN CB  CG   sing N N 47  
ASN CB  HB2  sing N N 48  
ASN CB  HB3  sing N N 49  
ASN CG  OD1  doub N N 50  
ASN CG  ND2  sing N N 51  
ASN ND2 HD21 sing N N 52  
ASN ND2 HD22 sing N N 53  
ASN OXT HXT  sing N N 54  
ASP N   CA   sing N N 55  
ASP N   H    sing N N 56  
ASP N   H2   sing N N 57  
ASP CA  C    sing N N 58  
ASP CA  CB   sing N N 59  
ASP CA  HA   sing N N 60  
ASP C   O    doub N N 61  
ASP C   OXT  sing N N 62  
ASP CB  CG   sing N N 63  
ASP CB  HB2  sing N N 64  
ASP CB  HB3  sing N N 65  
ASP CG  OD1  doub N N 66  
ASP CG  OD2  sing N N 67  
ASP OD2 HD2  sing N N 68  
ASP OXT HXT  sing N N 69  
CSD N   CA   sing N N 70  
CSD N   H    sing N N 71  
CSD N   H2   sing N N 72  
CSD CA  CB   sing N N 73  
CSD CA  C    sing N N 74  
CSD CA  HA   sing N N 75  
CSD CB  SG   sing N N 76  
CSD CB  HB2  sing N N 77  
CSD CB  HB3  sing N N 78  
CSD SG  OD1  doub N N 79  
CSD SG  OD2  sing N N 80  
CSD C   O    doub N N 81  
CSD C   OXT  sing N N 82  
CSD OXT HXT  sing N N 83  
CSD OD2 HD2  sing N N 84  
GLN N   CA   sing N N 85  
GLN N   H    sing N N 86  
GLN N   H2   sing N N 87  
GLN CA  C    sing N N 88  
GLN CA  CB   sing N N 89  
GLN CA  HA   sing N N 90  
GLN C   O    doub N N 91  
GLN C   OXT  sing N N 92  
GLN CB  CG   sing N N 93  
GLN CB  HB2  sing N N 94  
GLN CB  HB3  sing N N 95  
GLN CG  CD   sing N N 96  
GLN CG  HG2  sing N N 97  
GLN CG  HG3  sing N N 98  
GLN CD  OE1  doub N N 99  
GLN CD  NE2  sing N N 100 
GLN NE2 HE21 sing N N 101 
GLN NE2 HE22 sing N N 102 
GLN OXT HXT  sing N N 103 
GLU N   CA   sing N N 104 
GLU N   H    sing N N 105 
GLU N   H2   sing N N 106 
GLU CA  C    sing N N 107 
GLU CA  CB   sing N N 108 
GLU CA  HA   sing N N 109 
GLU C   O    doub N N 110 
GLU C   OXT  sing N N 111 
GLU CB  CG   sing N N 112 
GLU CB  HB2  sing N N 113 
GLU CB  HB3  sing N N 114 
GLU CG  CD   sing N N 115 
GLU CG  HG2  sing N N 116 
GLU CG  HG3  sing N N 117 
GLU CD  OE1  doub N N 118 
GLU CD  OE2  sing N N 119 
GLU OE2 HE2  sing N N 120 
GLU OXT HXT  sing N N 121 
GLY N   CA   sing N N 122 
GLY N   H    sing N N 123 
GLY N   H2   sing N N 124 
GLY CA  C    sing N N 125 
GLY CA  HA2  sing N N 126 
GLY CA  HA3  sing N N 127 
GLY C   O    doub N N 128 
GLY C   OXT  sing N N 129 
GLY OXT HXT  sing N N 130 
HIS N   CA   sing N N 131 
HIS N   H    sing N N 132 
HIS N   H2   sing N N 133 
HIS CA  C    sing N N 134 
HIS CA  CB   sing N N 135 
HIS CA  HA   sing N N 136 
HIS C   O    doub N N 137 
HIS C   OXT  sing N N 138 
HIS CB  CG   sing N N 139 
HIS CB  HB2  sing N N 140 
HIS CB  HB3  sing N N 141 
HIS CG  ND1  sing Y N 142 
HIS CG  CD2  doub Y N 143 
HIS ND1 CE1  doub Y N 144 
HIS ND1 HD1  sing N N 145 
HIS CD2 NE2  sing Y N 146 
HIS CD2 HD2  sing N N 147 
HIS CE1 NE2  sing Y N 148 
HIS CE1 HE1  sing N N 149 
HIS NE2 HE2  sing N N 150 
HIS OXT HXT  sing N N 151 
HOH O   H1   sing N N 152 
HOH O   H2   sing N N 153 
ILE N   CA   sing N N 154 
ILE N   H    sing N N 155 
ILE N   H2   sing N N 156 
ILE CA  C    sing N N 157 
ILE CA  CB   sing N N 158 
ILE CA  HA   sing N N 159 
ILE C   O    doub N N 160 
ILE C   OXT  sing N N 161 
ILE CB  CG1  sing N N 162 
ILE CB  CG2  sing N N 163 
ILE CB  HB   sing N N 164 
ILE CG1 CD1  sing N N 165 
ILE CG1 HG12 sing N N 166 
ILE CG1 HG13 sing N N 167 
ILE CG2 HG21 sing N N 168 
ILE CG2 HG22 sing N N 169 
ILE CG2 HG23 sing N N 170 
ILE CD1 HD11 sing N N 171 
ILE CD1 HD12 sing N N 172 
ILE CD1 HD13 sing N N 173 
ILE OXT HXT  sing N N 174 
K2U C18 C17  doub Y N 175 
K2U C18 C19  sing Y N 176 
K2U C17 C16  sing Y N 177 
K2U C19 C20  doub Y N 178 
K2U C16 C15  doub Y N 179 
K2U C20 C15  sing Y N 180 
K2U C15 C14  sing N N 181 
K2U C9  C8   doub Y N 182 
K2U C9  C10  sing Y N 183 
K2U C8  C7   sing Y N 184 
K2U C14 S13  sing N N 185 
K2U C10 C5   doub Y N 186 
K2U C7  C6   doub Y N 187 
K2U S13 C11  sing N N 188 
K2U C5  C6   sing Y N 189 
K2U C5  C4   sing N N 190 
K2U O12 C11  sing N N 191 
K2U C11 C3   sing N N 192 
K2U C4  C3   sing N N 193 
K2U C3  C2   sing N N 194 
K2U C2  C1   sing N N 195 
K2U O21 C1   doub N N 196 
K2U C1  O22  sing N N 197 
K2U O22 H1   sing N N 198 
K2U C2  H2   sing N N 199 
K2U C2  H3   sing N N 200 
K2U C3  H4   sing N N 201 
K2U C4  H5   sing N N 202 
K2U C4  H6   sing N N 203 
K2U C6  H7   sing N N 204 
K2U C7  H8   sing N N 205 
K2U C8  H9   sing N N 206 
K2U C9  H10  sing N N 207 
K2U C10 H11  sing N N 208 
K2U C11 H12  sing N N 209 
K2U O12 H13  sing N N 210 
K2U C14 H14  sing N N 211 
K2U C14 H15  sing N N 212 
K2U C16 H16  sing N N 213 
K2U C17 H17  sing N N 214 
K2U C18 H18  sing N N 215 
K2U C19 H19  sing N N 216 
K2U C20 H20  sing N N 217 
LEU N   CA   sing N N 218 
LEU N   H    sing N N 219 
LEU N   H2   sing N N 220 
LEU CA  C    sing N N 221 
LEU CA  CB   sing N N 222 
LEU CA  HA   sing N N 223 
LEU C   O    doub N N 224 
LEU C   OXT  sing N N 225 
LEU CB  CG   sing N N 226 
LEU CB  HB2  sing N N 227 
LEU CB  HB3  sing N N 228 
LEU CG  CD1  sing N N 229 
LEU CG  CD2  sing N N 230 
LEU CG  HG   sing N N 231 
LEU CD1 HD11 sing N N 232 
LEU CD1 HD12 sing N N 233 
LEU CD1 HD13 sing N N 234 
LEU CD2 HD21 sing N N 235 
LEU CD2 HD22 sing N N 236 
LEU CD2 HD23 sing N N 237 
LEU OXT HXT  sing N N 238 
LYS N   CA   sing N N 239 
LYS N   H    sing N N 240 
LYS N   H2   sing N N 241 
LYS CA  C    sing N N 242 
LYS CA  CB   sing N N 243 
LYS CA  HA   sing N N 244 
LYS C   O    doub N N 245 
LYS C   OXT  sing N N 246 
LYS CB  CG   sing N N 247 
LYS CB  HB2  sing N N 248 
LYS CB  HB3  sing N N 249 
LYS CG  CD   sing N N 250 
LYS CG  HG2  sing N N 251 
LYS CG  HG3  sing N N 252 
LYS CD  CE   sing N N 253 
LYS CD  HD2  sing N N 254 
LYS CD  HD3  sing N N 255 
LYS CE  NZ   sing N N 256 
LYS CE  HE2  sing N N 257 
LYS CE  HE3  sing N N 258 
LYS NZ  HZ1  sing N N 259 
LYS NZ  HZ2  sing N N 260 
LYS NZ  HZ3  sing N N 261 
LYS OXT HXT  sing N N 262 
MET N   CA   sing N N 263 
MET N   H    sing N N 264 
MET N   H2   sing N N 265 
MET CA  C    sing N N 266 
MET CA  CB   sing N N 267 
MET CA  HA   sing N N 268 
MET C   O    doub N N 269 
MET C   OXT  sing N N 270 
MET CB  CG   sing N N 271 
MET CB  HB2  sing N N 272 
MET CB  HB3  sing N N 273 
MET CG  SD   sing N N 274 
MET CG  HG2  sing N N 275 
MET CG  HG3  sing N N 276 
MET SD  CE   sing N N 277 
MET CE  HE1  sing N N 278 
MET CE  HE2  sing N N 279 
MET CE  HE3  sing N N 280 
MET OXT HXT  sing N N 281 
PHE N   CA   sing N N 282 
PHE N   H    sing N N 283 
PHE N   H2   sing N N 284 
PHE CA  C    sing N N 285 
PHE CA  CB   sing N N 286 
PHE CA  HA   sing N N 287 
PHE C   O    doub N N 288 
PHE C   OXT  sing N N 289 
PHE CB  CG   sing N N 290 
PHE CB  HB2  sing N N 291 
PHE CB  HB3  sing N N 292 
PHE CG  CD1  doub Y N 293 
PHE CG  CD2  sing Y N 294 
PHE CD1 CE1  sing Y N 295 
PHE CD1 HD1  sing N N 296 
PHE CD2 CE2  doub Y N 297 
PHE CD2 HD2  sing N N 298 
PHE CE1 CZ   doub Y N 299 
PHE CE1 HE1  sing N N 300 
PHE CE2 CZ   sing Y N 301 
PHE CE2 HE2  sing N N 302 
PHE CZ  HZ   sing N N 303 
PHE OXT HXT  sing N N 304 
PRO N   CA   sing N N 305 
PRO N   CD   sing N N 306 
PRO N   H    sing N N 307 
PRO CA  C    sing N N 308 
PRO CA  CB   sing N N 309 
PRO CA  HA   sing N N 310 
PRO C   O    doub N N 311 
PRO C   OXT  sing N N 312 
PRO CB  CG   sing N N 313 
PRO CB  HB2  sing N N 314 
PRO CB  HB3  sing N N 315 
PRO CG  CD   sing N N 316 
PRO CG  HG2  sing N N 317 
PRO CG  HG3  sing N N 318 
PRO CD  HD2  sing N N 319 
PRO CD  HD3  sing N N 320 
PRO OXT HXT  sing N N 321 
SER N   CA   sing N N 322 
SER N   H    sing N N 323 
SER N   H2   sing N N 324 
SER CA  C    sing N N 325 
SER CA  CB   sing N N 326 
SER CA  HA   sing N N 327 
SER C   O    doub N N 328 
SER C   OXT  sing N N 329 
SER CB  OG   sing N N 330 
SER CB  HB2  sing N N 331 
SER CB  HB3  sing N N 332 
SER OG  HG   sing N N 333 
SER OXT HXT  sing N N 334 
THR N   CA   sing N N 335 
THR N   H    sing N N 336 
THR N   H2   sing N N 337 
THR CA  C    sing N N 338 
THR CA  CB   sing N N 339 
THR CA  HA   sing N N 340 
THR C   O    doub N N 341 
THR C   OXT  sing N N 342 
THR CB  OG1  sing N N 343 
THR CB  CG2  sing N N 344 
THR CB  HB   sing N N 345 
THR OG1 HG1  sing N N 346 
THR CG2 HG21 sing N N 347 
THR CG2 HG22 sing N N 348 
THR CG2 HG23 sing N N 349 
THR OXT HXT  sing N N 350 
TRP N   CA   sing N N 351 
TRP N   H    sing N N 352 
TRP N   H2   sing N N 353 
TRP CA  C    sing N N 354 
TRP CA  CB   sing N N 355 
TRP CA  HA   sing N N 356 
TRP C   O    doub N N 357 
TRP C   OXT  sing N N 358 
TRP CB  CG   sing N N 359 
TRP CB  HB2  sing N N 360 
TRP CB  HB3  sing N N 361 
TRP CG  CD1  doub Y N 362 
TRP CG  CD2  sing Y N 363 
TRP CD1 NE1  sing Y N 364 
TRP CD1 HD1  sing N N 365 
TRP CD2 CE2  doub Y N 366 
TRP CD2 CE3  sing Y N 367 
TRP NE1 CE2  sing Y N 368 
TRP NE1 HE1  sing N N 369 
TRP CE2 CZ2  sing Y N 370 
TRP CE3 CZ3  doub Y N 371 
TRP CE3 HE3  sing N N 372 
TRP CZ2 CH2  doub Y N 373 
TRP CZ2 HZ2  sing N N 374 
TRP CZ3 CH2  sing Y N 375 
TRP CZ3 HZ3  sing N N 376 
TRP CH2 HH2  sing N N 377 
TRP OXT HXT  sing N N 378 
TYR N   CA   sing N N 379 
TYR N   H    sing N N 380 
TYR N   H2   sing N N 381 
TYR CA  C    sing N N 382 
TYR CA  CB   sing N N 383 
TYR CA  HA   sing N N 384 
TYR C   O    doub N N 385 
TYR C   OXT  sing N N 386 
TYR CB  CG   sing N N 387 
TYR CB  HB2  sing N N 388 
TYR CB  HB3  sing N N 389 
TYR CG  CD1  doub Y N 390 
TYR CG  CD2  sing Y N 391 
TYR CD1 CE1  sing Y N 392 
TYR CD1 HD1  sing N N 393 
TYR CD2 CE2  doub Y N 394 
TYR CD2 HD2  sing N N 395 
TYR CE1 CZ   doub Y N 396 
TYR CE1 HE1  sing N N 397 
TYR CE2 CZ   sing Y N 398 
TYR CE2 HE2  sing N N 399 
TYR CZ  OH   sing N N 400 
TYR OH  HH   sing N N 401 
TYR OXT HXT  sing N N 402 
VAL N   CA   sing N N 403 
VAL N   H    sing N N 404 
VAL N   H2   sing N N 405 
VAL CA  C    sing N N 406 
VAL CA  CB   sing N N 407 
VAL CA  HA   sing N N 408 
VAL C   O    doub N N 409 
VAL C   OXT  sing N N 410 
VAL CB  CG1  sing N N 411 
VAL CB  CG2  sing N N 412 
VAL CB  HB   sing N N 413 
VAL CG1 HG11 sing N N 414 
VAL CG1 HG12 sing N N 415 
VAL CG1 HG13 sing N N 416 
VAL CG2 HG21 sing N N 417 
VAL CG2 HG22 sing N N 418 
VAL CG2 HG23 sing N N 419 
VAL OXT HXT  sing N N 420 
# 
_pdbx_initial_refinement_model.id               1 
_pdbx_initial_refinement_model.entity_id_list   ? 
_pdbx_initial_refinement_model.type             'experimental model' 
_pdbx_initial_refinement_model.source_name      PDB 
_pdbx_initial_refinement_model.accession_code   5E5D 
_pdbx_initial_refinement_model.details          ? 
# 
_atom_sites.entry_id                    6IKY 
_atom_sites.fract_transf_matrix[1][1]   0.01430727 
_atom_sites.fract_transf_matrix[1][2]   0.01347076 
_atom_sites.fract_transf_matrix[1][3]   0.00030157 
_atom_sites.fract_transf_matrix[2][1]   0.01832873 
_atom_sites.fract_transf_matrix[2][2]   -0.00501772 
_atom_sites.fract_transf_matrix[2][3]   -0.00501204 
_atom_sites.fract_transf_matrix[3][1]   -0.00073719 
_atom_sites.fract_transf_matrix[3][2]   0.00086266 
_atom_sites.fract_transf_matrix[3][3]   -0.00355950 
_atom_sites.fract_transf_vector[1]      0.041285 
_atom_sites.fract_transf_vector[2]      0.344276 
_atom_sites.fract_transf_vector[3]      0.017711 
# 
loop_
_atom_type.symbol 
C  
N  
NI 
O  
S  
# 
loop_
_atom_site.group_PDB 
_atom_site.id 
_atom_site.type_symbol 
_atom_site.label_atom_id 
_atom_site.label_alt_id 
_atom_site.label_comp_id 
_atom_site.label_asym_id 
_atom_site.label_entity_id 
_atom_site.label_seq_id 
_atom_site.pdbx_PDB_ins_code 
_atom_site.Cartn_x 
_atom_site.Cartn_y 
_atom_site.Cartn_z 
_atom_site.occupancy 
_atom_site.B_iso_or_equiv 
_atom_site.pdbx_formal_charge 
_atom_site.auth_seq_id 
_atom_site.auth_comp_id 
_atom_site.auth_asym_id 
_atom_site.auth_atom_id 
_atom_site.pdbx_PDB_model_num 
ATOM   1    N  N   . MET A 1 1   ? 7.365   16.455  -5.792  1.00 43.47 ? 1   MET A N   1 
ATOM   2    C  CA  . MET A 1 1   ? 6.209   17.387  -5.511  1.00 41.82 ? 1   MET A CA  1 
ATOM   3    C  C   . MET A 1 1   ? 5.111   16.676  -4.731  1.00 37.12 ? 1   MET A C   1 
ATOM   4    O  O   . MET A 1 1   ? 4.734   15.559  -5.101  1.00 39.67 ? 1   MET A O   1 
ATOM   5    C  CB  . MET A 1 1   ? 5.606   17.894  -6.810  1.00 47.09 ? 1   MET A CB  1 
ATOM   6    C  CG  . MET A 1 1   ? 4.869   19.164  -6.517  1.00 56.37 ? 1   MET A CG  1 
ATOM   7    S  SD  . MET A 1 1   ? 3.626   19.484  -7.726  1.00 76.97 ? 1   MET A SD  1 
ATOM   8    C  CE  . MET A 1 1   ? 3.092   21.091  -7.080  1.00 73.09 ? 1   MET A CE  1 
ATOM   9    N  N   . ILE A 1 2   ? 4.580   17.318  -3.688  1.00 28.92 ? 2   ILE A N   1 
ATOM   10   C  CA  . ILE A 1 2   ? 3.577   16.708  -2.839  1.00 29.77 ? 2   ILE A CA  1 
ATOM   11   C  C   . ILE A 1 2   ? 2.244   16.696  -3.558  1.00 27.74 ? 2   ILE A C   1 
ATOM   12   O  O   . ILE A 1 2   ? 1.836   17.686  -4.112  1.00 31.28 ? 2   ILE A O   1 
ATOM   13   C  CB  . ILE A 1 2   ? 3.506   17.378  -1.441  1.00 31.31 ? 2   ILE A CB  1 
ATOM   14   C  CG1 . ILE A 1 2   ? 4.807   17.040  -0.688  1.00 34.00 ? 2   ILE A CG1 1 
ATOM   15   C  CG2 . ILE A 1 2   ? 2.267   16.865  -0.667  1.00 31.82 ? 2   ILE A CG2 1 
ATOM   16   C  CD1 . ILE A 1 2   ? 5.126   17.810  0.622   1.00 35.02 ? 2   ILE A CD1 1 
ATOM   17   N  N   . ARG A 1 3   ? 1.561   15.552  -3.571  1.00 26.98 ? 3   ARG A N   1 
ATOM   18   C  CA  . ARG A 1 3   ? 0.301   15.460  -4.297  1.00 28.72 ? 3   ARG A CA  1 
ATOM   19   C  C   . ARG A 1 3   ? -0.806  15.376  -3.267  1.00 27.37 ? 3   ARG A C   1 
ATOM   20   O  O   . ARG A 1 3   ? -0.572  14.893  -2.177  1.00 28.60 ? 3   ARG A O   1 
ATOM   21   C  CB  . ARG A 1 3   ? 0.286   14.212  -5.154  1.00 29.59 ? 3   ARG A CB  1 
ATOM   22   C  CG  . ARG A 1 3   ? 1.412   14.074  -6.137  1.00 34.93 ? 3   ARG A CG  1 
ATOM   23   C  CD  . ARG A 1 3   ? 1.205   15.009  -7.309  1.00 38.66 ? 3   ARG A CD  1 
ATOM   24   N  NE  . ARG A 1 3   ? 2.126   14.558  -8.326  1.00 47.70 ? 3   ARG A NE  1 
ATOM   25   C  CZ  . ARG A 1 3   ? 1.860   13.709  -9.312  1.00 40.92 ? 3   ARG A CZ  1 
ATOM   26   N  NH1 . ARG A 1 3   ? 0.635   13.264  -9.586  1.00 40.10 ? 3   ARG A NH1 1 
ATOM   27   N  NH2 . ARG A 1 3   ? 2.850   13.416  -10.110 1.00 45.71 ? 3   ARG A NH2 1 
ATOM   28   N  N   . ASP A 1 4   ? -2.021  15.746  -3.650  1.00 28.08 ? 4   ASP A N   1 
ATOM   29   C  CA  . ASP A 1 4   ? -3.239  15.556  -2.811  1.00 29.72 ? 4   ASP A CA  1 
ATOM   30   C  C   . ASP A 1 4   ? -3.621  14.083  -2.739  1.00 26.97 ? 4   ASP A C   1 
ATOM   31   O  O   . ASP A 1 4   ? -3.619  13.357  -3.740  1.00 27.06 ? 4   ASP A O   1 
ATOM   32   C  CB  . ASP A 1 4   ? -4.417  16.297  -3.422  1.00 32.59 ? 4   ASP A CB  1 
ATOM   33   C  CG  . ASP A 1 4   ? -4.282  17.797  -3.283  1.00 44.62 ? 4   ASP A CG  1 
ATOM   34   O  OD1 . ASP A 1 4   ? -3.753  18.289  -2.226  1.00 52.04 ? 4   ASP A OD1 1 
ATOM   35   O  OD2 . ASP A 1 4   ? -4.691  18.482  -4.238  1.00 53.66 ? 4   ASP A OD2 1 
ATOM   36   N  N   . ILE A 1 5   ? -3.862  13.616  -1.556  1.00 26.29 ? 5   ILE A N   1 
ATOM   37   C  CA  . ILE A 1 5   ? -4.324  12.250  -1.317  1.00 25.90 ? 5   ILE A CA  1 
ATOM   38   C  C   . ILE A 1 5   ? -5.844  12.274  -1.294  1.00 27.89 ? 5   ILE A C   1 
ATOM   39   O  O   . ILE A 1 5   ? -6.430  13.063  -0.583  1.00 28.64 ? 5   ILE A O   1 
ATOM   40   C  CB  . ILE A 1 5   ? -3.797  11.774  0.044   1.00 29.41 ? 5   ILE A CB  1 
ATOM   41   C  CG1 . ILE A 1 5   ? -2.297  11.666  -0.049  1.00 27.72 ? 5   ILE A CG1 1 
ATOM   42   C  CG2 . ILE A 1 5   ? -4.505  10.497  0.456   1.00 29.59 ? 5   ILE A CG2 1 
ATOM   43   C  CD1 . ILE A 1 5   ? -1.558  11.247  1.189   1.00 30.00 ? 5   ILE A CD1 1 
ATOM   44   N  N   . ILE A 1 6   ? -6.485  11.451  -2.095  1.00 23.92 ? 6   ILE A N   1 
ATOM   45   C  CA  . ILE A 1 6   ? -7.951  11.390  -2.116  1.00 26.15 ? 6   ILE A CA  1 
ATOM   46   C  C   . ILE A 1 6   ? -8.455  10.460  -0.995  1.00 25.49 ? 6   ILE A C   1 
ATOM   47   O  O   . ILE A 1 6   ? -7.706  9.624   -0.455  1.00 27.55 ? 6   ILE A O   1 
ATOM   48   C  CB  . ILE A 1 6   ? -8.522  11.054  -3.492  1.00 24.73 ? 6   ILE A CB  1 
ATOM   49   C  CG1 . ILE A 1 6   ? -8.181  9.590   -3.872  1.00 27.22 ? 6   ILE A CG1 1 
ATOM   50   C  CG2 . ILE A 1 6   ? -7.971  12.095  -4.464  1.00 25.90 ? 6   ILE A CG2 1 
ATOM   51   C  CD1 . ILE A 1 6   ? -8.749  9.115   -5.188  1.00 29.17 ? 6   ILE A CD1 1 
ATOM   52   N  N   . ARG A 1 7   ? -9.683  10.738  -0.587  1.00 26.77 ? 7   ARG A N   1 
ATOM   53   C  CA  . ARG A 1 7   ? -10.259 10.185  0.656   1.00 27.77 ? 7   ARG A CA  1 
ATOM   54   C  C   . ARG A 1 7   ? -11.379 9.253   0.333   1.00 25.61 ? 7   ARG A C   1 
ATOM   55   O  O   . ARG A 1 7   ? -12.075 9.367   -0.742  1.00 25.45 ? 7   ARG A O   1 
ATOM   56   C  CB  . ARG A 1 7   ? -10.749 11.363  1.555   1.00 28.77 ? 7   ARG A CB  1 
ATOM   57   C  CG  . ARG A 1 7   ? -9.612  12.009  2.350   1.00 33.99 ? 7   ARG A CG  1 
ATOM   58   C  CD  . ARG A 1 7   ? -10.107 13.144  3.262   1.00 37.24 ? 7   ARG A CD  1 
ATOM   59   N  NE  . ARG A 1 7   ? -10.700 14.186  2.421   1.00 43.94 ? 7   ARG A NE  1 
ATOM   60   C  CZ  . ARG A 1 7   ? -11.908 14.749  2.544   1.00 47.87 ? 7   ARG A CZ  1 
ATOM   61   N  NH1 . ARG A 1 7   ? -12.750 14.436  3.535   1.00 49.89 ? 7   ARG A NH1 1 
ATOM   62   N  NH2 . ARG A 1 7   ? -12.278 15.655  1.645   1.00 50.86 ? 7   ARG A NH2 1 
ATOM   63   N  N   . MET A 1 8   ? -11.577 8.306   1.240   1.00 24.99 ? 8   MET A N   1 
ATOM   64   C  CA  . MET A 1 8   ? -12.632 7.285   1.062   1.00 26.23 ? 8   MET A CA  1 
ATOM   65   C  C   . MET A 1 8   ? -13.992 7.924   0.774   1.00 24.59 ? 8   MET A C   1 
ATOM   66   O  O   . MET A 1 8   ? -14.336 9.006   1.307   1.00 23.93 ? 8   MET A O   1 
ATOM   67   C  CB  . MET A 1 8   ? -12.755 6.396   2.263   1.00 27.95 ? 8   MET A CB  1 
ATOM   68   C  CG  . MET A 1 8   ? -13.761 5.250   2.139   1.00 29.93 ? 8   MET A CG  1 
ATOM   69   S  SD  . MET A 1 8   ? -13.618 4.085   3.537   1.00 31.37 ? 8   MET A SD  1 
ATOM   70   C  CE  . MET A 1 8   ? -14.389 5.068   4.807   1.00 34.21 ? 8   MET A CE  1 
ATOM   71   N  N   . GLY A 1 9   ? -14.672 7.310   -0.188  1.00 23.57 ? 9   GLY A N   1 
ATOM   72   C  CA  . GLY A 1 9   ? -15.794 7.957   -0.850  1.00 25.57 ? 9   GLY A CA  1 
ATOM   73   C  C   . GLY A 1 9   ? -15.556 8.321   -2.295  1.00 29.51 ? 9   GLY A C   1 
ATOM   74   O  O   . GLY A 1 9   ? -16.495 8.466   -2.997  1.00 29.14 ? 9   GLY A O   1 
ATOM   75   N  N   . ASP A 1 10  ? -14.305 8.563   -2.667  1.00 26.04 ? 10  ASP A N   1 
ATOM   76   C  CA  . ASP A 1 10  ? -13.904 8.875   -4.038  1.00 29.15 ? 10  ASP A CA  1 
ATOM   77   C  C   . ASP A 1 10  ? -13.901 7.553   -4.850  1.00 28.81 ? 10  ASP A C   1 
ATOM   78   O  O   . ASP A 1 10  ? -13.320 6.540   -4.473  1.00 28.23 ? 10  ASP A O   1 
ATOM   79   C  CB  . ASP A 1 10  ? -12.531 9.618   -4.044  1.00 27.50 ? 10  ASP A CB  1 
ATOM   80   C  CG  . ASP A 1 10  ? -12.205 10.233  -5.380  1.00 29.18 ? 10  ASP A CG  1 
ATOM   81   O  OD1 . ASP A 1 10  ? -12.306 9.527   -6.437  1.00 26.16 ? 10  ASP A OD1 1 
ATOM   82   O  OD2 . ASP A 1 10  ? -11.810 11.393  -5.349  1.00 34.12 ? 10  ASP A OD2 1 
ATOM   83   N  N   . LYS A 1 11  ? -14.690 7.561   -5.908  1.00 27.97 ? 11  LYS A N   1 
ATOM   84   C  CA  . LYS A 1 11  ? -14.778 6.475   -6.897  1.00 32.61 ? 11  LYS A CA  1 
ATOM   85   C  C   . LYS A 1 11  ? -13.429 6.023   -7.475  1.00 28.66 ? 11  LYS A C   1 
ATOM   86   O  O   . LYS A 1 11  ? -13.270 4.811   -7.816  1.00 28.59 ? 11  LYS A O   1 
ATOM   87   C  CB  . LYS A 1 11  ? -15.697 6.888   -8.054  1.00 34.17 ? 11  LYS A CB  1 
ATOM   88   C  CG  . LYS A 1 11  ? -17.134 6.756   -7.679  1.00 43.85 ? 11  LYS A CG  1 
ATOM   89   C  CD  . LYS A 1 11  ? -18.024 7.659   -8.501  1.00 52.08 ? 11  LYS A CD  1 
ATOM   90   C  CE  . LYS A 1 11  ? -19.381 7.920   -7.815  1.00 59.50 ? 11  LYS A CE  1 
ATOM   91   N  NZ  . LYS A 1 11  ? -20.343 6.801   -8.107  1.00 61.30 ? 11  LYS A NZ  1 
ATOM   92   N  N   . ARG A 1 12  ? -12.460 6.940   -7.483  1.00 25.86 ? 12  ARG A N   1 
ATOM   93   C  CA  . ARG A 1 12  ? -11.142 6.583   -7.949  1.00 28.56 ? 12  ARG A CA  1 
ATOM   94   C  C   . ARG A 1 12  ? -10.417 5.531   -7.111  1.00 29.79 ? 12  ARG A C   1 
ATOM   95   O  O   . ARG A 1 12  ? -9.530  4.894   -7.626  1.00 30.69 ? 12  ARG A O   1 
ATOM   96   C  CB  . ARG A 1 12  ? -10.318 7.826   -8.221  1.00 26.67 ? 12  ARG A CB  1 
ATOM   97   C  CG  . ARG A 1 12  ? -10.947 8.548   -9.414  1.00 29.57 ? 12  ARG A CG  1 
ATOM   98   C  CD  . ARG A 1 12  ? -10.351 9.890   -9.599  1.00 29.08 ? 12  ARG A CD  1 
ATOM   99   N  NE  . ARG A 1 12  ? -10.625 10.775  -8.489  1.00 28.00 ? 12  ARG A NE  1 
ATOM   100  C  CZ  . ARG A 1 12  ? -10.185 12.016  -8.419  1.00 28.99 ? 12  ARG A CZ  1 
ATOM   101  N  NH1 . ARG A 1 12  ? -9.426  12.539  -9.377  1.00 30.51 ? 12  ARG A NH1 1 
ATOM   102  N  NH2 . ARG A 1 12  ? -10.518 12.739  -7.397  1.00 32.27 ? 12  ARG A NH2 1 
ATOM   103  N  N   . LEU A 1 13  ? -10.785 5.358   -5.836  1.00 25.35 ? 13  LEU A N   1 
ATOM   104  C  CA  . LEU A 1 13  ? -10.207 4.317   -4.995  1.00 24.69 ? 13  LEU A CA  1 
ATOM   105  C  C   . LEU A 1 13  ? -10.811 2.960   -5.183  1.00 24.06 ? 13  LEU A C   1 
ATOM   106  O  O   . LEU A 1 13  ? -10.354 1.973   -4.600  1.00 26.57 ? 13  LEU A O   1 
ATOM   107  C  CB  . LEU A 1 13  ? -10.436 4.717   -3.522  1.00 26.94 ? 13  LEU A CB  1 
ATOM   108  C  CG  . LEU A 1 13  ? -9.612  5.922   -3.117  1.00 28.86 ? 13  LEU A CG  1 
ATOM   109  C  CD1 . LEU A 1 13  ? -10.175 6.501   -1.827  1.00 30.19 ? 13  LEU A CD1 1 
ATOM   110  C  CD2 . LEU A 1 13  ? -8.167  5.508   -2.915  1.00 33.02 ? 13  LEU A CD2 1 
ATOM   111  N  N   . LEU A 1 14  ? -11.909 2.884   -5.938  1.00 23.97 ? 14  LEU A N   1 
ATOM   112  C  CA  . LEU A 1 14  ? -12.640 1.670   -6.124  1.00 26.39 ? 14  LEU A CA  1 
ATOM   113  C  C   . LEU A 1 14  ? -12.327 1.008   -7.500  1.00 30.08 ? 14  LEU A C   1 
ATOM   114  O  O   . LEU A 1 14  ? -12.902 0.000   -7.799  1.00 28.39 ? 14  LEU A O   1 
ATOM   115  C  CB  . LEU A 1 14  ? -14.172 1.970   -6.004  1.00 28.61 ? 14  LEU A CB  1 
ATOM   116  C  CG  . LEU A 1 14  ? -14.498 2.736   -4.648  1.00 32.17 ? 14  LEU A CG  1 
ATOM   117  C  CD1 . LEU A 1 14  ? -15.965 3.208   -4.496  1.00 34.58 ? 14  LEU A CD1 1 
ATOM   118  C  CD2 . LEU A 1 14  ? -14.082 1.884   -3.478  1.00 30.10 ? 14  LEU A CD2 1 
ATOM   119  N  N   . ARG A 1 15  ? -11.395 1.557   -8.269  1.00 31.28 ? 15  ARG A N   1 
ATOM   120  C  CA  . ARG A 1 15  ? -11.040 1.007   -9.638  1.00 32.38 ? 15  ARG A CA  1 
ATOM   121  C  C   . ARG A 1 15  ? -10.098 -0.134  -9.513  1.00 27.59 ? 15  ARG A C   1 
ATOM   122  O  O   . ARG A 1 15  ? -9.359  -0.251  -8.534  1.00 27.60 ? 15  ARG A O   1 
ATOM   123  C  CB  . ARG A 1 15  ? -10.270 2.059   -10.441 1.00 34.67 ? 15  ARG A CB  1 
ATOM   124  C  CG  . ARG A 1 15  ? -11.051 3.273   -10.702 1.00 38.84 ? 15  ARG A CG  1 
ATOM   125  C  CD  . ARG A 1 15  ? -10.419 4.163   -11.745 1.00 38.38 ? 15  ARG A CD  1 
ATOM   126  N  NE  . ARG A 1 15  ? -9.442  5.093   -11.194 1.00 37.50 ? 15  ARG A NE  1 
ATOM   127  C  CZ  . ARG A 1 15  ? -9.165  6.271   -11.732 1.00 37.77 ? 15  ARG A CZ  1 
ATOM   128  N  NH1 . ARG A 1 15  ? -9.822  6.695   -12.817 1.00 41.50 ? 15  ARG A NH1 1 
ATOM   129  N  NH2 . ARG A 1 15  ? -8.238  7.041   -11.195 1.00 38.33 ? 15  ARG A NH2 1 
ATOM   130  N  N   . VAL A 1 16  ? -10.039 -0.976  -10.534 1.00 25.76 ? 16  VAL A N   1 
ATOM   131  C  CA  . VAL A 1 16  ? -8.962  -1.886  -10.682 1.00 26.83 ? 16  VAL A CA  1 
ATOM   132  C  C   . VAL A 1 16  ? -7.896  -1.202  -11.628 1.00 29.50 ? 16  VAL A C   1 
ATOM   133  O  O   . VAL A 1 16  ? -8.168  -0.803  -12.804 1.00 25.94 ? 16  VAL A O   1 
ATOM   134  C  CB  . VAL A 1 16  ? -9.431  -3.325  -11.031 1.00 35.42 ? 16  VAL A CB  1 
ATOM   135  C  CG1 . VAL A 1 16  ? -10.549 -3.323  -12.042 1.00 45.84 ? 16  VAL A CG1 1 
ATOM   136  C  CG2 . VAL A 1 16  ? -8.248  -4.191  -11.475 1.00 31.54 ? 16  VAL A CG2 1 
ATOM   137  N  N   . ALA A 1 17  ? -6.671  -1.059  -11.140 1.00 24.27 ? 17  ALA A N   1 
ATOM   138  C  CA  . ALA A 1 17  ? -5.694  -0.233  -11.895 1.00 24.19 ? 17  ALA A CA  1 
ATOM   139  C  C   . ALA A 1 17  ? -4.975  -1.046  -13.027 1.00 21.50 ? 17  ALA A C   1 
ATOM   140  O  O   . ALA A 1 17  ? -4.613  -2.240  -12.806 1.00 22.57 ? 17  ALA A O   1 
ATOM   141  C  CB  . ALA A 1 17  ? -4.681  0.371   -10.937 1.00 19.95 ? 17  ALA A CB  1 
ATOM   142  N  N   . PRO A 1 18  ? -4.667  -0.373  -14.180 1.00 26.33 ? 18  PRO A N   1 
ATOM   143  C  CA  . PRO A 1 18  ? -3.893  -1.063  -15.231 1.00 24.76 ? 18  PRO A CA  1 
ATOM   144  C  C   . PRO A 1 18  ? -2.388  -1.078  -14.972 1.00 26.18 ? 18  PRO A C   1 
ATOM   145  O  O   . PRO A 1 18  ? -1.866  -0.407  -14.035 1.00 22.52 ? 18  PRO A O   1 
ATOM   146  C  CB  . PRO A 1 18  ? -4.277  -0.282  -16.494 1.00 25.13 ? 18  PRO A CB  1 
ATOM   147  C  CG  . PRO A 1 18  ? -4.355  1.102   -15.997 1.00 25.00 ? 18  PRO A CG  1 
ATOM   148  C  CD  . PRO A 1 18  ? -5.176  0.898   -14.700 1.00 24.68 ? 18  PRO A CD  1 
ATOM   149  N  N   . GLN A 1 19  ? -1.689  -1.895  -15.746 1.00 25.12 ? 19  GLN A N   1 
ATOM   150  C  CA  . GLN A 1 19  ? -0.251  -2.081  -15.606 1.00 29.70 ? 19  GLN A CA  1 
ATOM   151  C  C   . GLN A 1 19  ? 0.530   -0.830  -15.948 1.00 24.12 ? 19  GLN A C   1 
ATOM   152  O  O   . GLN A 1 19  ? 0.103   -0.028  -16.728 1.00 22.27 ? 19  GLN A O   1 
ATOM   153  C  CB  . GLN A 1 19  ? 0.250   -3.199  -16.519 1.00 36.08 ? 19  GLN A CB  1 
ATOM   154  C  CG  . GLN A 1 19  ? -0.056  -4.569  -15.971 1.00 43.12 ? 19  GLN A CG  1 
ATOM   155  C  CD  . GLN A 1 19  ? 0.838   -5.657  -16.601 1.00 55.41 ? 19  GLN A CD  1 
ATOM   156  O  OE1 . GLN A 1 19  ? 1.279   -5.519  -17.741 1.00 54.30 ? 19  GLN A OE1 1 
ATOM   157  N  NE2 . GLN A 1 19  ? 1.128   -6.724  -15.835 1.00 55.62 ? 19  GLN A NE2 1 
ATOM   158  N  N   . VAL A 1 20  ? 1.676   -0.680  -15.310 1.00 21.84 ? 20  VAL A N   1 
ATOM   159  C  CA  . VAL A 1 20  ? 2.669   0.319   -15.645 1.00 19.54 ? 20  VAL A CA  1 
ATOM   160  C  C   . VAL A 1 20  ? 3.356   -0.196  -16.936 1.00 22.06 ? 20  VAL A C   1 
ATOM   161  O  O   . VAL A 1 20  ? 3.824   -1.355  -16.959 1.00 20.87 ? 20  VAL A O   1 
ATOM   162  C  CB  . VAL A 1 20  ? 3.751   0.400   -14.505 1.00 23.55 ? 20  VAL A CB  1 
ATOM   163  C  CG1 . VAL A 1 20  ? 4.991   1.109   -14.942 1.00 26.16 ? 20  VAL A CG1 1 
ATOM   164  C  CG2 . VAL A 1 20  ? 3.178   1.144   -13.261 1.00 23.97 ? 20  VAL A CG2 1 
ATOM   165  N  N   . THR A 1 21  ? 3.475   0.656   -17.957 1.00 21.31 ? 21  THR A N   1 
ATOM   166  C  CA  . THR A 1 21  ? 4.184   0.231   -19.159 1.00 23.42 ? 21  THR A CA  1 
ATOM   167  C  C   . THR A 1 21  ? 5.295   1.198   -19.555 1.00 26.21 ? 21  THR A C   1 
ATOM   168  O  O   . THR A 1 21  ? 5.778   1.157   -20.729 1.00 23.22 ? 21  THR A O   1 
ATOM   169  C  CB  . THR A 1 21  ? 3.236   0.132   -20.374 1.00 25.38 ? 21  THR A CB  1 
ATOM   170  O  OG1 . THR A 1 21  ? 2.641   1.384   -20.497 1.00 29.53 ? 21  THR A OG1 1 
ATOM   171  C  CG2 . THR A 1 21  ? 2.251   -0.933  -20.235 1.00 30.64 ? 21  THR A CG2 1 
ATOM   172  N  N   . ASN A 1 22  ? 5.758   2.017   -18.607 1.00 22.94 ? 22  ASN A N   1 
ATOM   173  C  CA  . ASN A 1 22  ? 6.842   3.001   -18.839 1.00 22.03 ? 22  ASN A CA  1 
ATOM   174  C  C   . ASN A 1 22  ? 7.949   2.900   -17.776 1.00 21.09 ? 22  ASN A C   1 
ATOM   175  O  O   . ASN A 1 22  ? 8.551   3.913   -17.370 1.00 23.90 ? 22  ASN A O   1 
ATOM   176  C  CB  . ASN A 1 22  ? 6.285   4.385   -19.012 1.00 22.30 ? 22  ASN A CB  1 
ATOM   177  C  CG  . ASN A 1 22  ? 5.605   4.947   -17.744 1.00 27.38 ? 22  ASN A CG  1 
ATOM   178  O  OD1 . ASN A 1 22  ? 5.301   6.136   -17.683 1.00 33.07 ? 22  ASN A OD1 1 
ATOM   179  N  ND2 . ASN A 1 22  ? 5.416   4.132   -16.755 1.00 21.46 ? 22  ASN A ND2 1 
ATOM   180  N  N   . LEU A 1 23  ? 8.293   1.654   -17.467 1.00 19.33 ? 23  LEU A N   1 
ATOM   181  C  CA  . LEU A 1 23  ? 9.440   1.350   -16.635 1.00 23.46 ? 23  LEU A CA  1 
ATOM   182  C  C   . LEU A 1 23  ? 10.717  1.940   -17.240 1.00 26.43 ? 23  LEU A C   1 
ATOM   183  O  O   . LEU A 1 23  ? 10.909  1.898   -18.462 1.00 24.56 ? 23  LEU A O   1 
ATOM   184  C  CB  . LEU A 1 23  ? 9.666   -0.133  -16.484 1.00 22.40 ? 23  LEU A CB  1 
ATOM   185  C  CG  . LEU A 1 23  ? 8.545   -0.915  -15.790 1.00 27.54 ? 23  LEU A CG  1 
ATOM   186  C  CD1 . LEU A 1 23  ? 8.798   -2.383  -15.939 1.00 27.92 ? 23  LEU A CD1 1 
ATOM   187  C  CD2 . LEU A 1 23  ? 8.391   -0.533  -14.283 1.00 23.87 ? 23  LEU A CD2 1 
ATOM   188  N  N   . GLY A 1 24  ? 11.549  2.539   -16.383 1.00 23.67 ? 24  GLY A N   1 
ATOM   189  C  CA  . GLY A 1 24  ? 12.805  3.225   -16.794 1.00 23.29 ? 24  GLY A CA  1 
ATOM   190  C  C   . GLY A 1 24  ? 12.660  4.587   -17.404 1.00 21.17 ? 24  GLY A C   1 
ATOM   191  O  O   . GLY A 1 24  ? 13.644  5.193   -17.776 1.00 25.70 ? 24  GLY A O   1 
ATOM   192  N  N   . SER A 1 25  ? 11.470  5.106   -17.470 1.00 21.83 ? 25  SER A N   1 
ATOM   193  C  CA  . SER A 1 25  ? 11.211  6.397   -18.076 1.00 24.02 ? 25  SER A CA  1 
ATOM   194  C  C   . SER A 1 25  ? 11.466  7.507   -17.072 1.00 25.75 ? 25  SER A C   1 
ATOM   195  O  O   . SER A 1 25  ? 11.318  7.256   -15.867 1.00 25.54 ? 25  SER A O   1 
ATOM   196  C  CB  . SER A 1 25  ? 9.796   6.489   -18.606 1.00 25.60 ? 25  SER A CB  1 
ATOM   197  O  OG  . SER A 1 25  ? 8.747   6.443   -17.657 1.00 23.99 ? 25  SER A OG  1 
ATOM   198  N  N   . ALA A 1 26  ? 11.779  8.714   -17.559 1.00 24.00 ? 26  ALA A N   1 
ATOM   199  C  CA  . ALA A 1 26  ? 11.791  9.939   -16.743 1.00 27.70 ? 26  ALA A CA  1 
ATOM   200  C  C   . ALA A 1 26  ? 10.429  10.188  -16.118 1.00 28.77 ? 26  ALA A C   1 
ATOM   201  O  O   . ALA A 1 26  ? 10.355  10.584  -14.965 1.00 25.60 ? 26  ALA A O   1 
ATOM   202  C  CB  . ALA A 1 26  ? 12.261  11.185  -17.562 1.00 28.18 ? 26  ALA A CB  1 
ATOM   203  N  N   . GLU A 1 27  ? 9.347   10.029  -16.876 1.00 26.63 ? 27  GLU A N   1 
ATOM   204  C  CA  . GLU A 1 27  ? 8.026   10.282  -16.376 1.00 26.82 ? 27  GLU A CA  1 
ATOM   205  C  C   . GLU A 1 27  ? 7.683   9.429   -15.107 1.00 26.95 ? 27  GLU A C   1 
ATOM   206  O  O   . GLU A 1 27  ? 7.103   9.928   -14.120 1.00 25.13 ? 27  GLU A O   1 
ATOM   207  C  CB  . GLU A 1 27  ? 6.959   9.988   -17.414 1.00 32.01 ? 27  GLU A CB  1 
ATOM   208  C  CG  . GLU A 1 27  ? 6.881   10.980  -18.561 1.00 35.59 ? 27  GLU A CG  1 
ATOM   209  C  CD  . GLU A 1 27  ? 7.940   10.793  -19.686 1.00 40.56 ? 27  GLU A CD  1 
ATOM   210  O  OE1 . GLU A 1 27  ? 8.868   9.926   -19.615 1.00 33.27 ? 27  GLU A OE1 1 
ATOM   211  O  OE2 . GLU A 1 27  ? 7.834   11.578  -20.663 1.00 52.33 ? 27  GLU A OE2 1 
ATOM   212  N  N   . LEU A 1 28  ? 8.025   8.155   -15.178 1.00 25.84 ? 28  LEU A N   1 
ATOM   213  C  CA  . LEU A 1 28  ? 7.792   7.234   -14.079 1.00 24.61 ? 28  LEU A CA  1 
ATOM   214  C  C   . LEU A 1 28  ? 8.681   7.560   -12.888 1.00 26.05 ? 28  LEU A C   1 
ATOM   215  O  O   . LEU A 1 28  ? 8.203   7.498   -11.765 1.00 21.48 ? 28  LEU A O   1 
ATOM   216  C  CB  . LEU A 1 28  ? 7.979   5.798   -14.484 1.00 21.19 ? 28  LEU A CB  1 
ATOM   217  C  CG  . LEU A 1 28  ? 7.663   4.780   -13.369 1.00 21.08 ? 28  LEU A CG  1 
ATOM   218  C  CD1 . LEU A 1 28  ? 6.180   4.694   -12.991 1.00 23.77 ? 28  LEU A CD1 1 
ATOM   219  C  CD2 . LEU A 1 28  ? 8.242   3.412   -13.719 1.00 23.41 ? 28  LEU A CD2 1 
ATOM   220  N  N   . HIS A 1 29  ? 9.970   7.816   -13.133 1.00 27.38 ? 29  HIS A N   1 
ATOM   221  C  CA  . HIS A 1 29  ? 10.884  8.327   -12.064 1.00 29.74 ? 29  HIS A CA  1 
ATOM   222  C  C   . HIS A 1 29  ? 10.304  9.562   -11.359 1.00 25.91 ? 29  HIS A C   1 
ATOM   223  O  O   . HIS A 1 29  ? 10.321  9.581   -10.140 1.00 23.63 ? 29  HIS A O   1 
ATOM   224  C  CB  . HIS A 1 29  ? 12.363  8.523   -12.555 1.00 30.38 ? 29  HIS A CB  1 
ATOM   225  C  CG  . HIS A 1 29  ? 13.094  7.207   -12.747 1.00 36.59 ? 29  HIS A CG  1 
ATOM   226  N  ND1 . HIS A 1 29  ? 13.575  6.457   -11.687 1.00 40.97 ? 29  HIS A ND1 1 
ATOM   227  C  CD2 . HIS A 1 29  ? 13.368  6.475   -13.868 1.00 38.08 ? 29  HIS A CD2 1 
ATOM   228  C  CE1 . HIS A 1 29  ? 14.125  5.341   -12.145 1.00 38.18 ? 29  HIS A CE1 1 
ATOM   229  N  NE2 . HIS A 1 29  ? 14.000  5.323   -13.460 1.00 39.28 ? 29  HIS A NE2 1 
ATOM   230  N  N   . ALA A 1 30  ? 9.730   10.527  -12.090 1.00 21.87 ? 30  ALA A N   1 
ATOM   231  C  CA  . ALA A 1 30  ? 9.153   11.690  -11.466 1.00 27.31 ? 30  ALA A CA  1 
ATOM   232  C  C   . ALA A 1 30  ? 7.934   11.368  -10.585 1.00 29.25 ? 30  ALA A C   1 
ATOM   233  O  O   . ALA A 1 30  ? 7.822   11.943  -9.516  1.00 25.62 ? 30  ALA A O   1 
ATOM   234  C  CB  . ALA A 1 30  ? 8.765   12.732  -12.483 1.00 25.64 ? 30  ALA A CB  1 
ATOM   235  N  N   . LEU A 1 31  ? 7.019   10.504  -11.080 1.00 23.33 ? 31  LEU A N   1 
ATOM   236  C  CA  . LEU A 1 31  ? 5.865   10.086  -10.318 1.00 22.65 ? 31  LEU A CA  1 
ATOM   237  C  C   . LEU A 1 31  ? 6.300   9.354   -9.049  1.00 19.82 ? 31  LEU A C   1 
ATOM   238  O  O   . LEU A 1 31  ? 5.816   9.684   -7.955  1.00 20.77 ? 31  LEU A O   1 
ATOM   239  C  CB  . LEU A 1 31  ? 4.949   9.199   -11.157 1.00 23.50 ? 31  LEU A CB  1 
ATOM   240  C  CG  . LEU A 1 31  ? 3.810   8.452   -10.448 1.00 22.87 ? 31  LEU A CG  1 
ATOM   241  C  CD1 . LEU A 1 31  ? 2.889   9.471   -9.850  1.00 21.87 ? 31  LEU A CD1 1 
ATOM   242  C  CD2 . LEU A 1 31  ? 2.993   7.621   -11.418 1.00 28.39 ? 31  LEU A CD2 1 
ATOM   243  N  N   . VAL A 1 32  ? 7.273   8.457   -9.132  1.00 20.62 ? 32  VAL A N   1 
ATOM   244  C  CA  . VAL A 1 32  ? 7.747   7.751   -7.942  1.00 19.68 ? 32  VAL A CA  1 
ATOM   245  C  C   . VAL A 1 32  ? 8.328   8.706   -6.902  1.00 23.34 ? 32  VAL A C   1 
ATOM   246  O  O   . VAL A 1 32  ? 8.133   8.497   -5.681  1.00 18.19 ? 32  VAL A O   1 
ATOM   247  C  CB  . VAL A 1 32  ? 8.719   6.653   -8.274  1.00 19.50 ? 32  VAL A CB  1 
ATOM   248  C  CG1 . VAL A 1 32  ? 9.426   6.086   -7.081  1.00 19.79 ? 32  VAL A CG1 1 
ATOM   249  C  CG2 . VAL A 1 32  ? 7.950   5.507   -8.943  1.00 24.52 ? 32  VAL A CG2 1 
ATOM   250  N  N   . SER A 1 33  ? 9.166   9.632   -7.373  1.00 23.05 ? 33  SER A N   1 
ATOM   251  C  CA  . SER A 1 33  ? 9.788   10.612  -6.489  1.00 26.68 ? 33  SER A CA  1 
ATOM   252  C  C   . SER A 1 33  ? 8.666   11.429  -5.770  1.00 23.15 ? 33  SER A C   1 
ATOM   253  O  O   . SER A 1 33  ? 8.689   11.606  -4.509  1.00 24.02 ? 33  SER A O   1 
ATOM   254  C  CB  . SER A 1 33  ? 10.796  11.441  -7.327  1.00 27.75 ? 33  SER A CB  1 
ATOM   255  O  OG  . SER A 1 33  ? 11.292  12.480  -6.541  1.00 31.42 ? 33  SER A OG  1 
ATOM   256  N  N   . ASP A 1 34  ? 7.650   11.848  -6.517  1.00 23.63 ? 34  ASP A N   1 
ATOM   257  C  CA  . ASP A 1 34  ? 6.441   12.529  -5.920  1.00 25.72 ? 34  ASP A CA  1 
ATOM   258  C  C   . ASP A 1 34  ? 5.669   11.661  -4.876  1.00 25.68 ? 34  ASP A C   1 
ATOM   259  O  O   . ASP A 1 34  ? 5.178   12.169  -3.833  1.00 23.39 ? 34  ASP A O   1 
ATOM   260  C  CB  . ASP A 1 34  ? 5.381   12.919  -6.913  1.00 24.78 ? 34  ASP A CB  1 
ATOM   261  C  CG  . ASP A 1 34  ? 5.792   14.017  -7.877  1.00 31.17 ? 34  ASP A CG  1 
ATOM   262  O  OD1 . ASP A 1 34  ? 6.793   14.679  -7.654  1.00 35.01 ? 34  ASP A OD1 1 
ATOM   263  O  OD2 . ASP A 1 34  ? 5.052   14.180  -8.878  1.00 34.55 ? 34  ASP A OD2 1 
ATOM   264  N  N   . MET A 1 35  ? 5.548   10.384  -5.170  1.00 19.91 ? 35  MET A N   1 
ATOM   265  C  CA  . MET A 1 35  ? 4.902   9.449   -4.222  1.00 20.69 ? 35  MET A CA  1 
ATOM   266  C  C   . MET A 1 35  ? 5.698   9.277   -2.911  1.00 20.45 ? 35  MET A C   1 
ATOM   267  O  O   . MET A 1 35  ? 5.086   9.310   -1.830  1.00 22.28 ? 35  MET A O   1 
ATOM   268  C  CB  . MET A 1 35  ? 4.682   8.080   -4.874  1.00 19.94 ? 35  MET A CB  1 
ATOM   269  C  CG  . MET A 1 35  ? 3.678   8.154   -5.975  1.00 21.93 ? 35  MET A CG  1 
ATOM   270  S  SD  . MET A 1 35  ? 3.417   6.526   -6.729  1.00 24.87 ? 35  MET A SD  1 
ATOM   271  C  CE  . MET A 1 35  ? 2.706   5.508   -5.408  1.00 23.72 ? 35  MET A CE  1 
ATOM   272  N  N   . PHE A 1 36  ? 7.021   9.141   -2.998  1.00 22.23 ? 36  PHE A N   1 
ATOM   273  C  CA  . PHE A 1 36  ? 7.850   9.129   -1.804  1.00 21.81 ? 36  PHE A CA  1 
ATOM   274  C  C   . PHE A 1 36  ? 7.711   10.425  -0.996  1.00 22.75 ? 36  PHE A C   1 
ATOM   275  O  O   . PHE A 1 36  ? 7.654   10.309  0.249   1.00 19.62 ? 36  PHE A O   1 
ATOM   276  C  CB  . PHE A 1 36  ? 9.343   8.815   -2.007  1.00 21.94 ? 36  PHE A CB  1 
ATOM   277  C  CG  . PHE A 1 36  ? 9.654   7.336   -2.219  1.00 21.80 ? 36  PHE A CG  1 
ATOM   278  C  CD1 . PHE A 1 36  ? 9.487   6.386   -1.190  1.00 21.60 ? 36  PHE A CD1 1 
ATOM   279  C  CD2 . PHE A 1 36  ? 10.164  6.894   -3.465  1.00 21.12 ? 36  PHE A CD2 1 
ATOM   280  C  CE1 . PHE A 1 36  ? 9.790   5.046   -1.411  1.00 20.73 ? 36  PHE A CE1 1 
ATOM   281  C  CE2 . PHE A 1 36  ? 10.470  5.556   -3.658  1.00 20.81 ? 36  PHE A CE2 1 
ATOM   282  C  CZ  . PHE A 1 36  ? 10.294  4.638   -2.654  1.00 19.67 ? 36  PHE A CZ  1 
ATOM   283  N  N   . GLU A 1 37  ? 7.730   11.597  -1.678  1.00 20.62 ? 37  GLU A N   1 
ATOM   284  C  CA  . GLU A 1 37  ? 7.586   12.867  -0.986  1.00 23.76 ? 37  GLU A CA  1 
ATOM   285  C  C   . GLU A 1 37  ? 6.193   12.999  -0.265  1.00 25.03 ? 37  GLU A C   1 
ATOM   286  O  O   . GLU A 1 37  ? 6.094   13.477  0.891   1.00 23.61 ? 37  GLU A O   1 
ATOM   287  C  CB  . GLU A 1 37  ? 7.882   14.049  -1.969  1.00 26.88 ? 37  GLU A CB  1 
ATOM   288  C  CG  . GLU A 1 37  ? 8.064   15.327  -1.196  1.00 26.42 ? 37  GLU A CG  1 
ATOM   289  C  CD  . GLU A 1 37  ? 8.346   16.505  -2.086  1.00 27.54 ? 37  GLU A CD  1 
ATOM   290  O  OE1 . GLU A 1 37  ? 8.181   16.414  -3.341  1.00 27.21 ? 37  GLU A OE1 1 
ATOM   291  O  OE2 . GLU A 1 37  ? 8.655   17.546  -1.480  1.00 31.64 ? 37  GLU A OE2 1 
ATOM   292  N  N   . THR A 1 38  ? 5.159   12.515  -0.933  1.00 20.96 ? 38  THR A N   1 
ATOM   293  C  CA  . THR A 1 38  ? 3.810   12.539  -0.485  1.00 21.58 ? 38  THR A CA  1 
ATOM   294  C  C   . THR A 1 38  ? 3.623   11.677  0.733   1.00 25.40 ? 38  THR A C   1 
ATOM   295  O  O   . THR A 1 38  ? 3.038   12.116  1.765   1.00 21.58 ? 38  THR A O   1 
ATOM   296  C  CB  . THR A 1 38  ? 2.870   12.163  -1.635  1.00 21.28 ? 38  THR A CB  1 
ATOM   297  O  OG1 . THR A 1 38  ? 3.004   13.171  -2.675  1.00 22.54 ? 38  THR A OG1 1 
ATOM   298  C  CG2 . THR A 1 38  ? 1.423   12.158  -1.216  1.00 21.16 ? 38  THR A CG2 1 
ATOM   299  N  N   . MET A 1 39  ? 4.133   10.465  0.634   1.00 24.03 ? 39  MET A N   1 
ATOM   300  C  CA  . MET A 1 39  ? 4.081   9.513   1.739   1.00 26.82 ? 39  MET A CA  1 
ATOM   301  C  C   . MET A 1 39  ? 4.763   10.086  3.021   1.00 25.43 ? 39  MET A C   1 
ATOM   302  O  O   . MET A 1 39  ? 4.218   9.962   4.117   1.00 25.24 ? 39  MET A O   1 
ATOM   303  C  CB  . MET A 1 39  ? 4.721   8.181   1.332   1.00 24.69 ? 39  MET A CB  1 
ATOM   304  C  CG  . MET A 1 39  ? 4.670   7.107   2.388   1.00 28.22 ? 39  MET A CG  1 
ATOM   305  S  SD  . MET A 1 39  ? 5.274   5.482   1.907   1.00 27.35 ? 39  MET A SD  1 
ATOM   306  C  CE  . MET A 1 39  ? 6.993   5.473   2.293   1.00 26.58 ? 39  MET A CE  1 
ATOM   307  N  N   . GLY A 1 40  ? 5.938   10.676  2.821   1.00 22.47 ? 40  GLY A N   1 
ATOM   308  C  CA  . GLY A 1 40  ? 6.732   11.348  3.831   1.00 24.85 ? 40  GLY A CA  1 
ATOM   309  C  C   . GLY A 1 40  ? 5.982   12.510  4.490   1.00 24.46 ? 40  GLY A C   1 
ATOM   310  O  O   . GLY A 1 40  ? 5.895   12.524  5.684   1.00 23.68 ? 40  GLY A O   1 
ATOM   311  N  N   . ALA A 1 41  ? 5.408   13.411  3.730   1.00 23.66 ? 41  ALA A N   1 
ATOM   312  C  CA  . ALA A 1 41  ? 4.589   14.527  4.289   1.00 24.98 ? 41  ALA A CA  1 
ATOM   313  C  C   . ALA A 1 41  ? 3.337   14.037  5.110   1.00 28.73 ? 41  ALA A C   1 
ATOM   314  O  O   . ALA A 1 41  ? 2.970   14.602  6.083   1.00 26.95 ? 41  ALA A O   1 
ATOM   315  C  CB  . ALA A 1 41  ? 4.108   15.443  3.190   1.00 23.36 ? 41  ALA A CB  1 
ATOM   316  N  N   . ALA A 1 42  ? 2.740   12.954  4.707   1.00 26.79 ? 42  ALA A N   1 
ATOM   317  C  CA  . ALA A 1 42  ? 1.582   12.404  5.362   1.00 27.25 ? 42  ALA A CA  1 
ATOM   318  C  C   . ALA A 1 42  ? 1.995   11.472  6.521   1.00 26.41 ? 42  ALA A C   1 
ATOM   319  O  O   . ALA A 1 42  ? 1.114   10.936  7.148   1.00 24.15 ? 42  ALA A O   1 
ATOM   320  C  CB  . ALA A 1 42  ? 0.753   11.625  4.351   1.00 27.98 ? 42  ALA A CB  1 
ATOM   321  N  N   . HIS A 1 43  ? 3.275   11.214  6.743   1.00 22.02 ? 43  HIS A N   1 
ATOM   322  C  CA  . HIS A 1 43  ? 3.738   10.272  7.775   1.00 26.65 ? 43  HIS A CA  1 
ATOM   323  C  C   . HIS A 1 43  ? 3.178   8.854   7.548   1.00 27.47 ? 43  HIS A C   1 
ATOM   324  O  O   . HIS A 1 43  ? 2.877   8.108   8.470   1.00 27.74 ? 43  HIS A O   1 
ATOM   325  C  CB  . HIS A 1 43  ? 3.438   10.778  9.197   1.00 31.91 ? 43  HIS A CB  1 
ATOM   326  C  CG  . HIS A 1 43  ? 4.067   12.113  9.548   1.00 37.74 ? 43  HIS A CG  1 
ATOM   327  N  ND1 . HIS A 1 43  ? 4.147   12.543  10.852  1.00 45.98 ? 43  HIS A ND1 1 
ATOM   328  C  CD2 . HIS A 1 43  ? 4.599   13.115  8.799   1.00 33.11 ? 43  HIS A CD2 1 
ATOM   329  C  CE1 . HIS A 1 43  ? 4.700   13.742  10.895  1.00 50.15 ? 43  HIS A CE1 1 
ATOM   330  N  NE2 . HIS A 1 43  ? 5.028   14.104  9.669   1.00 37.13 ? 43  HIS A NE2 1 
ATOM   331  N  N   . GLY A 1 44  ? 3.120   8.432   6.288   1.00 24.70 ? 44  GLY A N   1 
ATOM   332  C  CA  . GLY A 1 44  ? 2.748   7.042   5.965   1.00 25.00 ? 44  GLY A CA  1 
ATOM   333  C  C   . GLY A 1 44  ? 3.886   6.055   5.957   1.00 24.07 ? 44  GLY A C   1 
ATOM   334  O  O   . GLY A 1 44  ? 5.022   6.475   5.926   1.00 23.93 ? 44  GLY A O   1 
ATOM   335  N  N   . VAL A 1 45  ? 3.577   4.748   6.021   1.00 22.23 ? 45  VAL A N   1 
ATOM   336  C  CA  . VAL A 1 45  ? 4.531   3.676   5.709   1.00 22.99 ? 45  VAL A CA  1 
ATOM   337  C  C   . VAL A 1 45  ? 4.285   3.009   4.309   1.00 22.88 ? 45  VAL A C   1 
ATOM   338  O  O   . VAL A 1 45  ? 5.003   2.083   3.892   1.00 23.88 ? 45  VAL A O   1 
ATOM   339  C  CB  . VAL A 1 45  ? 4.574   2.596   6.820   1.00 24.61 ? 45  VAL A CB  1 
ATOM   340  C  CG1 . VAL A 1 45  ? 5.016   3.253   8.145   1.00 27.58 ? 45  VAL A CG1 1 
ATOM   341  C  CG2 . VAL A 1 45  ? 3.245   1.915   6.924   1.00 28.22 ? 45  VAL A CG2 1 
ATOM   342  N  N   . GLY A 1 46  ? 3.240   3.425   3.631   1.00 23.44 ? 46  GLY A N   1 
ATOM   343  C  CA  . GLY A 1 46  ? 2.932   2.881   2.326   1.00 22.35 ? 46  GLY A CA  1 
ATOM   344  C  C   . GLY A 1 46  ? 2.072   3.923   1.645   1.00 22.97 ? 46  GLY A C   1 
ATOM   345  O  O   . GLY A 1 46  ? 1.426   4.736   2.324   1.00 28.68 ? 46  GLY A O   1 
ATOM   346  N  N   . LEU A 1 47  ? 2.043   3.907   0.331   1.00 21.61 ? 47  LEU A N   1 
ATOM   347  C  CA  . LEU A 1 47  ? 1.144   4.746   -0.441  1.00 19.52 ? 47  LEU A CA  1 
ATOM   348  C  C   . LEU A 1 47  ? 0.939   4.108   -1.825  1.00 19.56 ? 47  LEU A C   1 
ATOM   349  O  O   . LEU A 1 47  ? 1.935   3.751   -2.503  1.00 20.24 ? 47  LEU A O   1 
ATOM   350  C  CB  . LEU A 1 47  ? 1.753   6.141   -0.564  1.00 20.87 ? 47  LEU A CB  1 
ATOM   351  C  CG  . LEU A 1 47  ? 0.885   7.096   -1.406  1.00 22.35 ? 47  LEU A CG  1 
ATOM   352  C  CD1 . LEU A 1 47  ? -0.376  7.563   -0.674  1.00 23.81 ? 47  LEU A CD1 1 
ATOM   353  C  CD2 . LEU A 1 47  ? 1.669   8.305   -1.897  1.00 25.03 ? 47  LEU A CD2 1 
ATOM   354  N  N   . ALA A 1 48  ? -0.295  3.993   -2.290  1.00 20.22 ? 48  ALA A N   1 
ATOM   355  C  CA  . ALA A 1 48  ? -0.530  3.395   -3.600  1.00 21.41 ? 48  ALA A CA  1 
ATOM   356  C  C   . ALA A 1 48  ? -0.917  4.479   -4.541  1.00 20.18 ? 48  ALA A C   1 
ATOM   357  O  O   . ALA A 1 48  ? -1.505  5.454   -4.167  1.00 21.00 ? 48  ALA A O   1 
ATOM   358  C  CB  . ALA A 1 48  ? -1.582  2.279   -3.553  1.00 23.14 ? 48  ALA A CB  1 
ATOM   359  N  N   . ALA A 1 49  ? -0.598  4.309   -5.822  1.00 22.50 ? 49  ALA A N   1 
ATOM   360  C  CA  . ALA A 1 49  ? -0.868  5.341   -6.797  1.00 19.24 ? 49  ALA A CA  1 
ATOM   361  C  C   . ALA A 1 49  ? -2.323  5.716   -6.878  1.00 21.62 ? 49  ALA A C   1 
ATOM   362  O  O   . ALA A 1 49  ? -2.613  6.888   -7.110  1.00 21.02 ? 49  ALA A O   1 
ATOM   363  C  CB  . ALA A 1 49  ? -0.358  4.901   -8.234  1.00 22.16 ? 49  ALA A CB  1 
ATOM   364  N  N   . PRO A 1 50  ? -3.267  4.747   -6.754  1.00 20.54 ? 50  PRO A N   1 
ATOM   365  C  CA  . PRO A 1 50  ? -4.650  5.258   -6.706  1.00 22.60 ? 50  PRO A CA  1 
ATOM   366  C  C   . PRO A 1 50  ? -5.022  6.237   -5.631  1.00 22.09 ? 50  PRO A C   1 
ATOM   367  O  O   . PRO A 1 50  ? -5.942  7.023   -5.889  1.00 22.98 ? 50  PRO A O   1 
ATOM   368  C  CB  . PRO A 1 50  ? -5.533  3.982   -6.588  1.00 24.64 ? 50  PRO A CB  1 
ATOM   369  C  CG  . PRO A 1 50  ? -4.710  2.928   -7.258  1.00 23.11 ? 50  PRO A CG  1 
ATOM   370  C  CD  . PRO A 1 50  ? -3.267  3.267   -6.766  1.00 23.19 ? 50  PRO A CD  1 
ATOM   371  N  N   . GLN A 1 51  ? -4.292  6.272   -4.499  1.00 21.73 ? 51  GLN A N   1 
ATOM   372  C  CA  . GLN A 1 51  ? -4.552  7.261   -3.463  1.00 22.92 ? 51  GLN A CA  1 
ATOM   373  C  C   . GLN A 1 51  ? -4.215  8.705   -3.837  1.00 25.77 ? 51  GLN A C   1 
ATOM   374  O  O   . GLN A 1 51  ? -4.689  9.627   -3.163  1.00 24.28 ? 51  GLN A O   1 
ATOM   375  C  CB  . GLN A 1 51  ? -3.820  6.942   -2.158  1.00 21.46 ? 51  GLN A CB  1 
ATOM   376  C  CG  . GLN A 1 51  ? -4.233  5.622   -1.557  1.00 22.19 ? 51  GLN A CG  1 
ATOM   377  C  CD  . GLN A 1 51  ? -3.464  5.269   -0.292  1.00 23.38 ? 51  GLN A CD  1 
ATOM   378  O  OE1 . GLN A 1 51  ? -2.383  4.666   -0.378  1.00 26.04 ? 51  GLN A OE1 1 
ATOM   379  N  NE2 . GLN A 1 51  ? -3.999  5.642   0.883   1.00 21.99 ? 51  GLN A NE2 1 
ATOM   380  N  N   . ILE A 1 52  ? -3.421  8.916   -4.890  1.00 23.22 ? 52  ILE A N   1 
ATOM   381  C  CA  . ILE A 1 52  ? -3.211  10.214  -5.406  1.00 23.86 ? 52  ILE A CA  1 
ATOM   382  C  C   . ILE A 1 52  ? -3.862  10.311  -6.762  1.00 23.31 ? 52  ILE A C   1 
ATOM   383  O  O   . ILE A 1 52  ? -3.426  11.075  -7.550  1.00 27.20 ? 52  ILE A O   1 
ATOM   384  C  CB  . ILE A 1 52  ? -1.715  10.581  -5.456  1.00 25.19 ? 52  ILE A CB  1 
ATOM   385  C  CG1 . ILE A 1 52  ? -0.886  9.580   -6.304  1.00 25.81 ? 52  ILE A CG1 1 
ATOM   386  C  CG2 . ILE A 1 52  ? -1.166  10.689  -4.043  1.00 24.70 ? 52  ILE A CG2 1 
ATOM   387  C  CD1 . ILE A 1 52  ? 0.500   10.032  -6.677  1.00 27.22 ? 52  ILE A CD1 1 
ATOM   388  N  N   . ALA A 1 53  ? -4.926  9.557   -6.992  1.00 22.40 ? 53  ALA A N   1 
ATOM   389  C  CA  . ALA A 1 53  ? -5.738  9.575   -8.224  1.00 26.34 ? 53  ALA A CA  1 
ATOM   390  C  C   . ALA A 1 53  ? -4.904  9.260   -9.486  1.00 28.40 ? 53  ALA A C   1 
ATOM   391  O  O   . ALA A 1 53  ? -5.187  9.747   -10.537 1.00 31.43 ? 53  ALA A O   1 
ATOM   392  C  CB  . ALA A 1 53  ? -6.570  10.879  -8.372  1.00 27.27 ? 53  ALA A CB  1 
ATOM   393  N  N   . VAL A 1 54  ? -3.887  8.417   -9.369  1.00 27.14 ? 54  VAL A N   1 
ATOM   394  C  CA  . VAL A 1 54  ? -3.156  7.917   -10.528 1.00 27.84 ? 54  VAL A CA  1 
ATOM   395  C  C   . VAL A 1 54  ? -3.539  6.418   -10.654 1.00 28.66 ? 54  VAL A C   1 
ATOM   396  O  O   . VAL A 1 54  ? -3.229  5.557   -9.795  1.00 25.91 ? 54  VAL A O   1 
ATOM   397  C  CB  . VAL A 1 54  ? -1.631  8.214   -10.386 1.00 27.09 ? 54  VAL A CB  1 
ATOM   398  C  CG1 . VAL A 1 54  ? -0.819  7.569   -11.493 1.00 28.84 ? 54  VAL A CG1 1 
ATOM   399  C  CG2 . VAL A 1 54  ? -1.404  9.687   -10.389 1.00 29.53 ? 54  VAL A CG2 1 
ATOM   400  N  N   . ASP A 1 55  ? -4.243  6.116   -11.747 1.00 28.82 ? 55  ASP A N   1 
ATOM   401  C  CA  . ASP A 1 55  ? -4.729  4.765   -12.029 1.00 31.23 ? 55  ASP A CA  1 
ATOM   402  C  C   . ASP A 1 55  ? -3.599  3.886   -12.639 1.00 30.55 ? 55  ASP A C   1 
ATOM   403  O  O   . ASP A 1 55  ? -3.512  3.696   -13.853 1.00 25.29 ? 55  ASP A O   1 
ATOM   404  C  CB  . ASP A 1 55  ? -5.964  4.892   -12.966 1.00 32.98 ? 55  ASP A CB  1 
ATOM   405  C  CG  . ASP A 1 55  ? -6.778  3.614   -13.081 1.00 36.68 ? 55  ASP A CG  1 
ATOM   406  O  OD1 . ASP A 1 55  ? -6.671  2.703   -12.240 1.00 38.84 ? 55  ASP A OD1 1 
ATOM   407  O  OD2 . ASP A 1 55  ? -7.547  3.523   -14.042 1.00 47.50 ? 55  ASP A OD2 1 
ATOM   408  N  N   . LEU A 1 56  ? -2.725  3.368   -11.784 1.00 27.12 ? 56  LEU A N   1 
ATOM   409  C  CA  . LEU A 1 56  ? -1.632  2.497   -12.193 1.00 23.35 ? 56  LEU A CA  1 
ATOM   410  C  C   . LEU A 1 56  ? -1.324  1.534   -11.128 1.00 22.76 ? 56  LEU A C   1 
ATOM   411  O  O   . LEU A 1 56  ? -1.428  1.902   -9.924  1.00 23.11 ? 56  LEU A O   1 
ATOM   412  C  CB  . LEU A 1 56  ? -0.325  3.312   -12.407 1.00 25.53 ? 56  LEU A CB  1 
ATOM   413  C  CG  . LEU A 1 56  ? -0.208  4.248   -13.615 1.00 27.42 ? 56  LEU A CG  1 
ATOM   414  C  CD1 . LEU A 1 56  ? 1.122   5.021   -13.556 1.00 28.41 ? 56  LEU A CD1 1 
ATOM   415  C  CD2 . LEU A 1 56  ? -0.340  3.471   -14.943 1.00 28.54 ? 56  LEU A CD2 1 
ATOM   416  N  N   . GLN A 1 57  ? -0.798  0.388   -11.506 1.00 20.18 ? 57  GLN A N   1 
ATOM   417  C  CA  . GLN A 1 57  ? -0.300  -0.609  -10.546 1.00 19.53 ? 57  GLN A CA  1 
ATOM   418  C  C   . GLN A 1 57  ? 1.089   -0.228  -10.002 1.00 21.05 ? 57  GLN A C   1 
ATOM   419  O  O   . GLN A 1 57  ? 2.127   -0.749  -10.445 1.00 19.53 ? 57  GLN A O   1 
ATOM   420  C  CB  . GLN A 1 57  ? -0.251  -2.045  -11.112 1.00 21.03 ? 57  GLN A CB  1 
ATOM   421  C  CG  . GLN A 1 57  ? -1.580  -2.671  -11.457 1.00 21.21 ? 57  GLN A CG  1 
ATOM   422  C  CD  . GLN A 1 57  ? -1.470  -3.942  -12.247 1.00 23.04 ? 57  GLN A CD  1 
ATOM   423  O  OE1 . GLN A 1 57  ? -0.507  -4.665  -12.152 1.00 24.95 ? 57  GLN A OE1 1 
ATOM   424  N  NE2 . GLN A 1 57  ? -2.427  -4.158  -13.133 1.00 24.89 ? 57  GLN A NE2 1 
ATOM   425  N  N   . LEU A 1 58  ? 1.128   0.644   -8.994  1.00 20.35 ? 58  LEU A N   1 
ATOM   426  C  CA  . LEU A 1 58  ? 2.396   1.174   -8.477  1.00 17.53 ? 58  LEU A CA  1 
ATOM   427  C  C   . LEU A 1 58  ? 2.148   1.603   -6.990  1.00 17.28 ? 58  LEU A C   1 
ATOM   428  O  O   . LEU A 1 58  ? 1.078   2.177   -6.693  1.00 18.17 ? 58  LEU A O   1 
ATOM   429  C  CB  . LEU A 1 58  ? 2.712   2.455   -9.221  1.00 19.73 ? 58  LEU A CB  1 
ATOM   430  C  CG  . LEU A 1 58  ? 3.959   3.225   -8.846  1.00 21.27 ? 58  LEU A CG  1 
ATOM   431  C  CD1 . LEU A 1 58  ? 5.207   2.374   -9.113  1.00 21.09 ? 58  LEU A CD1 1 
ATOM   432  C  CD2 . LEU A 1 58  ? 3.927   4.464   -9.742  1.00 22.92 ? 58  LEU A CD2 1 
ATOM   433  N  N   . MET A 1 59  ? 3.119   1.277   -6.144  1.00 18.50 ? 59  MET A N   1 
ATOM   434  C  CA  . MET A 1 59  ? 3.078   1.567   -4.684  1.00 19.09 ? 59  MET A CA  1 
ATOM   435  C  C   . MET A 1 59  ? 4.473   1.890   -4.213  1.00 17.97 ? 59  MET A C   1 
ATOM   436  O  O   . MET A 1 59  ? 5.511   1.375   -4.768  1.00 18.29 ? 59  MET A O   1 
ATOM   437  C  CB  . MET A 1 59  ? 2.557   0.359   -3.903  1.00 20.52 ? 59  MET A CB  1 
ATOM   438  C  CG  . MET A 1 59  ? 3.349   -0.900  -4.109  1.00 20.80 ? 59  MET A CG  1 
ATOM   439  S  SD  . MET A 1 59  ? 2.989   -2.309  -3.006  1.00 27.46 ? 59  MET A SD  1 
ATOM   440  C  CE  . MET A 1 59  ? 1.473   -2.869  -3.788  1.00 25.30 ? 59  MET A CE  1 
ATOM   441  N  N   . VAL A 1 60  ? 4.559   2.732   -3.186  1.00 17.86 ? 60  VAL A N   1 
ATOM   442  C  CA  . VAL A 1 60  ? 5.805   2.887   -2.475  1.00 18.07 ? 60  VAL A CA  1 
ATOM   443  C  C   . VAL A 1 60  ? 5.559   2.476   -1.021  1.00 17.71 ? 60  VAL A C   1 
ATOM   444  O  O   . VAL A 1 60  ? 4.442   2.545   -0.551  1.00 19.25 ? 60  VAL A O   1 
ATOM   445  C  CB  . VAL A 1 60  ? 6.381   4.309   -2.586  1.00 19.08 ? 60  VAL A CB  1 
ATOM   446  C  CG1 . VAL A 1 60  ? 6.739   4.620   -4.080  1.00 18.54 ? 60  VAL A CG1 1 
ATOM   447  C  CG2 . VAL A 1 60  ? 5.369   5.368   -2.071  1.00 19.82 ? 60  VAL A CG2 1 
ATOM   448  N  N   . PHE A 1 61  ? 6.591   2.015   -0.378  1.00 18.94 ? 61  PHE A N   1 
ATOM   449  C  CA  . PHE A 1 61  ? 6.475   1.663   1.026   1.00 20.64 ? 61  PHE A CA  1 
ATOM   450  C  C   . PHE A 1 61  ? 7.813   1.626   1.694   1.00 20.45 ? 61  PHE A C   1 
ATOM   451  O  O   . PHE A 1 61  ? 8.824   1.589   1.065   1.00 21.73 ? 61  PHE A O   1 
ATOM   452  C  CB  . PHE A 1 61  ? 5.694   0.324   1.248   1.00 21.18 ? 61  PHE A CB  1 
ATOM   453  C  CG  . PHE A 1 61  ? 6.264   -0.864  0.560   1.00 18.09 ? 61  PHE A CG  1 
ATOM   454  C  CD1 . PHE A 1 61  ? 5.848   -1.172  -0.793  1.00 19.22 ? 61  PHE A CD1 1 
ATOM   455  C  CD2 . PHE A 1 61  ? 7.219   -1.657  1.180   1.00 18.45 ? 61  PHE A CD2 1 
ATOM   456  C  CE1 . PHE A 1 61  ? 6.403   -2.276  -1.408  1.00 19.07 ? 61  PHE A CE1 1 
ATOM   457  C  CE2 . PHE A 1 61  ? 7.753   -2.732  0.578   1.00 20.54 ? 61  PHE A CE2 1 
ATOM   458  C  CZ  . PHE A 1 61  ? 7.321   -3.078  -0.687  1.00 17.43 ? 61  PHE A CZ  1 
ATOM   459  N  N   . GLY A 1 62  ? 7.803   1.652   3.019   1.00 22.08 ? 62  GLY A N   1 
ATOM   460  C  CA  . GLY A 1 62  ? 8.982   1.346   3.765   1.00 24.10 ? 62  GLY A CA  1 
ATOM   461  C  C   . GLY A 1 62  ? 9.209   2.325   4.899   1.00 32.69 ? 62  GLY A C   1 
ATOM   462  O  O   . GLY A 1 62  ? 8.520   3.316   5.021   1.00 33.93 ? 62  GLY A O   1 
ATOM   463  N  N   . PHE A 1 63  ? 10.160  2.022   5.758   1.00 32.29 ? 63  PHE A N   1 
ATOM   464  C  CA  . PHE A 1 63  ? 10.646  3.012   6.725   1.00 46.68 ? 63  PHE A CA  1 
ATOM   465  C  C   . PHE A 1 63  ? 11.841  2.465   7.526   1.00 52.69 ? 63  PHE A C   1 
ATOM   466  O  O   . PHE A 1 63  ? 11.827  1.275   7.960   1.00 46.29 ? 63  PHE A O   1 
ATOM   467  C  CB  . PHE A 1 63  ? 9.540   3.368   7.726   1.00 46.74 ? 63  PHE A CB  1 
ATOM   468  C  CG  . PHE A 1 63  ? 9.103   2.210   8.559   1.00 51.42 ? 63  PHE A CG  1 
ATOM   469  C  CD1 . PHE A 1 63  ? 8.347   1.191   8.028   1.00 53.97 ? 63  PHE A CD1 1 
ATOM   470  C  CD2 . PHE A 1 63  ? 9.461   2.144   9.908   1.00 62.56 ? 63  PHE A CD2 1 
ATOM   471  C  CE1 . PHE A 1 63  ? 7.962   0.128   8.818   1.00 56.74 ? 63  PHE A CE1 1 
ATOM   472  C  CE2 . PHE A 1 63  ? 9.081   1.084   10.700  1.00 58.24 ? 63  PHE A CE2 1 
ATOM   473  C  CZ  . PHE A 1 63  ? 8.330   0.074   10.155  1.00 59.15 ? 63  PHE A CZ  1 
ATOM   474  N  N   . GLU A 1 64  ? 12.836  3.323   7.733   1.00 56.36 ? 64  GLU A N   1 
ATOM   475  C  CA  . GLU A 1 64  ? 13.862  3.116   8.787   1.00 69.98 ? 64  GLU A CA  1 
ATOM   476  C  C   . GLU A 1 64  ? 13.271  3.009   10.246  1.00 74.49 ? 64  GLU A C   1 
ATOM   477  O  O   . GLU A 1 64  ? 13.484  1.981   10.903  1.00 71.14 ? 64  GLU A O   1 
ATOM   478  C  CB  . GLU A 1 64  ? 14.930  4.213   8.686   1.00 74.86 ? 64  GLU A CB  1 
ATOM   479  C  CG  . GLU A 1 64  ? 16.095  4.086   9.661   1.00 80.06 ? 64  GLU A CG  1 
ATOM   480  C  CD  . GLU A 1 64  ? 17.257  4.988   9.283   1.00 74.50 ? 64  GLU A CD  1 
ATOM   481  O  OE1 . GLU A 1 64  ? 17.312  6.112   9.810   1.00 77.05 ? 64  GLU A OE1 1 
ATOM   482  O  OE2 . GLU A 1 64  ? 18.094  4.584   8.445   1.00 66.96 ? 64  GLU A OE2 1 
ATOM   483  N  N   . ALA A 1 65  ? 12.554  4.047   10.727  1.00 78.42 ? 65  ALA A N   1 
ATOM   484  C  CA  . ALA A 1 65  ? 11.822  4.050   12.042  1.00 76.42 ? 65  ALA A CA  1 
ATOM   485  C  C   . ALA A 1 65  ? 10.999  5.340   12.290  1.00 77.21 ? 65  ALA A C   1 
ATOM   486  O  O   . ALA A 1 65  ? 10.333  5.887   11.400  1.00 67.87 ? 65  ALA A O   1 
ATOM   487  C  CB  . ALA A 1 65  ? 12.788  3.832   13.214  1.00 76.18 ? 65  ALA A CB  1 
ATOM   488  N  N   . PRO A 1 73  ? 10.316  -3.099  13.658  1.00 64.83 ? 73  PRO A N   1 
ATOM   489  C  CA  . PRO A 1 73  ? 11.146  -3.773  12.662  1.00 66.39 ? 73  PRO A CA  1 
ATOM   490  C  C   . PRO A 1 73  ? 11.111  -3.005  11.306  1.00 60.77 ? 73  PRO A C   1 
ATOM   491  O  O   . PRO A 1 73  ? 10.030  -2.654  10.831  1.00 58.23 ? 73  PRO A O   1 
ATOM   492  C  CB  . PRO A 1 73  ? 10.481  -5.152  12.556  1.00 66.34 ? 73  PRO A CB  1 
ATOM   493  C  CG  . PRO A 1 73  ? 9.014   -4.892  12.870  1.00 65.38 ? 73  PRO A CG  1 
ATOM   494  C  CD  . PRO A 1 73  ? 8.911   -3.540  13.554  1.00 68.17 ? 73  PRO A CD  1 
ATOM   495  N  N   . ALA A 1 74  ? 12.277  -2.714  10.729  1.00 55.32 ? 74  ALA A N   1 
ATOM   496  C  CA  . ALA A 1 74  ? 12.343  -1.880  9.524   1.00 53.92 ? 74  ALA A CA  1 
ATOM   497  C  C   . ALA A 1 74  ? 11.881  -2.684  8.307   1.00 53.92 ? 74  ALA A C   1 
ATOM   498  O  O   . ALA A 1 74  ? 12.093  -3.877  8.259   1.00 50.12 ? 74  ALA A O   1 
ATOM   499  C  CB  . ALA A 1 74  ? 13.732  -1.283  9.296   1.00 52.47 ? 74  ALA A CB  1 
ATOM   500  N  N   . VAL A 1 75  ? 11.220  -1.979  7.382   1.00 42.37 ? 75  VAL A N   1 
ATOM   501  C  CA  . VAL A 1 75  ? 10.704  -2.462  6.106   1.00 37.63 ? 75  VAL A CA  1 
ATOM   502  C  C   . VAL A 1 75  ? 11.469  -1.626  5.059   1.00 33.12 ? 75  VAL A C   1 
ATOM   503  O  O   . VAL A 1 75  ? 11.473  -0.400  5.112   1.00 28.02 ? 75  VAL A O   1 
ATOM   504  C  CB  . VAL A 1 75  ? 9.179   -2.153  5.968   1.00 36.89 ? 75  VAL A CB  1 
ATOM   505  C  CG1 . VAL A 1 75  ? 8.624   -2.563  4.607   1.00 39.46 ? 75  VAL A CG1 1 
ATOM   506  C  CG2 . VAL A 1 75  ? 8.350   -2.801  7.086   1.00 39.14 ? 75  VAL A CG2 1 
ATOM   507  N  N   . PRO A 1 76  ? 12.125  -2.267  4.120   1.00 35.14 ? 76  PRO A N   1 
ATOM   508  C  CA  . PRO A 1 76  ? 12.994  -1.575  3.141   1.00 32.87 ? 76  PRO A CA  1 
ATOM   509  C  C   . PRO A 1 76  ? 12.213  -0.574  2.263   1.00 27.32 ? 76  PRO A C   1 
ATOM   510  O  O   . PRO A 1 76  ? 11.069  -0.875  1.945   1.00 25.98 ? 76  PRO A O   1 
ATOM   511  C  CB  . PRO A 1 76  ? 13.588  -2.736  2.317   1.00 34.15 ? 76  PRO A CB  1 
ATOM   512  C  CG  . PRO A 1 76  ? 12.583  -3.856  2.442   1.00 39.19 ? 76  PRO A CG  1 
ATOM   513  C  CD  . PRO A 1 76  ? 11.888  -3.691  3.781   1.00 39.76 ? 76  PRO A CD  1 
ATOM   514  N  N   . LEU A 1 77  ? 12.785  0.606   1.994   1.00 24.24 ? 77  LEU A N   1 
ATOM   515  C  CA  . LEU A 1 77  ? 12.158  1.634   1.173   1.00 24.36 ? 77  LEU A CA  1 
ATOM   516  C  C   . LEU A 1 77  ? 12.111  1.051   -0.226  1.00 22.26 ? 77  LEU A C   1 
ATOM   517  O  O   . LEU A 1 77  ? 13.136  0.603   -0.746  1.00 22.47 ? 77  LEU A O   1 
ATOM   518  C  CB  . LEU A 1 77  ? 12.866  2.985   1.226   1.00 28.40 ? 77  LEU A CB  1 
ATOM   519  C  CG  . LEU A 1 77  ? 12.559  3.830   2.526   1.00 32.86 ? 77  LEU A CG  1 
ATOM   520  C  CD1 . LEU A 1 77  ? 13.650  4.864   2.793   1.00 34.86 ? 77  LEU A CD1 1 
ATOM   521  C  CD2 . LEU A 1 77  ? 11.173  4.502   2.433   1.00 33.81 ? 77  LEU A CD2 1 
ATOM   522  N  N   . THR A 1 78  ? 10.922  0.997   -0.797  1.00 22.17 ? 78  THR A N   1 
ATOM   523  C  CA  . THR A 1 78  ? 10.709  0.237   -2.057  1.00 19.95 ? 78  THR A CA  1 
ATOM   524  C  C   . THR A 1 78  ? 9.770   0.955   -2.895  1.00 22.87 ? 78  THR A C   1 
ATOM   525  O  O   . THR A 1 78  ? 8.713   1.413   -2.399  1.00 19.08 ? 78  THR A O   1 
ATOM   526  C  CB  . THR A 1 78  ? 10.175  -1.203  -1.727  1.00 21.04 ? 78  THR A CB  1 
ATOM   527  O  OG1 . THR A 1 78  ? 11.084  -1.849  -0.814  1.00 20.26 ? 78  THR A OG1 1 
ATOM   528  C  CG2 . THR A 1 78  ? 10.066  -2.048  -3.007  1.00 23.41 ? 78  THR A CG2 1 
ATOM   529  N  N   . ALA A 1 79  ? 10.030  0.987   -4.237  1.00 18.35 ? 79  ALA A N   1 
ATOM   530  C  CA  . ALA A 1 79  ? 8.999   1.349   -5.161  1.00 18.26 ? 79  ALA A CA  1 
ATOM   531  C  C   . ALA A 1 79  ? 8.709   0.079   -6.042  1.00 20.90 ? 79  ALA A C   1 
ATOM   532  O  O   . ALA A 1 79  ? 9.632   -0.560  -6.529  1.00 18.13 ? 79  ALA A O   1 
ATOM   533  C  CB  . ALA A 1 79  ? 9.447   2.525   -6.064  1.00 21.46 ? 79  ALA A CB  1 
ATOM   534  N  N   . LEU A 1 80  ? 7.444   -0.281  -6.197  1.00 21.50 ? 80  LEU A N   1 
ATOM   535  C  CA  . LEU A 1 80  ? 7.062   -1.585  -6.795  1.00 20.87 ? 80  LEU A CA  1 
ATOM   536  C  C   . LEU A 1 80  ? 5.972   -1.348  -7.762  1.00 21.24 ? 80  LEU A C   1 
ATOM   537  O  O   . LEU A 1 80  ? 4.829   -0.899  -7.442  1.00 19.95 ? 80  LEU A O   1 
ATOM   538  C  CB  . LEU A 1 80  ? 6.637   -2.552  -5.719  1.00 23.63 ? 80  LEU A CB  1 
ATOM   539  C  CG  . LEU A 1 80  ? 6.245   -3.993  -6.081  1.00 26.15 ? 80  LEU A CG  1 
ATOM   540  C  CD1 . LEU A 1 80  ? 7.430   -4.758  -6.660  1.00 26.52 ? 80  LEU A CD1 1 
ATOM   541  C  CD2 . LEU A 1 80  ? 5.719   -4.730  -4.873  1.00 29.01 ? 80  LEU A CD2 1 
ATOM   542  N  N   . ALA A 1 81  ? 6.308   -1.665  -9.030  1.00 20.89 ? 81  ALA A N   1 
ATOM   543  C  CA  . ALA A 1 81  ? 5.330   -1.627  -10.113 1.00 20.14 ? 81  ALA A CA  1 
ATOM   544  C  C   . ALA A 1 81  ? 4.798   -3.075  -10.449 1.00 20.09 ? 81  ALA A C   1 
ATOM   545  O  O   . ALA A 1 81  ? 5.526   -4.035  -10.391 1.00 17.87 ? 81  ALA A O   1 
ATOM   546  C  CB  . ALA A 1 81  ? 5.974   -1.069  -11.335 1.00 21.60 ? 81  ALA A CB  1 
ATOM   547  N  N   . ASN A 1 82  ? 3.552   -3.144  -10.927 1.00 21.38 ? 82  ASN A N   1 
ATOM   548  C  CA  . ASN A 1 82  ? 2.950   -4.392  -11.456 1.00 23.83 ? 82  ASN A CA  1 
ATOM   549  C  C   . ASN A 1 82  ? 3.002   -5.522  -10.473 1.00 26.09 ? 82  ASN A C   1 
ATOM   550  O  O   . ASN A 1 82  ? 3.277   -6.622  -10.819 1.00 22.02 ? 82  ASN A O   1 
ATOM   551  C  CB  . ASN A 1 82  ? 3.604   -4.767  -12.793 1.00 24.07 ? 82  ASN A CB  1 
ATOM   552  C  CG  . ASN A 1 82  ? 3.386   -3.706  -13.812 1.00 24.55 ? 82  ASN A CG  1 
ATOM   553  O  OD1 . ASN A 1 82  ? 2.542   -2.834  -13.631 1.00 24.42 ? 82  ASN A OD1 1 
ATOM   554  N  ND2 . ASN A 1 82  ? 4.215   -3.700  -14.876 1.00 22.72 ? 82  ASN A ND2 1 
ATOM   555  N  N   . ALA A 1 83  ? 2.703   -5.207  -9.221  1.00 24.30 ? 83  ALA A N   1 
ATOM   556  C  CA  . ALA A 1 83  ? 2.895   -6.170  -8.156  1.00 23.77 ? 83  ALA A CA  1 
ATOM   557  C  C   . ALA A 1 83  ? 1.991   -7.396  -8.339  1.00 23.99 ? 83  ALA A C   1 
ATOM   558  O  O   . ALA A 1 83  ? 0.868   -7.325  -8.801  1.00 22.31 ? 83  ALA A O   1 
ATOM   559  C  CB  . ALA A 1 83  ? 2.657   -5.549  -6.805  1.00 23.42 ? 83  ALA A CB  1 
ATOM   560  N  N   . GLN A 1 84  ? 2.503   -8.511  -7.871  1.00 26.00 ? 84  GLN A N   1 
ATOM   561  C  CA  . GLN A 1 84  ? 1.675   -9.713  -7.771  1.00 29.63 ? 84  GLN A CA  1 
ATOM   562  C  C   . GLN A 1 84  ? 2.060   -10.339 -6.425  1.00 25.95 ? 84  GLN A C   1 
ATOM   563  O  O   . GLN A 1 84  ? 3.247   -10.280 -6.014  1.00 24.18 ? 84  GLN A O   1 
ATOM   564  C  CB  . GLN A 1 84  ? 1.861   -10.565 -9.083  1.00 32.90 ? 84  GLN A CB  1 
ATOM   565  C  CG  . GLN A 1 84  ? 3.090   -11.446 -9.082  1.00 45.15 ? 84  GLN A CG  1 
ATOM   566  C  CD  . GLN A 1 84  ? 2.957   -12.659 -10.033 1.00 57.39 ? 84  GLN A CD  1 
ATOM   567  O  OE1 . GLN A 1 84  ? 2.562   -12.511 -11.207 1.00 57.54 ? 84  GLN A OE1 1 
ATOM   568  N  NE2 . GLN A 1 84  ? 3.287   -13.862 -9.517  1.00 52.14 ? 84  GLN A NE2 1 
ATOM   569  N  N   . ILE A 1 85  ? 1.065   -10.838 -5.670  1.00 21.06 ? 85  ILE A N   1 
ATOM   570  C  CA  . ILE A 1 85  ? 1.340   -11.371 -4.305  1.00 23.41 ? 85  ILE A CA  1 
ATOM   571  C  C   . ILE A 1 85  ? 0.803   -12.776 -4.182  1.00 24.62 ? 85  ILE A C   1 
ATOM   572  O  O   . ILE A 1 85  ? -0.185  -13.117 -4.869  1.00 24.06 ? 85  ILE A O   1 
ATOM   573  C  CB  . ILE A 1 85  ? 0.622   -10.511 -3.236  1.00 31.10 ? 85  ILE A CB  1 
ATOM   574  C  CG1 . ILE A 1 85  ? 1.250   -9.151  -3.234  1.00 35.59 ? 85  ILE A CG1 1 
ATOM   575  C  CG2 . ILE A 1 85  ? 0.749   -11.128 -1.821  1.00 35.60 ? 85  ILE A CG2 1 
ATOM   576  C  CD1 . ILE A 1 85  ? 0.493   -8.213  -2.324  1.00 44.59 ? 85  ILE A CD1 1 
ATOM   577  N  N   . GLU A 1 86  ? 1.448   -13.587 -3.348  1.00 26.08 ? 86  GLU A N   1 
ATOM   578  C  CA  . GLU A 1 86  ? 0.965   -14.953 -3.079  1.00 29.09 ? 86  GLU A CA  1 
ATOM   579  C  C   . GLU A 1 86  ? 1.260   -15.333 -1.647  1.00 26.92 ? 86  GLU A C   1 
ATOM   580  O  O   . GLU A 1 86  ? 2.339   -15.044 -1.132  1.00 27.29 ? 86  GLU A O   1 
ATOM   581  C  CB  . GLU A 1 86  ? 1.526   -16.002 -4.078  1.00 33.72 ? 86  GLU A CB  1 
ATOM   582  C  CG  . GLU A 1 86  ? 3.029   -16.187 -4.069  1.00 44.77 ? 86  GLU A CG  1 
ATOM   583  C  CD  . GLU A 1 86  ? 3.570   -17.237 -5.082  1.00 55.75 ? 86  GLU A CD  1 
ATOM   584  O  OE1 . GLU A 1 86  ? 4.711   -17.003 -5.610  1.00 61.34 ? 86  GLU A OE1 1 
ATOM   585  O  OE2 . GLU A 1 86  ? 2.887   -18.297 -5.329  1.00 53.02 ? 86  GLU A OE2 1 
ATOM   586  N  N   . PRO A 1 87  ? 0.264   -15.915 -0.973  1.00 28.62 ? 87  PRO A N   1 
ATOM   587  C  CA  . PRO A 1 87  ? 0.500   -16.388 0.374   1.00 28.42 ? 87  PRO A CA  1 
ATOM   588  C  C   . PRO A 1 87  ? 1.389   -17.606 0.330   1.00 25.34 ? 87  PRO A C   1 
ATOM   589  O  O   . PRO A 1 87  ? 1.362   -18.332 -0.615  1.00 25.65 ? 87  PRO A O   1 
ATOM   590  C  CB  . PRO A 1 87  ? -0.917  -16.706 0.887   1.00 29.39 ? 87  PRO A CB  1 
ATOM   591  C  CG  . PRO A 1 87  ? -1.761  -16.887 -0.302  1.00 32.51 ? 87  PRO A CG  1 
ATOM   592  C  CD  . PRO A 1 87  ? -1.154  -16.061 -1.392  1.00 32.90 ? 87  PRO A CD  1 
ATOM   593  N  N   . LEU A 1 88  ? 2.227   -17.740 1.302   1.00 20.86 ? 88  LEU A N   1 
ATOM   594  C  CA  . LEU A 1 88  ? 3.107   -18.927 1.481   1.00 25.11 ? 88  LEU A CA  1 
ATOM   595  C  C   . LEU A 1 88  ? 2.623   -19.916 2.550   1.00 26.59 ? 88  LEU A C   1 
ATOM   596  O  O   . LEU A 1 88  ? 3.292   -20.923 2.779   1.00 28.20 ? 88  LEU A O   1 
ATOM   597  C  CB  . LEU A 1 88  ? 4.519   -18.460 1.927   1.00 24.74 ? 88  LEU A CB  1 
ATOM   598  C  CG  . LEU A 1 88  ? 5.095   -17.488 0.887   1.00 24.28 ? 88  LEU A CG  1 
ATOM   599  C  CD1 . LEU A 1 88  ? 6.495   -17.035 1.274   1.00 27.25 ? 88  LEU A CD1 1 
ATOM   600  C  CD2 . LEU A 1 88  ? 5.012   -18.121 -0.461  1.00 23.94 ? 88  LEU A CD2 1 
ATOM   601  N  N   . SER A 1 89  ? 1.585   -19.516 3.316   1.00 27.63 ? 89  SER A N   1 
ATOM   602  C  CA  . SER A 1 89  ? 0.778   -20.468 4.143   1.00 29.38 ? 89  SER A CA  1 
ATOM   603  C  C   . SER A 1 89  ? -0.604  -19.887 4.331   1.00 34.10 ? 89  SER A C   1 
ATOM   604  O  O   . SER A 1 89  ? -0.924  -18.800 3.798   1.00 25.71 ? 89  SER A O   1 
ATOM   605  C  CB  . SER A 1 89  ? 1.438   -20.785 5.479   1.00 28.54 ? 89  SER A CB  1 
ATOM   606  O  OG  . SER A 1 89  ? 1.177   -19.806 6.420   1.00 33.07 ? 89  SER A OG  1 
ATOM   607  N  N   . ASP A 1 90  ? -1.453  -20.635 5.015   1.00 32.51 ? 90  ASP A N   1 
ATOM   608  C  CA  . ASP A 1 90  ? -2.827  -20.201 5.308   1.00 33.52 ? 90  ASP A CA  1 
ATOM   609  C  C   . ASP A 1 90  ? -2.803  -19.406 6.620   1.00 29.94 ? 90  ASP A C   1 
ATOM   610  O  O   . ASP A 1 90  ? -3.819  -18.793 6.961   1.00 33.64 ? 90  ASP A O   1 
ATOM   611  C  CB  . ASP A 1 90  ? -3.739  -21.418 5.566   1.00 40.61 ? 90  ASP A CB  1 
ATOM   612  C  CG  . ASP A 1 90  ? -4.415  -21.967 4.330   1.00 53.78 ? 90  ASP A CG  1 
ATOM   613  O  OD1 . ASP A 1 90  ? -4.400  -21.354 3.231   1.00 58.75 ? 90  ASP A OD1 1 
ATOM   614  O  OD2 . ASP A 1 90  ? -5.009  -23.071 4.486   1.00 69.86 ? 90  ASP A OD2 1 
ATOM   615  N  N   . GLU A 1 91  ? -1.702  -19.388 7.372   1.00 27.19 ? 91  GLU A N   1 
ATOM   616  C  CA  . GLU A 1 91  ? -1.653  -18.706 8.692   1.00 28.71 ? 91  GLU A CA  1 
ATOM   617  C  C   . GLU A 1 91  ? -1.968  -17.167 8.548   1.00 32.65 ? 91  GLU A C   1 
ATOM   618  O  O   . GLU A 1 91  ? -1.361  -16.439 7.737   1.00 26.34 ? 91  GLU A O   1 
ATOM   619  C  CB  . GLU A 1 91  ? -0.297  -18.854 9.356   1.00 29.39 ? 91  GLU A CB  1 
ATOM   620  C  CG  . GLU A 1 91  ? -0.147  -18.374 10.834  1.00 33.65 ? 91  GLU A CG  1 
ATOM   621  C  CD  . GLU A 1 91  ? 1.225   -18.729 11.430  1.00 37.39 ? 91  GLU A CD  1 
ATOM   622  O  OE1 . GLU A 1 91  ? 1.490   -18.527 12.687  1.00 47.43 ? 91  GLU A OE1 1 
ATOM   623  O  OE2 . GLU A 1 91  ? 2.083   -19.296 10.649  1.00 40.26 ? 91  GLU A OE2 1 
ATOM   624  N  N   . MET A 1 92  ? -2.923  -16.692 9.346   1.00 32.27 ? 92  MET A N   1 
ATOM   625  C  CA  . MET A 1 92  ? -3.376  -15.297 9.364   1.00 30.11 ? 92  MET A CA  1 
ATOM   626  C  C   . MET A 1 92  ? -2.968  -14.696 10.684  1.00 33.33 ? 92  MET A C   1 
ATOM   627  O  O   . MET A 1 92  ? -2.814  -15.369 11.716  1.00 32.55 ? 92  MET A O   1 
ATOM   628  C  CB  . MET A 1 92  ? -4.870  -15.200 9.231   1.00 34.46 ? 92  MET A CB  1 
ATOM   629  C  CG  . MET A 1 92  ? -5.499  -15.893 8.077   1.00 41.05 ? 92  MET A CG  1 
ATOM   630  S  SD  . MET A 1 92  ? -5.237  -15.091 6.514   1.00 49.68 ? 92  MET A SD  1 
ATOM   631  C  CE  . MET A 1 92  ? -6.313  -13.685 6.664   1.00 40.33 ? 92  MET A CE  1 
ATOM   632  N  N   . GLU A 1 93  ? -2.749  -13.411 10.655  1.00 29.28 ? 93  GLU A N   1 
ATOM   633  C  CA  . GLU A 1 93  ? -2.393  -12.705 11.832  1.00 30.12 ? 93  GLU A CA  1 
ATOM   634  C  C   . GLU A 1 93  ? -3.187  -11.382 11.893  1.00 31.24 ? 93  GLU A C   1 
ATOM   635  O  O   . GLU A 1 93  ? -3.299  -10.664 10.888  1.00 24.54 ? 93  GLU A O   1 
ATOM   636  C  CB  . GLU A 1 93  ? -0.936  -12.393 11.771  1.00 33.16 ? 93  GLU A CB  1 
ATOM   637  C  CG  . GLU A 1 93  ? -0.322  -11.932 13.050  1.00 38.14 ? 93  GLU A CG  1 
ATOM   638  C  CD  . GLU A 1 93  ? 1.204   -12.117 12.984  1.00 49.37 ? 93  GLU A CD  1 
ATOM   639  O  OE1 . GLU A 1 93  ? 1.890   -11.479 12.121  1.00 41.90 ? 93  GLU A OE1 1 
ATOM   640  O  OE2 . GLU A 1 93  ? 1.700   -12.958 13.754  1.00 49.73 ? 93  GLU A OE2 1 
ATOM   641  N  N   . ASN A 1 94  ? -3.698  -11.077 13.088  1.00 30.45 ? 94  ASN A N   1 
ATOM   642  C  CA  . ASN A 1 94  ? -4.354  -9.795  13.401  1.00 28.07 ? 94  ASN A CA  1 
ATOM   643  C  C   . ASN A 1 94  ? -3.378  -8.714  13.737  1.00 28.52 ? 94  ASN A C   1 
ATOM   644  O  O   . ASN A 1 94  ? -2.366  -8.933  14.409  1.00 31.73 ? 94  ASN A O   1 
ATOM   645  C  CB  . ASN A 1 94  ? -5.327  -9.995  14.588  1.00 28.69 ? 94  ASN A CB  1 
ATOM   646  C  CG  . ASN A 1 94  ? -6.576  -10.690 14.180  1.00 29.48 ? 94  ASN A CG  1 
ATOM   647  O  OD1 . ASN A 1 94  ? -7.122  -10.492 13.066  1.00 30.06 ? 94  ASN A OD1 1 
ATOM   648  N  ND2 . ASN A 1 94  ? -7.025  -11.539 15.032  1.00 32.90 ? 94  ASN A ND2 1 
ATOM   649  N  N   . GLY A 1 95  ? -3.629  -7.524  13.230  1.00 25.94 ? 95  GLY A N   1 
ATOM   650  C  CA  . GLY A 1 95  ? -2.829  -6.383  13.590  1.00 25.11 ? 95  GLY A CA  1 
ATOM   651  C  C   . GLY A 1 95  ? -3.570  -5.073  13.276  1.00 22.25 ? 95  GLY A C   1 
ATOM   652  O  O   . GLY A 1 95  ? -4.541  -5.021  12.504  1.00 20.99 ? 95  GLY A O   1 
ATOM   653  N  N   . TRP A 1 96  ? -3.099  -4.005  13.874  1.00 24.28 ? 96  TRP A N   1 
ATOM   654  C  CA  . TRP A 1 96  ? -3.677  -2.673  13.627  1.00 26.77 ? 96  TRP A CA  1 
ATOM   655  C  C   . TRP A 1 96  ? -3.358  -2.092  12.207  1.00 29.16 ? 96  TRP A C   1 
ATOM   656  O  O   . TRP A 1 96  ? -2.210  -2.150  11.718  1.00 30.02 ? 96  TRP A O   1 
ATOM   657  C  CB  . TRP A 1 96  ? -3.186  -1.704  14.697  1.00 26.82 ? 96  TRP A CB  1 
ATOM   658  C  CG  . TRP A 1 96  ? -3.765  -1.967  16.079  1.00 30.82 ? 96  TRP A CG  1 
ATOM   659  C  CD1 . TRP A 1 96  ? -3.141  -2.512  17.182  1.00 32.10 ? 96  TRP A CD1 1 
ATOM   660  C  CD2 . TRP A 1 96  ? -5.125  -1.669  16.490  1.00 29.48 ? 96  TRP A CD2 1 
ATOM   661  N  NE1 . TRP A 1 96  ? -4.053  -2.580  18.249  1.00 31.78 ? 96  TRP A NE1 1 
ATOM   662  C  CE2 . TRP A 1 96  ? -5.259  -2.056  17.845  1.00 31.45 ? 96  TRP A CE2 1 
ATOM   663  C  CE3 . TRP A 1 96  ? -6.241  -1.133  15.820  1.00 27.39 ? 96  TRP A CE3 1 
ATOM   664  C  CZ2 . TRP A 1 96  ? -6.490  -1.907  18.555  1.00 28.74 ? 96  TRP A CZ2 1 
ATOM   665  C  CZ3 . TRP A 1 96  ? -7.425  -0.972  16.525  1.00 28.13 ? 96  TRP A CZ3 1 
ATOM   666  C  CH2 . TRP A 1 96  ? -7.530  -1.378  17.892  1.00 28.78 ? 96  TRP A CH2 1 
ATOM   667  N  N   . GLU A 1 97  ? -4.341  -1.454  11.578  1.00 25.15 ? 97  GLU A N   1 
ATOM   668  C  CA  . GLU A 1 97  ? -4.086  -0.705  10.353  1.00 27.19 ? 97  GLU A CA  1 
ATOM   669  C  C   . GLU A 1 97  ? -4.815  0.599   10.384  1.00 27.02 ? 97  GLU A C   1 
ATOM   670  O  O   . GLU A 1 97  ? -5.913  0.711   10.976  1.00 23.97 ? 97  GLU A O   1 
ATOM   671  C  CB  . GLU A 1 97  ? -4.536  -1.473  9.084   1.00 28.32 ? 97  GLU A CB  1 
ATOM   672  C  CG  . GLU A 1 97  ? -3.840  -2.834  8.963   1.00 28.41 ? 97  GLU A CG  1 
ATOM   673  C  CD  . GLU A 1 97  ? -4.071  -3.628  7.658   1.00 28.23 ? 97  GLU A CD  1 
ATOM   674  O  OE1 . GLU A 1 97  ? -4.623  -3.094  6.679   1.00 28.58 ? 97  GLU A OE1 1 
ATOM   675  O  OE2 . GLU A 1 97  ? -3.720  -4.862  7.633   1.00 25.68 ? 97  GLU A OE2 1 
ATOM   676  N  N   . GLY A 1 98  ? -4.226  1.564   9.695   1.00 23.89 ? 98  GLY A N   1 
ATOM   677  C  CA  . GLY A 1 98  ? -4.913  2.773   9.316   1.00 30.37 ? 98  GLY A CA  1 
ATOM   678  C  C   . GLY A 1 98  ? -4.609  3.008   7.831   1.00 31.17 ? 98  GLY A C   1 
ATOM   679  O  O   . GLY A 1 98  ? -3.936  2.206   7.199   1.00 34.42 ? 98  GLY A O   1 
HETATM 680  N  N   . CSD A 1 99  ? -5.113  4.104   7.315   1.00 27.66 ? 99  CSD A N   1 
HETATM 681  C  CA  . CSD A 1 99  ? -5.023  4.419   5.899   1.00 31.08 ? 99  CSD A CA  1 
HETATM 682  C  CB  . CSD A 1 99  ? -6.207  3.748   5.192   1.00 33.31 ? 99  CSD A CB  1 
HETATM 683  S  SG  . CSD A 1 99  ? -6.103  3.598   3.472   1.00 36.35 ? 99  CSD A SG  1 
HETATM 684  C  C   . CSD A 1 99  ? -5.077  5.933   5.789   1.00 30.80 ? 99  CSD A C   1 
HETATM 685  O  O   . CSD A 1 99  ? -5.912  6.577   6.403   1.00 25.68 ? 99  CSD A O   1 
HETATM 686  O  OD1 . CSD A 1 99  ? -5.915  4.991   3.092   1.00 38.87 ? 99  CSD A OD1 1 
HETATM 687  O  OD2 . CSD A 1 99  ? -7.604  3.898   2.942   1.00 37.48 ? 99  CSD A OD2 1 
ATOM   688  N  N   . LEU A 1 100 ? -4.202  6.500   4.959   1.00 30.19 ? 100 LEU A N   1 
ATOM   689  C  CA  . LEU A 1 100 ? -4.168  7.931   4.700   1.00 29.59 ? 100 LEU A CA  1 
ATOM   690  C  C   . LEU A 1 100 ? -5.420  8.451   3.986   1.00 28.76 ? 100 LEU A C   1 
ATOM   691  O  O   . LEU A 1 100 ? -5.706  9.633   4.042   1.00 28.20 ? 100 LEU A O   1 
ATOM   692  C  CB  . LEU A 1 100 ? -2.917  8.287   3.840   1.00 32.81 ? 100 LEU A CB  1 
ATOM   693  C  CG  . LEU A 1 100 ? -1.606  7.937   4.546   1.00 32.64 ? 100 LEU A CG  1 
ATOM   694  C  CD1 . LEU A 1 100 ? -0.430  7.853   3.559   1.00 35.90 ? 100 LEU A CD1 1 
ATOM   695  C  CD2 . LEU A 1 100 ? -1.416  8.887   5.715   1.00 35.09 ? 100 LEU A CD2 1 
ATOM   696  N  N   . SER A 1 101 ? -6.116  7.603   3.249   1.00 25.23 ? 101 SER A N   1 
ATOM   697  C  CA  . SER A 1 101 ? -7.380  8.011   2.646   1.00 26.77 ? 101 SER A CA  1 
ATOM   698  C  C   . SER A 1 101 ? -8.571  7.897   3.658   1.00 27.50 ? 101 SER A C   1 
ATOM   699  O  O   . SER A 1 101 ? -9.709  8.202   3.326   1.00 25.30 ? 101 SER A O   1 
ATOM   700  C  CB  . SER A 1 101 ? -7.652  7.154   1.423   1.00 27.22 ? 101 SER A CB  1 
ATOM   701  O  OG  . SER A 1 101 ? -6.607  7.301   0.423   1.00 26.12 ? 101 SER A OG  1 
ATOM   702  N  N   . ILE A 1 102 ? -8.285  7.431   4.886   1.00 29.33 ? 102 ILE A N   1 
ATOM   703  C  CA  . ILE A 1 102 ? -9.315  7.324   5.931   1.00 32.12 ? 102 ILE A CA  1 
ATOM   704  C  C   . ILE A 1 102 ? -8.756  7.971   7.197   1.00 29.35 ? 102 ILE A C   1 
ATOM   705  O  O   . ILE A 1 102 ? -8.568  7.296   8.184   1.00 29.00 ? 102 ILE A O   1 
ATOM   706  C  CB  . ILE A 1 102 ? -9.748  5.867   6.173   1.00 32.96 ? 102 ILE A CB  1 
ATOM   707  C  CG1 . ILE A 1 102 ? -10.130 5.134   4.855   1.00 35.18 ? 102 ILE A CG1 1 
ATOM   708  C  CG2 . ILE A 1 102 ? -10.953 5.800   7.104   1.00 35.64 ? 102 ILE A CG2 1 
ATOM   709  C  CD1 . ILE A 1 102 ? -10.331 3.614   5.031   1.00 36.83 ? 102 ILE A CD1 1 
ATOM   710  N  N   . PRO A 1 103 ? -8.528  9.298   7.173   1.00 29.71 ? 103 PRO A N   1 
ATOM   711  C  CA  . PRO A 1 103 ? -7.713  9.916   8.248   1.00 31.40 ? 103 PRO A CA  1 
ATOM   712  C  C   . PRO A 1 103 ? -8.378  9.851   9.612   1.00 34.05 ? 103 PRO A C   1 
ATOM   713  O  O   . PRO A 1 103 ? -9.560  9.964   9.660   1.00 37.53 ? 103 PRO A O   1 
ATOM   714  C  CB  . PRO A 1 103 ? -7.527  11.364  7.808   1.00 35.01 ? 103 PRO A CB  1 
ATOM   715  C  CG  . PRO A 1 103 ? -8.278  11.532  6.529   1.00 31.59 ? 103 PRO A CG  1 
ATOM   716  C  CD  . PRO A 1 103 ? -8.624  10.175  5.993   1.00 32.13 ? 103 PRO A CD  1 
ATOM   717  N  N   . GLY A 1 104 ? -7.606  9.526   10.651  1.00 29.92 ? 104 GLY A N   1 
ATOM   718  C  CA  . GLY A 1 104 ? -8.025  9.515   11.986  1.00 33.97 ? 104 GLY A CA  1 
ATOM   719  C  C   . GLY A 1 104 ? -8.495  8.172   12.488  1.00 33.24 ? 104 GLY A C   1 
ATOM   720  O  O   . GLY A 1 104 ? -8.670  8.035   13.666  1.00 34.88 ? 104 GLY A O   1 
ATOM   721  N  N   . LEU A 1 105 ? -8.699  7.185   11.629  1.00 28.75 ? 105 LEU A N   1 
ATOM   722  C  CA  . LEU A 1 105 ? -9.256  5.871   12.062  1.00 28.16 ? 105 LEU A CA  1 
ATOM   723  C  C   . LEU A 1 105 ? -8.245  4.738   12.031  1.00 29.21 ? 105 LEU A C   1 
ATOM   724  O  O   . LEU A 1 105 ? -7.179  4.856   11.396  1.00 27.78 ? 105 LEU A O   1 
ATOM   725  C  CB  . LEU A 1 105 ? -10.491 5.535   11.198  1.00 29.60 ? 105 LEU A CB  1 
ATOM   726  C  CG  . LEU A 1 105 ? -11.686 6.495   11.421  1.00 33.81 ? 105 LEU A CG  1 
ATOM   727  C  CD1 . LEU A 1 105 ? -12.765 6.092   10.453  1.00 41.21 ? 105 LEU A CD1 1 
ATOM   728  C  CD2 . LEU A 1 105 ? -12.251 6.326   12.822  1.00 40.25 ? 105 LEU A CD2 1 
ATOM   729  N  N   . ARG A 1 106 ? -8.531  3.717   12.831  1.00 30.43 ? 106 ARG A N   1 
ATOM   730  C  CA  . ARG A 1 106 ? -7.907  2.412   12.739  1.00 30.85 ? 106 ARG A CA  1 
ATOM   731  C  C   . ARG A 1 106 ? -8.821  1.251   13.089  1.00 26.28 ? 106 ARG A C   1 
ATOM   732  O  O   . ARG A 1 106 ? -9.875  1.447   13.705  1.00 25.58 ? 106 ARG A O   1 
ATOM   733  C  CB  . ARG A 1 106 ? -6.639  2.351   13.557  1.00 36.47 ? 106 ARG A CB  1 
ATOM   734  C  CG  . ARG A 1 106 ? -6.669  3.000   14.883  1.00 42.34 ? 106 ARG A CG  1 
ATOM   735  C  CD  . ARG A 1 106 ? -5.286  3.027   15.518  1.00 48.15 ? 106 ARG A CD  1 
ATOM   736  N  NE  . ARG A 1 106 ? -5.218  2.124   16.661  1.00 56.60 ? 106 ARG A NE  1 
ATOM   737  C  CZ  . ARG A 1 106 ? -4.991  2.454   17.932  1.00 57.12 ? 106 ARG A CZ  1 
ATOM   738  N  NH1 . ARG A 1 106 ? -4.709  3.701   18.291  1.00 68.26 ? 106 ARG A NH1 1 
ATOM   739  N  NH2 . ARG A 1 106 ? -4.989  1.493   18.852  1.00 55.72 ? 106 ARG A NH2 1 
ATOM   740  N  N   . ALA A 1 107 ? -8.397  0.056   12.675  1.00 21.62 ? 107 ALA A N   1 
ATOM   741  C  CA  . ALA A 1 107 ? -9.011  -1.204  12.982  1.00 22.92 ? 107 ALA A CA  1 
ATOM   742  C  C   . ALA A 1 107 ? -8.004  -2.345  12.971  1.00 26.12 ? 107 ALA A C   1 
ATOM   743  O  O   . ALA A 1 107 ? -6.889  -2.228  12.480  1.00 20.69 ? 107 ALA A O   1 
ATOM   744  C  CB  . ALA A 1 107 ? -10.147 -1.497  12.043  1.00 23.38 ? 107 ALA A CB  1 
ATOM   745  N  N   . VAL A 1 108 ? -8.414  -3.438  13.584  1.00 24.79 ? 108 VAL A N   1 
ATOM   746  C  CA  . VAL A 1 108 ? -7.675  -4.670  13.577  1.00 23.54 ? 108 VAL A CA  1 
ATOM   747  C  C   . VAL A 1 108 ? -8.107  -5.431  12.389  1.00 21.47 ? 108 VAL A C   1 
ATOM   748  O  O   . VAL A 1 108 ? -9.282  -5.646  12.220  1.00 21.62 ? 108 VAL A O   1 
ATOM   749  C  CB  . VAL A 1 108 ? -7.937  -5.522  14.837  1.00 25.23 ? 108 VAL A CB  1 
ATOM   750  C  CG1 . VAL A 1 108 ? -7.255  -6.905  14.703  1.00 26.71 ? 108 VAL A CG1 1 
ATOM   751  C  CG2 . VAL A 1 108 ? -7.348  -4.793  16.009  1.00 26.62 ? 108 VAL A CG2 1 
ATOM   752  N  N   . ILE A 1 109 ? -7.137  -5.906  11.602  1.00 22.79 ? 109 ILE A N   1 
ATOM   753  C  CA  . ILE A 1 109 ? -7.391  -6.566  10.293  1.00 23.11 ? 109 ILE A CA  1 
ATOM   754  C  C   . ILE A 1 109 ? -6.545  -7.849  10.214  1.00 23.26 ? 109 ILE A C   1 
ATOM   755  O  O   . ILE A 1 109 ? -5.360  -7.831  10.593  1.00 22.43 ? 109 ILE A O   1 
ATOM   756  C  CB  . ILE A 1 109 ? -6.892  -5.691  9.096   1.00 24.93 ? 109 ILE A CB  1 
ATOM   757  C  CG1 . ILE A 1 109 ? -7.439  -4.257  9.186   1.00 27.65 ? 109 ILE A CG1 1 
ATOM   758  C  CG2 . ILE A 1 109 ? -7.299  -6.352  7.829   1.00 24.67 ? 109 ILE A CG2 1 
ATOM   759  C  CD1 . ILE A 1 109 ? -8.964  -4.173  9.169   1.00 27.24 ? 109 ILE A CD1 1 
ATOM   760  N  N   . PRO A 1 110 ? -7.167  -8.976  9.875   1.00 26.44 ? 110 PRO A N   1 
ATOM   761  C  CA  . PRO A 1 110 ? -6.407  -10.216 9.612   1.00 28.49 ? 110 PRO A CA  1 
ATOM   762  C  C   . PRO A 1 110 ? -5.694  -10.146 8.260   1.00 24.14 ? 110 PRO A C   1 
ATOM   763  O  O   . PRO A 1 110 ? -6.325  -9.850  7.303   1.00 22.85 ? 110 PRO A O   1 
ATOM   764  C  CB  . PRO A 1 110 ? -7.498  -11.279 9.505   1.00 29.81 ? 110 PRO A CB  1 
ATOM   765  C  CG  . PRO A 1 110 ? -8.726  -10.534 9.160   1.00 31.85 ? 110 PRO A CG  1 
ATOM   766  C  CD  . PRO A 1 110 ? -8.616  -9.211  9.831   1.00 30.63 ? 110 PRO A CD  1 
ATOM   767  N  N   . ARG A 1 111 ? -4.435  -10.470 8.200   1.00 26.00 ? 111 ARG A N   1 
ATOM   768  C  CA  . ARG A 1 111 ? -3.719  -10.597 6.892   1.00 25.92 ? 111 ARG A CA  1 
ATOM   769  C  C   . ARG A 1 111 ? -2.924  -11.880 6.910   1.00 28.78 ? 111 ARG A C   1 
ATOM   770  O  O   . ARG A 1 111 ? -2.647  -12.392 7.980   1.00 25.82 ? 111 ARG A O   1 
ATOM   771  C  CB  . ARG A 1 111 ? -2.712  -9.453  6.830   1.00 26.48 ? 111 ARG A CB  1 
ATOM   772  C  CG  . ARG A 1 111 ? -3.304  -8.082  6.719   1.00 25.32 ? 111 ARG A CG  1 
ATOM   773  C  CD  . ARG A 1 111 ? -3.908  -7.795  5.393   1.00 27.49 ? 111 ARG A CD  1 
ATOM   774  N  NE  . ARG A 1 111 ? -4.377  -6.395  5.349   1.00 23.86 ? 111 ARG A NE  1 
ATOM   775  C  CZ  . ARG A 1 111 ? -5.051  -5.862  4.354   1.00 22.31 ? 111 ARG A CZ  1 
ATOM   776  N  NH1 . ARG A 1 111 ? -5.380  -6.575  3.316   1.00 26.23 ? 111 ARG A NH1 1 
ATOM   777  N  NH2 . ARG A 1 111 ? -5.445  -4.593  4.413   1.00 27.68 ? 111 ARG A NH2 1 
ATOM   778  N  N   . TYR A 1 112 ? -2.426  -12.315 5.761   1.00 24.85 ? 112 TYR A N   1 
ATOM   779  C  CA  . TYR A 1 112 ? -1.450  -13.400 5.748   1.00 25.17 ? 112 TYR A CA  1 
ATOM   780  C  C   . TYR A 1 112 ? -0.165  -13.014 6.459   1.00 25.63 ? 112 TYR A C   1 
ATOM   781  O  O   . TYR A 1 112 ? 0.395   -11.951 6.254   1.00 25.90 ? 112 TYR A O   1 
ATOM   782  C  CB  . TYR A 1 112 ? -1.130  -13.820 4.301   1.00 26.50 ? 112 TYR A CB  1 
ATOM   783  C  CG  . TYR A 1 112 ? -2.286  -14.431 3.612   1.00 28.66 ? 112 TYR A CG  1 
ATOM   784  C  CD1 . TYR A 1 112 ? -2.678  -15.750 3.923   1.00 30.04 ? 112 TYR A CD1 1 
ATOM   785  C  CD2 . TYR A 1 112 ? -3.018  -13.729 2.672   1.00 30.83 ? 112 TYR A CD2 1 
ATOM   786  C  CE1 . TYR A 1 112 ? -3.751  -16.328 3.282   1.00 32.30 ? 112 TYR A CE1 1 
ATOM   787  C  CE2 . TYR A 1 112 ? -4.087  -14.298 2.054   1.00 32.56 ? 112 TYR A CE2 1 
ATOM   788  C  CZ  . TYR A 1 112 ? -4.443  -15.607 2.386   1.00 36.72 ? 112 TYR A CZ  1 
ATOM   789  O  OH  . TYR A 1 112 ? -5.472  -16.218 1.785   1.00 40.29 ? 112 TYR A OH  1 
ATOM   790  N  N   . ARG A 1 113 ? 0.282   -13.901 7.327   1.00 20.47 ? 113 ARG A N   1 
ATOM   791  C  CA  . ARG A 1 113 ? 1.515   -13.747 7.985   1.00 23.20 ? 113 ARG A CA  1 
ATOM   792  C  C   . ARG A 1 113 ? 2.766   -13.808 7.057   1.00 22.99 ? 113 ARG A C   1 
ATOM   793  O  O   . ARG A 1 113 ? 3.753   -13.137 7.369   1.00 24.06 ? 113 ARG A O   1 
ATOM   794  C  CB  . ARG A 1 113 ? 1.699   -14.880 9.011   1.00 27.22 ? 113 ARG A CB  1 
ATOM   795  C  CG  . ARG A 1 113 ? 2.889   -14.673 9.938   1.00 30.86 ? 113 ARG A CG  1 
ATOM   796  C  CD  . ARG A 1 113 ? 3.049   -15.845 10.849  1.00 35.84 ? 113 ARG A CD  1 
ATOM   797  N  NE  . ARG A 1 113 ? 4.265   -15.678 11.649  1.00 44.36 ? 113 ARG A NE  1 
ATOM   798  C  CZ  . ARG A 1 113 ? 4.615   -16.454 12.703  1.00 44.64 ? 113 ARG A CZ  1 
ATOM   799  N  NH1 . ARG A 1 113 ? 3.857   -17.468 13.134  1.00 42.06 ? 113 ARG A NH1 1 
ATOM   800  N  NH2 . ARG A 1 113 ? 5.749   -16.211 13.322  1.00 43.47 ? 113 ARG A NH2 1 
ATOM   801  N  N   . TYR A 1 114 ? 2.732   -14.673 6.039   1.00 23.48 ? 114 TYR A N   1 
ATOM   802  C  CA  . TYR A 1 114 ? 3.852   -14.894 5.101   1.00 23.25 ? 114 TYR A CA  1 
ATOM   803  C  C   . TYR A 1 114 ? 3.434   -14.758 3.672   1.00 21.99 ? 114 TYR A C   1 
ATOM   804  O  O   . TYR A 1 114 ? 2.473   -15.436 3.253   1.00 24.03 ? 114 TYR A O   1 
ATOM   805  C  CB  . TYR A 1 114 ? 4.397   -16.341 5.213   1.00 26.35 ? 114 TYR A CB  1 
ATOM   806  C  CG  . TYR A 1 114 ? 4.895   -16.743 6.566   1.00 30.08 ? 114 TYR A CG  1 
ATOM   807  C  CD1 . TYR A 1 114 ? 5.953   -16.070 7.190   1.00 33.24 ? 114 TYR A CD1 1 
ATOM   808  C  CD2 . TYR A 1 114 ? 4.344   -17.860 7.236   1.00 37.42 ? 114 TYR A CD2 1 
ATOM   809  C  CE1 . TYR A 1 114 ? 6.424   -16.463 8.437   1.00 31.13 ? 114 TYR A CE1 1 
ATOM   810  C  CE2 . TYR A 1 114 ? 4.847   -18.293 8.482   1.00 36.34 ? 114 TYR A CE2 1 
ATOM   811  C  CZ  . TYR A 1 114 ? 5.839   -17.571 9.086   1.00 34.91 ? 114 TYR A CZ  1 
ATOM   812  O  OH  . TYR A 1 114 ? 6.297   -17.971 10.321  1.00 41.34 ? 114 TYR A OH  1 
ATOM   813  N  N   . ILE A 1 115 ? 4.166   -13.978 2.884   1.00 21.57 ? 115 ILE A N   1 
ATOM   814  C  CA  . ILE A 1 115 ? 3.842   -13.822 1.477   1.00 19.90 ? 115 ILE A CA  1 
ATOM   815  C  C   . ILE A 1 115 ? 5.119   -13.814 0.618   1.00 18.79 ? 115 ILE A C   1 
ATOM   816  O  O   . ILE A 1 115 ? 6.174   -13.660 1.136   1.00 18.35 ? 115 ILE A O   1 
ATOM   817  C  CB  . ILE A 1 115 ? 3.027   -12.518 1.148   1.00 22.28 ? 115 ILE A CB  1 
ATOM   818  C  CG1 . ILE A 1 115 ? 3.847   -11.266 1.423   1.00 22.76 ? 115 ILE A CG1 1 
ATOM   819  C  CG2 . ILE A 1 115 ? 1.677   -12.471 1.919   1.00 24.00 ? 115 ILE A CG2 1 
ATOM   820  C  CD1 . ILE A 1 115 ? 3.248   -9.997  0.813   1.00 23.91 ? 115 ILE A CD1 1 
ATOM   821  N  N   . ARG A 1 116 ? 4.934   -13.898 -0.699  1.00 18.41 ? 116 ARG A N   1 
ATOM   822  C  CA  . ARG A 1 116 ? 5.938   -13.542 -1.667  1.00 20.25 ? 116 ARG A CA  1 
ATOM   823  C  C   . ARG A 1 116 ? 5.266   -12.491 -2.484  1.00 23.52 ? 116 ARG A C   1 
ATOM   824  O  O   . ARG A 1 116 ? 4.029   -12.615 -2.860  1.00 23.08 ? 116 ARG A O   1 
ATOM   825  C  CB  . ARG A 1 116 ? 6.291   -14.690 -2.653  1.00 22.95 ? 116 ARG A CB  1 
ATOM   826  C  CG  . ARG A 1 116 ? 7.408   -14.355 -3.653  1.00 24.12 ? 116 ARG A CG  1 
ATOM   827  C  CD  . ARG A 1 116 ? 7.824   -15.580 -4.495  1.00 23.65 ? 116 ARG A CD  1 
ATOM   828  N  NE  . ARG A 1 116 ? 8.479   -16.589 -3.657  1.00 25.68 ? 116 ARG A NE  1 
ATOM   829  C  CZ  . ARG A 1 116 ? 7.992   -17.816 -3.441  1.00 27.68 ? 116 ARG A CZ  1 
ATOM   830  N  NH1 . ARG A 1 116 ? 6.869   -18.229 -4.014  1.00 30.23 ? 116 ARG A NH1 1 
ATOM   831  N  NH2 . ARG A 1 116 ? 8.630   -18.612 -2.616  1.00 32.32 ? 116 ARG A NH2 1 
ATOM   832  N  N   . TYR A 1 117 ? 6.061   -11.454 -2.804  1.00 22.09 ? 117 TYR A N   1 
ATOM   833  C  CA  . TYR A 1 117 ? 5.620   -10.503 -3.798  1.00 22.98 ? 117 TYR A CA  1 
ATOM   834  C  C   . TYR A 1 117 ? 6.673   -10.335 -4.905  1.00 21.86 ? 117 TYR A C   1 
ATOM   835  O  O   . TYR A 1 117 ? 7.853   -10.558 -4.661  1.00 22.12 ? 117 TYR A O   1 
ATOM   836  C  CB  . TYR A 1 117 ? 5.246   -9.229  -3.114  1.00 22.81 ? 117 TYR A CB  1 
ATOM   837  C  CG  . TYR A 1 117 ? 6.317   -8.429  -2.389  1.00 22.56 ? 117 TYR A CG  1 
ATOM   838  C  CD1 . TYR A 1 117 ? 7.104   -7.418  -3.090  1.00 21.83 ? 117 TYR A CD1 1 
ATOM   839  C  CD2 . TYR A 1 117 ? 6.505   -8.577  -1.046  1.00 21.59 ? 117 TYR A CD2 1 
ATOM   840  C  CE1 . TYR A 1 117 ? 8.023   -6.655  -2.418  1.00 22.79 ? 117 TYR A CE1 1 
ATOM   841  C  CE2 . TYR A 1 117 ? 7.448   -7.825  -0.349  1.00 22.55 ? 117 TYR A CE2 1 
ATOM   842  C  CZ  . TYR A 1 117 ? 8.224   -6.859  -1.047  1.00 22.04 ? 117 TYR A CZ  1 
ATOM   843  O  OH  . TYR A 1 117 ? 9.114   -6.126  -0.315  1.00 19.19 ? 117 TYR A OH  1 
ATOM   844  N  N   . ARG A 1 118 ? 6.206   -9.976  -6.082  1.00 20.28 ? 118 ARG A N   1 
ATOM   845  C  CA  . ARG A 1 118 ? 7.023   -9.874  -7.272  1.00 26.60 ? 118 ARG A CA  1 
ATOM   846  C  C   . ARG A 1 118 ? 6.514   -8.630  -8.044  1.00 23.72 ? 118 ARG A C   1 
ATOM   847  O  O   . ARG A 1 118 ? 5.343   -8.273  -8.001  1.00 25.00 ? 118 ARG A O   1 
ATOM   848  C  CB  . ARG A 1 118 ? 6.831   -11.088 -8.252  1.00 26.78 ? 118 ARG A CB  1 
ATOM   849  C  CG  . ARG A 1 118 ? 7.145   -12.480 -7.808  1.00 34.49 ? 118 ARG A CG  1 
ATOM   850  C  CD  . ARG A 1 118 ? 6.774   -13.620 -8.813  1.00 35.77 ? 118 ARG A CD  1 
ATOM   851  N  NE  . ARG A 1 118 ? 7.614   -14.813 -8.525  1.00 48.54 ? 118 ARG A NE  1 
ATOM   852  C  CZ  . ARG A 1 118 ? 7.235   -16.079 -8.163  1.00 62.19 ? 118 ARG A CZ  1 
ATOM   853  N  NH1 . ARG A 1 118 ? 5.947   -16.529 -8.055  1.00 57.71 ? 118 ARG A NH1 1 
ATOM   854  N  NH2 . ARG A 1 118 ? 8.217   -16.961 -7.913  1.00 62.16 ? 118 ARG A NH2 1 
ATOM   855  N  N   . GLY A 1 119 ? 7.421   -7.958  -8.695  1.00 22.96 ? 119 GLY A N   1 
ATOM   856  C  CA  . GLY A 1 119 ? 7.093   -6.905  -9.639  1.00 22.51 ? 119 GLY A CA  1 
ATOM   857  C  C   . GLY A 1 119 ? 8.403   -6.271  -10.153 1.00 21.76 ? 119 GLY A C   1 
ATOM   858  O  O   . GLY A 1 119 ? 9.419   -6.923  -10.253 1.00 23.66 ? 119 GLY A O   1 
ATOM   859  N  N   . PHE A 1 120 ? 8.347   -4.985  -10.428 1.00 22.22 ? 120 PHE A N   1 
ATOM   860  C  CA  . PHE A 1 120 ? 9.491   -4.256  -10.993 1.00 23.40 ? 120 PHE A CA  1 
ATOM   861  C  C   . PHE A 1 120 ? 9.786   -2.972  -10.240 1.00 21.19 ? 120 PHE A C   1 
ATOM   862  O  O   . PHE A 1 120 ? 8.859   -2.285  -9.840  1.00 19.52 ? 120 PHE A O   1 
ATOM   863  C  CB  . PHE A 1 120 ? 9.188   -3.936  -12.458 1.00 24.27 ? 120 PHE A CB  1 
ATOM   864  C  CG  . PHE A 1 120 ? 9.095   -5.191  -13.272 1.00 29.57 ? 120 PHE A CG  1 
ATOM   865  C  CD1 . PHE A 1 120 ? 10.250  -5.784  -13.785 1.00 29.73 ? 120 PHE A CD1 1 
ATOM   866  C  CD2 . PHE A 1 120 ? 7.857   -5.841  -13.446 1.00 35.39 ? 120 PHE A CD2 1 
ATOM   867  C  CE1 . PHE A 1 120 ? 10.155  -6.974  -14.538 1.00 33.74 ? 120 PHE A CE1 1 
ATOM   868  C  CE2 . PHE A 1 120 ? 7.791   -7.025  -14.191 1.00 37.76 ? 120 PHE A CE2 1 
ATOM   869  C  CZ  . PHE A 1 120 ? 8.942   -7.596  -14.716 1.00 29.82 ? 120 PHE A CZ  1 
ATOM   870  N  N   . ALA A 1 121 ? 11.075  -2.683  -10.063 1.00 20.54 ? 121 ALA A N   1 
ATOM   871  C  CA  . ALA A 1 121 ? 11.525  -1.384  -9.628  1.00 23.02 ? 121 ALA A CA  1 
ATOM   872  C  C   . ALA A 1 121 ? 11.364  -0.413  -10.794 1.00 25.13 ? 121 ALA A C   1 
ATOM   873  O  O   . ALA A 1 121 ? 11.226  -0.838  -11.978 1.00 23.38 ? 121 ALA A O   1 
ATOM   874  C  CB  . ALA A 1 121 ? 12.937  -1.417  -9.112  1.00 21.99 ? 121 ALA A CB  1 
ATOM   875  N  N   . PRO A 1 122 ? 11.276  0.883   -10.485 1.00 22.63 ? 122 PRO A N   1 
ATOM   876  C  CA  . PRO A 1 122 ? 11.021  1.906   -11.550 1.00 23.49 ? 122 PRO A CA  1 
ATOM   877  C  C   . PRO A 1 122 ? 11.999  1.914   -12.719 1.00 22.50 ? 122 PRO A C   1 
ATOM   878  O  O   . PRO A 1 122 ? 11.575  2.320   -13.824 1.00 24.00 ? 122 PRO A O   1 
ATOM   879  C  CB  . PRO A 1 122 ? 11.146  3.238   -10.788 1.00 24.98 ? 122 PRO A CB  1 
ATOM   880  C  CG  . PRO A 1 122 ? 10.654  2.840   -9.427  1.00 24.92 ? 122 PRO A CG  1 
ATOM   881  C  CD  . PRO A 1 122 ? 11.392  1.552   -9.174  1.00 25.87 ? 122 PRO A CD  1 
ATOM   882  N  N   . ASP A 1 123 ? 13.240  1.524   -12.463 1.00 23.16 ? 123 ASP A N   1 
ATOM   883  C  CA  . ASP A 1 123 ? 14.290  1.368   -13.470 1.00 26.21 ? 123 ASP A CA  1 
ATOM   884  C  C   . ASP A 1 123 ? 14.108  0.107   -14.347 1.00 31.42 ? 123 ASP A C   1 
ATOM   885  O  O   . ASP A 1 123 ? 14.796  -0.012  -15.313 1.00 31.39 ? 123 ASP A O   1 
ATOM   886  C  CB  . ASP A 1 123 ? 15.672  1.439   -12.822 1.00 28.42 ? 123 ASP A CB  1 
ATOM   887  C  CG  . ASP A 1 123 ? 16.096  0.152   -12.150 1.00 31.80 ? 123 ASP A CG  1 
ATOM   888  O  OD1 . ASP A 1 123 ? 15.310  -0.803  -11.912 1.00 33.06 ? 123 ASP A OD1 1 
ATOM   889  O  OD2 . ASP A 1 123 ? 17.257  0.108   -11.823 1.00 39.97 ? 123 ASP A OD2 1 
ATOM   890  N  N   . GLY A 1 124 ? 13.134  -0.779  -14.047 1.00 26.78 ? 124 GLY A N   1 
ATOM   891  C  CA  . GLY A 1 124 ? 12.893  -2.047  -14.786 1.00 27.94 ? 124 GLY A CA  1 
ATOM   892  C  C   . GLY A 1 124 ? 13.483  -3.287  -14.170 1.00 25.75 ? 124 GLY A C   1 
ATOM   893  O  O   . GLY A 1 124 ? 13.275  -4.339  -14.660 1.00 28.60 ? 124 GLY A O   1 
ATOM   894  N  N   . SER A 1 125 ? 14.278  -3.173  -13.139 1.00 26.19 ? 125 SER A N   1 
ATOM   895  C  CA  . SER A 1 125 ? 14.836  -4.364  -12.509 1.00 30.14 ? 125 SER A CA  1 
ATOM   896  C  C   . SER A 1 125 ? 13.736  -5.197  -11.846 1.00 31.24 ? 125 SER A C   1 
ATOM   897  O  O   . SER A 1 125 ? 12.916  -4.629  -11.080 1.00 26.11 ? 125 SER A O   1 
ATOM   898  C  CB  . SER A 1 125 ? 15.810  -4.002  -11.361 1.00 34.53 ? 125 SER A CB  1 
ATOM   899  O  OG  . SER A 1 125 ? 16.649  -2.957  -11.733 1.00 42.35 ? 125 SER A OG  1 
ATOM   900  N  N   . PRO A 1 126 ? 13.770  -6.533  -12.029 1.00 36.64 ? 126 PRO A N   1 
ATOM   901  C  CA  . PRO A 1 126 ? 12.722  -7.358  -11.373 1.00 33.53 ? 126 PRO A CA  1 
ATOM   902  C  C   . PRO A 1 126 ? 12.940  -7.388  -9.884  1.00 33.04 ? 126 PRO A C   1 
ATOM   903  O  O   . PRO A 1 126 ? 14.092  -7.327  -9.467  1.00 26.79 ? 126 PRO A O   1 
ATOM   904  C  CB  . PRO A 1 126 ? 12.944  -8.759  -11.952 1.00 36.85 ? 126 PRO A CB  1 
ATOM   905  C  CG  . PRO A 1 126 ? 14.388  -8.772  -12.382 1.00 39.94 ? 126 PRO A CG  1 
ATOM   906  C  CD  . PRO A 1 126 ? 14.787  -7.361  -12.729 1.00 36.96 ? 126 PRO A CD  1 
ATOM   907  N  N   . ILE A 1 127 ? 11.849  -7.486  -9.096  1.00 26.90 ? 127 ILE A N   1 
ATOM   908  C  CA  . ILE A 1 127 ? 11.939  -7.597  -7.640  1.00 25.18 ? 127 ILE A CA  1 
ATOM   909  C  C   . ILE A 1 127 ? 11.138  -8.854  -7.275  1.00 24.72 ? 127 ILE A C   1 
ATOM   910  O  O   . ILE A 1 127 ? 10.038  -9.058  -7.832  1.00 24.56 ? 127 ILE A O   1 
ATOM   911  C  CB  . ILE A 1 127 ? 11.207  -6.374  -6.959  1.00 28.27 ? 127 ILE A CB  1 
ATOM   912  C  CG1 . ILE A 1 127 ? 12.119  -5.137  -7.096  1.00 29.58 ? 127 ILE A CG1 1 
ATOM   913  C  CG2 . ILE A 1 127 ? 10.962  -6.637  -5.439  1.00 31.24 ? 127 ILE A CG2 1 
ATOM   914  C  CD1 . ILE A 1 127 ? 11.494  -3.860  -6.561  1.00 30.33 ? 127 ILE A CD1 1 
ATOM   915  N  N   . GLU A 1 128 ? 11.664  -9.668  -6.352  1.00 24.01 ? 128 GLU A N   1 
ATOM   916  C  CA  . GLU A 1 128 ? 10.958  -10.879 -5.895  1.00 24.79 ? 128 GLU A CA  1 
ATOM   917  C  C   . GLU A 1 128 ? 11.449  -10.957 -4.490  1.00 22.03 ? 128 GLU A C   1 
ATOM   918  O  O   . GLU A 1 128 ? 12.625  -11.088 -4.301  1.00 19.76 ? 128 GLU A O   1 
ATOM   919  C  CB  . GLU A 1 128 ? 11.292  -12.192 -6.681  1.00 28.27 ? 128 GLU A CB  1 
ATOM   920  C  CG  . GLU A 1 128 ? 10.889  -13.553 -6.029  1.00 31.80 ? 128 GLU A CG  1 
ATOM   921  C  CD  . GLU A 1 128 ? 11.889  -14.162 -5.002  1.00 33.79 ? 128 GLU A CD  1 
ATOM   922  O  OE1 . GLU A 1 128 ? 11.588  -14.806 -3.937  1.00 27.32 ? 128 GLU A OE1 1 
ATOM   923  O  OE2 . GLU A 1 128 ? 13.085  -14.144 -5.297  1.00 37.74 ? 128 GLU A OE2 1 
ATOM   924  N  N   . ARG A 1 129 ? 10.536  -10.921 -3.516  1.00 21.84 ? 129 ARG A N   1 
ATOM   925  C  CA  . ARG A 1 129 ? 10.908  -11.085 -2.089  1.00 23.06 ? 129 ARG A CA  1 
ATOM   926  C  C   . ARG A 1 129 ? 9.884   -11.872 -1.297  1.00 22.29 ? 129 ARG A C   1 
ATOM   927  O  O   . ARG A 1 129 ? 8.686   -11.801 -1.557  1.00 20.04 ? 129 ARG A O   1 
ATOM   928  C  CB  . ARG A 1 129 ? 10.981  -9.721  -1.376  1.00 25.48 ? 129 ARG A CB  1 
ATOM   929  C  CG  . ARG A 1 129 ? 11.923  -8.717  -2.022  1.00 29.69 ? 129 ARG A CG  1 
ATOM   930  C  CD  . ARG A 1 129 ? 12.012  -7.523  -1.106  1.00 32.22 ? 129 ARG A CD  1 
ATOM   931  N  NE  . ARG A 1 129 ? 12.837  -6.441  -1.633  1.00 35.15 ? 129 ARG A NE  1 
ATOM   932  C  CZ  . ARG A 1 129 ? 12.580  -5.137  -1.514  1.00 33.20 ? 129 ARG A CZ  1 
ATOM   933  N  NH1 . ARG A 1 129 ? 11.479  -4.630  -0.960  1.00 25.72 ? 129 ARG A NH1 1 
ATOM   934  N  NH2 . ARG A 1 129 ? 13.464  -4.315  -2.027  1.00 32.33 ? 129 ARG A NH2 1 
ATOM   935  N  N   . GLU A 1 130 ? 10.364  -12.614 -0.323  1.00 22.00 ? 130 GLU A N   1 
ATOM   936  C  CA  . GLU A 1 130 ? 9.511   -13.205 0.728   1.00 28.11 ? 130 GLU A CA  1 
ATOM   937  C  C   . GLU A 1 130 ? 9.419   -12.161 1.884   1.00 28.55 ? 130 GLU A C   1 
ATOM   938  O  O   . GLU A 1 130 ? 10.396  -11.480 2.164   1.00 24.78 ? 130 GLU A O   1 
ATOM   939  C  CB  . GLU A 1 130 ? 10.085  -14.514 1.319   1.00 25.66 ? 130 GLU A CB  1 
ATOM   940  C  CG  . GLU A 1 130 ? 9.996   -15.687 0.352   1.00 24.86 ? 130 GLU A CG  1 
ATOM   941  C  CD  . GLU A 1 130 ? 11.018  -15.631 -0.820  1.00 26.95 ? 130 GLU A CD  1 
ATOM   942  O  OE1 . GLU A 1 130 ? 10.575  -15.919 -1.961  1.00 29.40 ? 130 GLU A OE1 1 
ATOM   943  O  OE2 . GLU A 1 130 ? 12.207  -15.291 -0.630  1.00 24.46 ? 130 GLU A OE2 1 
ATOM   944  N  N   . ALA A 1 131 ? 8.218   -11.998 2.444   1.00 25.19 ? 131 ALA A N   1 
ATOM   945  C  CA  . ALA A 1 131 ? 7.997   -11.093 3.510   1.00 24.27 ? 131 ALA A CA  1 
ATOM   946  C  C   . ALA A 1 131 ? 7.097   -11.668 4.608   1.00 24.61 ? 131 ALA A C   1 
ATOM   947  O  O   . ALA A 1 131 ? 6.219   -12.464 4.336   1.00 23.98 ? 131 ALA A O   1 
ATOM   948  C  CB  . ALA A 1 131 ? 7.430   -9.827  2.921   1.00 23.81 ? 131 ALA A CB  1 
ATOM   949  N  N   . GLU A 1 132 ? 7.326   -11.242 5.850   1.00 23.16 ? 132 GLU A N   1 
ATOM   950  C  CA  . GLU A 1 132 ? 6.501   -11.674 6.953   1.00 26.13 ? 132 GLU A CA  1 
ATOM   951  C  C   . GLU A 1 132 ? 6.065   -10.502 7.863   1.00 24.84 ? 132 GLU A C   1 
ATOM   952  O  O   . GLU A 1 132 ? 6.650   -9.426  7.816   1.00 25.46 ? 132 GLU A O   1 
ATOM   953  C  CB  . GLU A 1 132 ? 7.274   -12.668 7.784   1.00 25.99 ? 132 GLU A CB  1 
ATOM   954  C  CG  . GLU A 1 132 ? 8.417   -12.094 8.628   1.00 30.51 ? 132 GLU A CG  1 
ATOM   955  C  CD  . GLU A 1 132 ? 9.312   -13.240 9.188   1.00 32.15 ? 132 GLU A CD  1 
ATOM   956  O  OE1 . GLU A 1 132 ? 8.755   -14.140 9.885   1.00 33.91 ? 132 GLU A OE1 1 
ATOM   957  O  OE2 . GLU A 1 132 ? 10.555  -13.293 8.868   1.00 34.72 ? 132 GLU A OE2 1 
ATOM   958  N  N   . GLY A 1 133 ? 5.035   -10.743 8.690   1.00 23.91 ? 133 GLY A N   1 
ATOM   959  C  CA  . GLY A 1 133 ? 4.622   -9.794  9.689   1.00 23.06 ? 133 GLY A CA  1 
ATOM   960  C  C   . GLY A 1 133 ? 4.275   -8.440  9.080   1.00 22.69 ? 133 GLY A C   1 
ATOM   961  O  O   . GLY A 1 133 ? 3.568   -8.378  8.066   1.00 20.24 ? 133 GLY A O   1 
ATOM   962  N  N   . PHE A 1 134 ? 4.826   -7.395  9.680   1.00 25.37 ? 134 PHE A N   1 
ATOM   963  C  CA  . PHE A 1 134 ? 4.488   -6.017  9.347   1.00 25.03 ? 134 PHE A CA  1 
ATOM   964  C  C   . PHE A 1 134 ? 4.844   -5.678  7.901   1.00 22.85 ? 134 PHE A C   1 
ATOM   965  O  O   . PHE A 1 134 ? 3.993   -5.165  7.111   1.00 22.73 ? 134 PHE A O   1 
ATOM   966  C  CB  . PHE A 1 134 ? 5.089   -5.015  10.349  1.00 25.70 ? 134 PHE A CB  1 
ATOM   967  C  CG  . PHE A 1 134 ? 4.498   -3.627  10.169  1.00 30.23 ? 134 PHE A CG  1 
ATOM   968  C  CD1 . PHE A 1 134 ? 3.154   -3.405  10.401  1.00 33.52 ? 134 PHE A CD1 1 
ATOM   969  C  CD2 . PHE A 1 134 ? 5.243   -2.571  9.697   1.00 35.16 ? 134 PHE A CD2 1 
ATOM   970  C  CE1 . PHE A 1 134 ? 2.580   -2.156  10.209  1.00 34.09 ? 134 PHE A CE1 1 
ATOM   971  C  CE2 . PHE A 1 134 ? 4.671   -1.318  9.492   1.00 31.78 ? 134 PHE A CE2 1 
ATOM   972  C  CZ  . PHE A 1 134 ? 3.343   -1.118  9.739   1.00 33.12 ? 134 PHE A CZ  1 
ATOM   973  N  N   . HIS A 1 135 ? 6.035   -6.079  7.483   1.00 21.19 ? 135 HIS A N   1 
ATOM   974  C  CA  . HIS A 1 135 ? 6.429   -5.970  6.057   1.00 21.84 ? 135 HIS A CA  1 
ATOM   975  C  C   . HIS A 1 135 ? 5.358   -6.543  5.171   1.00 19.74 ? 135 HIS A C   1 
ATOM   976  O  O   . HIS A 1 135 ? 4.944   -5.905  4.193   1.00 20.01 ? 135 HIS A O   1 
ATOM   977  C  CB  . HIS A 1 135 ? 7.773   -6.681  5.836   1.00 22.96 ? 135 HIS A CB  1 
ATOM   978  C  CG  . HIS A 1 135 ? 8.380   -6.550  4.460   1.00 23.29 ? 135 HIS A CG  1 
ATOM   979  N  ND1 . HIS A 1 135 ? 9.650   -7.035  4.208   1.00 27.64 ? 135 HIS A ND1 1 
ATOM   980  C  CD2 . HIS A 1 135 ? 7.944   -6.007  3.285   1.00 25.34 ? 135 HIS A CD2 1 
ATOM   981  C  CE1 . HIS A 1 135 ? 9.948   -6.841  2.928   1.00 25.90 ? 135 HIS A CE1 1 
ATOM   982  N  NE2 . HIS A 1 135 ? 8.939   -6.212  2.338   1.00 24.83 ? 135 HIS A NE2 1 
ATOM   983  N  N   . ALA A 1 136 ? 4.950   -7.790  5.427   1.00 21.70 ? 136 ALA A N   1 
ATOM   984  C  CA  . ALA A 1 136 ? 3.906   -8.459  4.624   1.00 23.74 ? 136 ALA A CA  1 
ATOM   985  C  C   . ALA A 1 136 ? 2.524   -7.739  4.617   1.00 22.88 ? 136 ALA A C   1 
ATOM   986  O  O   . ALA A 1 136 ? 1.812   -7.690  3.619   1.00 22.38 ? 136 ALA A O   1 
ATOM   987  C  CB  . ALA A 1 136 ? 3.753   -9.899  5.087   1.00 24.77 ? 136 ALA A CB  1 
ATOM   988  N  N   . ARG A 1 137 ? 2.153   -7.202  5.768   1.00 23.44 ? 137 ARG A N   1 
ATOM   989  C  CA  . ARG A 1 137 ? 0.877   -6.496  5.936   1.00 23.00 ? 137 ARG A CA  1 
ATOM   990  C  C   . ARG A 1 137 ? 0.794   -5.238  5.104   1.00 20.78 ? 137 ARG A C   1 
ATOM   991  O  O   . ARG A 1 137 ? -0.221  -4.990  4.462   1.00 20.13 ? 137 ARG A O   1 
ATOM   992  C  CB  . ARG A 1 137 ? 0.739   -6.045  7.405   1.00 23.34 ? 137 ARG A CB  1 
ATOM   993  C  CG  . ARG A 1 137 ? -0.499  -5.210  7.705   1.00 24.45 ? 137 ARG A CG  1 
ATOM   994  C  CD  . ARG A 1 137 ? -0.598  -4.990  9.244   1.00 24.00 ? 137 ARG A CD  1 
ATOM   995  N  NE  . ARG A 1 137 ? -0.725  -6.269  9.961   1.00 27.10 ? 137 ARG A NE  1 
ATOM   996  C  CZ  . ARG A 1 137 ? -1.854  -6.972  10.158  1.00 27.24 ? 137 ARG A CZ  1 
ATOM   997  N  NH1 . ARG A 1 137 ? -2.994  -6.534  9.744   1.00 26.81 ? 137 ARG A NH1 1 
ATOM   998  N  NH2 . ARG A 1 137 ? -1.819  -8.179  10.762  1.00 28.58 ? 137 ARG A NH2 1 
ATOM   999  N  N   . VAL A 1 138 ? 1.883   -4.477  5.149   1.00 18.65 ? 138 VAL A N   1 
ATOM   1000 C  CA  . VAL A 1 138 ? 1.938   -3.235  4.375   1.00 20.74 ? 138 VAL A CA  1 
ATOM   1001 C  C   . VAL A 1 138 ? 1.734   -3.527  2.926   1.00 17.13 ? 138 VAL A C   1 
ATOM   1002 O  O   . VAL A 1 138 ? 0.945   -2.871  2.229   1.00 18.28 ? 138 VAL A O   1 
ATOM   1003 C  CB  . VAL A 1 138 ? 3.264   -2.494  4.582   1.00 22.35 ? 138 VAL A CB  1 
ATOM   1004 C  CG1 . VAL A 1 138 ? 3.272   -1.216  3.698   1.00 25.09 ? 138 VAL A CG1 1 
ATOM   1005 C  CG2 . VAL A 1 138 ? 3.328   -2.018  6.001   1.00 24.05 ? 138 VAL A CG2 1 
ATOM   1006 N  N   . VAL A 1 139 ? 2.488   -4.494  2.444   1.00 18.91 ? 139 VAL A N   1 
ATOM   1007 C  CA  . VAL A 1 139 ? 2.331   -4.881  1.037   1.00 18.17 ? 139 VAL A CA  1 
ATOM   1008 C  C   . VAL A 1 139 ? 0.915   -5.330  0.650   1.00 17.38 ? 139 VAL A C   1 
ATOM   1009 O  O   . VAL A 1 139 ? 0.334   -4.967  -0.412  1.00 20.33 ? 139 VAL A O   1 
ATOM   1010 C  CB  . VAL A 1 139 ? 3.425   -5.916  0.658   1.00 21.88 ? 139 VAL A CB  1 
ATOM   1011 C  CG1 . VAL A 1 139 ? 3.207   -6.379  -0.782  1.00 23.73 ? 139 VAL A CG1 1 
ATOM   1012 C  CG2 . VAL A 1 139 ? 4.841   -5.280  0.759   1.00 25.49 ? 139 VAL A CG2 1 
ATOM   1013 N  N   . GLN A 1 140 ? 0.304   -6.163  1.505   1.00 18.49 ? 140 GLN A N   1 
ATOM   1014 C  CA  . GLN A 1 140 ? -1.091  -6.556  1.293   1.00 18.92 ? 140 GLN A CA  1 
ATOM   1015 C  C   . GLN A 1 140 ? -2.044  -5.406  1.290   1.00 17.72 ? 140 GLN A C   1 
ATOM   1016 O  O   . GLN A 1 140 ? -2.927  -5.356  0.438   1.00 18.21 ? 140 GLN A O   1 
ATOM   1017 C  CB  . GLN A 1 140 ? -1.529  -7.640  2.265   1.00 20.85 ? 140 GLN A CB  1 
ATOM   1018 C  CG  . GLN A 1 140 ? -0.859  -8.989  2.096   1.00 19.61 ? 140 GLN A CG  1 
ATOM   1019 C  CD  . GLN A 1 140 ? -1.085  -9.905  3.316   1.00 19.85 ? 140 GLN A CD  1 
ATOM   1020 O  OE1 . GLN A 1 140 ? -2.163  -10.502 3.426   1.00 23.36 ? 140 GLN A OE1 1 
ATOM   1021 N  NE2 . GLN A 1 140 ? -0.072  -10.049 4.202   1.00 17.53 ? 140 GLN A NE2 1 
ATOM   1022 N  N   . HIS A 1 141 ? -1.827  -4.458  2.183   1.00 20.44 ? 141 HIS A N   1 
ATOM   1023 C  CA  . HIS A 1 141 ? -2.712  -3.295  2.291   1.00 22.07 ? 141 HIS A CA  1 
ATOM   1024 C  C   . HIS A 1 141 ? -2.611  -2.442  1.016   1.00 20.97 ? 141 HIS A C   1 
ATOM   1025 O  O   . HIS A 1 141 ? -3.605  -2.090  0.441   1.00 19.99 ? 141 HIS A O   1 
ATOM   1026 C  CB  . HIS A 1 141 ? -2.279  -2.476  3.507   1.00 25.09 ? 141 HIS A CB  1 
ATOM   1027 C  CG  . HIS A 1 141 ? -3.033  -1.197  3.667   1.00 27.12 ? 141 HIS A CG  1 
ATOM   1028 N  ND1 . HIS A 1 141 ? -3.991  -1.008  4.643   1.00 25.71 ? 141 HIS A ND1 1 
ATOM   1029 C  CD2 . HIS A 1 141 ? -2.975  -0.035  2.945   1.00 28.65 ? 141 HIS A CD2 1 
ATOM   1030 C  CE1 . HIS A 1 141 ? -4.508  0.217   4.495   1.00 29.54 ? 141 HIS A CE1 1 
ATOM   1031 N  NE2 . HIS A 1 141 ? -3.896  0.826   3.484   1.00 28.64 ? 141 HIS A NE2 1 
ATOM   1032 N  N   . GLU A 1 142 ? -1.389  -2.216  0.538   1.00 18.25 ? 142 GLU A N   1 
ATOM   1033 C  CA  . GLU A 1 142 ? -1.239  -1.411  -0.672  1.00 20.67 ? 142 GLU A CA  1 
ATOM   1034 C  C   . GLU A 1 142 ? -1.738  -2.110  -1.900  1.00 20.42 ? 142 GLU A C   1 
ATOM   1035 O  O   . GLU A 1 142 ? -2.305  -1.463  -2.795  1.00 20.68 ? 142 GLU A O   1 
ATOM   1036 C  CB  . GLU A 1 142 ? 0.213   -0.972  -0.845  1.00 22.98 ? 142 GLU A CB  1 
ATOM   1037 C  CG  . GLU A 1 142 ? 0.832   -0.071  0.227   1.00 24.15 ? 142 GLU A CG  1 
ATOM   1038 C  CD  . GLU A 1 142 ? -0.118  1.020   0.710   1.00 32.35 ? 142 GLU A CD  1 
ATOM   1039 O  OE1 . GLU A 1 142 ? -0.831  1.684   -0.106  1.00 35.00 ? 142 GLU A OE1 1 
ATOM   1040 O  OE2 . GLU A 1 142 ? -0.166  1.233   1.928   1.00 33.20 ? 142 GLU A OE2 1 
ATOM   1041 N  N   . TYR A 1 143 ? -1.488  -3.398  -1.987  1.00 18.88 ? 143 TYR A N   1 
ATOM   1042 C  CA  . TYR A 1 143 ? -2.021  -4.218  -3.058  1.00 21.58 ? 143 TYR A CA  1 
ATOM   1043 C  C   . TYR A 1 143 ? -3.529  -4.097  -3.185  1.00 19.86 ? 143 TYR A C   1 
ATOM   1044 O  O   . TYR A 1 143 ? -4.048  -3.911  -4.286  1.00 18.20 ? 143 TYR A O   1 
ATOM   1045 C  CB  . TYR A 1 143 ? -1.560  -5.700  -2.908  1.00 22.68 ? 143 TYR A CB  1 
ATOM   1046 C  CG  . TYR A 1 143 ? -2.069  -6.539  -4.050  1.00 27.59 ? 143 TYR A CG  1 
ATOM   1047 C  CD1 . TYR A 1 143 ? -1.458  -6.480  -5.326  1.00 27.76 ? 143 TYR A CD1 1 
ATOM   1048 C  CD2 . TYR A 1 143 ? -3.232  -7.307  -3.898  1.00 27.08 ? 143 TYR A CD2 1 
ATOM   1049 C  CE1 . TYR A 1 143 ? -1.958  -7.215  -6.394  1.00 31.43 ? 143 TYR A CE1 1 
ATOM   1050 C  CE2 . TYR A 1 143 ? -3.782  -8.005  -4.959  1.00 31.44 ? 143 TYR A CE2 1 
ATOM   1051 C  CZ  . TYR A 1 143 ? -3.144  -7.974  -6.208  1.00 36.45 ? 143 TYR A CZ  1 
ATOM   1052 O  OH  . TYR A 1 143 ? -3.669  -8.689  -7.261  1.00 39.73 ? 143 TYR A OH  1 
ATOM   1053 N  N   . ASP A 1 144 ? -4.265  -4.155  -2.045  1.00 22.80 ? 144 ASP A N   1 
ATOM   1054 C  CA  . ASP A 1 144 ? -5.693  -3.945  -2.053  1.00 20.64 ? 144 ASP A CA  1 
ATOM   1055 C  C   . ASP A 1 144 ? -6.086  -2.702  -2.738  1.00 22.72 ? 144 ASP A C   1 
ATOM   1056 O  O   . ASP A 1 144 ? -7.090  -2.722  -3.477  1.00 20.60 ? 144 ASP A O   1 
ATOM   1057 C  CB  . ASP A 1 144 ? -6.285  -3.907  -0.607  1.00 24.51 ? 144 ASP A CB  1 
ATOM   1058 C  CG  . ASP A 1 144 ? -6.598  -5.281  -0.073  1.00 28.17 ? 144 ASP A CG  1 
ATOM   1059 O  OD1 . ASP A 1 144 ? -6.608  -6.273  -0.867  1.00 27.50 ? 144 ASP A OD1 1 
ATOM   1060 O  OD2 . ASP A 1 144 ? -6.814  -5.401  1.143   1.00 29.32 ? 144 ASP A OD2 1 
ATOM   1061 N  N   . HIS A 1 145 ? -5.303  -1.607  -2.575  1.00 20.51 ? 145 HIS A N   1 
ATOM   1062 C  CA  . HIS A 1 145 ? -5.677  -0.346  -3.307  1.00 20.37 ? 145 HIS A CA  1 
ATOM   1063 C  C   . HIS A 1 145 ? -5.699  -0.476  -4.828  1.00 19.79 ? 145 HIS A C   1 
ATOM   1064 O  O   . HIS A 1 145 ? -6.510  0.125   -5.557  1.00 21.99 ? 145 HIS A O   1 
ATOM   1065 C  CB  . HIS A 1 145 ? -4.700  0.757   -2.965  1.00 20.98 ? 145 HIS A CB  1 
ATOM   1066 C  CG  . HIS A 1 145 ? -4.933  1.393   -1.656  1.00 21.02 ? 145 HIS A CG  1 
ATOM   1067 N  ND1 . HIS A 1 145 ? -6.124  2.030   -1.361  1.00 22.28 ? 145 HIS A ND1 1 
ATOM   1068 C  CD2 . HIS A 1 145 ? -4.160  1.496   -0.541  1.00 20.76 ? 145 HIS A CD2 1 
ATOM   1069 C  CE1 . HIS A 1 145 ? -6.044  2.539   -0.142  1.00 26.37 ? 145 HIS A CE1 1 
ATOM   1070 N  NE2 . HIS A 1 145 ? -4.881  2.228   0.368   1.00 21.18 ? 145 HIS A NE2 1 
ATOM   1071 N  N   . LEU A 1 146 ? -4.800  -1.292  -5.315  1.00 20.80 ? 146 LEU A N   1 
ATOM   1072 C  CA  . LEU A 1 146 ? -4.714  -1.548  -6.779  1.00 22.52 ? 146 LEU A CA  1 
ATOM   1073 C  C   . LEU A 1 146 ? -5.909  -2.317  -7.382  1.00 25.64 ? 146 LEU A C   1 
ATOM   1074 O  O   . LEU A 1 146 ? -6.115  -2.313  -8.643  1.00 22.59 ? 146 LEU A O   1 
ATOM   1075 C  CB  . LEU A 1 146 ? -3.417  -2.319  -7.051  1.00 22.71 ? 146 LEU A CB  1 
ATOM   1076 C  CG  . LEU A 1 146 ? -2.101  -1.699  -6.465  1.00 26.10 ? 146 LEU A CG  1 
ATOM   1077 C  CD1 . LEU A 1 146 ? -0.847  -2.387  -7.036  1.00 23.49 ? 146 LEU A CD1 1 
ATOM   1078 C  CD2 . LEU A 1 146 ? -2.051  -0.189  -6.719  1.00 24.03 ? 146 LEU A CD2 1 
ATOM   1079 N  N   . VAL A 1 147 ? -6.684  -2.997  -6.521  1.00 23.55 ? 147 VAL A N   1 
ATOM   1080 C  CA  . VAL A 1 147 ? -7.848  -3.780  -6.934  1.00 27.05 ? 147 VAL A CA  1 
ATOM   1081 C  C   . VAL A 1 147 ? -9.152  -3.148  -6.383  1.00 30.76 ? 147 VAL A C   1 
ATOM   1082 O  O   . VAL A 1 147 ? -10.238 -3.771  -6.385  1.00 30.23 ? 147 VAL A O   1 
ATOM   1083 C  CB  . VAL A 1 147 ? -7.632  -5.318  -6.623  1.00 28.27 ? 147 VAL A CB  1 
ATOM   1084 C  CG1 . VAL A 1 147 ? -6.481  -5.900  -7.450  1.00 29.66 ? 147 VAL A CG1 1 
ATOM   1085 C  CG2 . VAL A 1 147 ? -7.413  -5.604  -5.161  1.00 28.96 ? 147 VAL A CG2 1 
ATOM   1086 N  N   . GLY A 1 148 ? -9.037  -1.909  -5.905  1.00 28.12 ? 148 GLY A N   1 
ATOM   1087 C  CA  . GLY A 1 148 ? -10.151 -1.153  -5.414  1.00 27.59 ? 148 GLY A CA  1 
ATOM   1088 C  C   . GLY A 1 148 ? -10.758 -1.600  -4.074  1.00 26.09 ? 148 GLY A C   1 
ATOM   1089 O  O   . GLY A 1 148 ? -11.941 -1.551  -3.954  1.00 29.56 ? 148 GLY A O   1 
ATOM   1090 N  N   . ARG A 1 149 ? -9.964  -2.029  -3.100  1.00 26.76 ? 149 ARG A N   1 
ATOM   1091 C  CA  . ARG A 1 149 ? -10.456 -2.520  -1.813  1.00 27.89 ? 149 ARG A CA  1 
ATOM   1092 C  C   . ARG A 1 149 ? -9.836  -1.658  -0.746  1.00 27.48 ? 149 ARG A C   1 
ATOM   1093 O  O   . ARG A 1 149 ? -8.643  -1.351  -0.843  1.00 26.73 ? 149 ARG A O   1 
ATOM   1094 C  CB  . ARG A 1 149 ? -9.990  -3.971  -1.588  1.00 32.49 ? 149 ARG A CB  1 
ATOM   1095 C  CG  . ARG A 1 149 ? -10.713 -5.041  -2.396  1.00 40.20 ? 149 ARG A CG  1 
ATOM   1096 C  CD  . ARG A 1 149 ? -12.195 -5.181  -1.965  1.00 45.96 ? 149 ARG A CD  1 
ATOM   1097 N  NE  . ARG A 1 149 ? -12.345 -5.651  -0.575  1.00 44.79 ? 149 ARG A NE  1 
ATOM   1098 C  CZ  . ARG A 1 149 ? -12.484 -6.930  -0.189  1.00 44.45 ? 149 ARG A CZ  1 
ATOM   1099 N  NH1 . ARG A 1 149 ? -12.495 -7.899  -1.091  1.00 46.16 ? 149 ARG A NH1 1 
ATOM   1100 N  NH2 . ARG A 1 149 ? -12.630 -7.257  1.109   1.00 38.49 ? 149 ARG A NH2 1 
ATOM   1101 N  N   . LEU A 1 150 ? -10.620 -1.304  0.290   1.00 24.45 ? 150 LEU A N   1 
ATOM   1102 C  CA  . LEU A 1 150 ? -10.143 -0.624  1.478   1.00 26.17 ? 150 LEU A CA  1 
ATOM   1103 C  C   . LEU A 1 150 ? -10.355 -1.501  2.702   1.00 25.07 ? 150 LEU A C   1 
ATOM   1104 O  O   . LEU A 1 150 ? -11.192 -2.443  2.677   1.00 25.10 ? 150 LEU A O   1 
ATOM   1105 C  CB  . LEU A 1 150 ? -10.937 0.654   1.631   1.00 32.19 ? 150 LEU A CB  1 
ATOM   1106 C  CG  . LEU A 1 150 ? -10.906 1.545   0.363   1.00 35.33 ? 150 LEU A CG  1 
ATOM   1107 C  CD1 . LEU A 1 150 ? -11.974 2.605   0.464   1.00 42.35 ? 150 LEU A CD1 1 
ATOM   1108 C  CD2 . LEU A 1 150 ? -9.466  2.106   0.271   1.00 37.03 ? 150 LEU A CD2 1 
ATOM   1109 N  N   . TYR A 1 151 ? -9.623  -1.193  3.758   1.00 21.86 ? 151 TYR A N   1 
ATOM   1110 C  CA  . TYR A 1 151 ? -9.574  -2.099  4.888   1.00 23.67 ? 151 TYR A CA  1 
ATOM   1111 C  C   . TYR A 1 151 ? -10.943 -2.281  5.634   1.00 22.63 ? 151 TYR A C   1 
ATOM   1112 O  O   . TYR A 1 151 ? -11.091 -3.317  6.275   1.00 20.29 ? 151 TYR A O   1 
ATOM   1113 C  CB  . TYR A 1 151 ? -8.449  -1.768  5.863   1.00 22.17 ? 151 TYR A CB  1 
ATOM   1114 C  CG  . TYR A 1 151 ? -8.674  -0.592  6.770   1.00 22.68 ? 151 TYR A CG  1 
ATOM   1115 C  CD1 . TYR A 1 151 ? -9.549  -0.700  7.943   1.00 21.94 ? 151 TYR A CD1 1 
ATOM   1116 C  CD2 . TYR A 1 151 ? -8.024  0.597   6.581   1.00 21.96 ? 151 TYR A CD2 1 
ATOM   1117 C  CE1 . TYR A 1 151 ? -9.780  0.405   8.748   1.00 26.88 ? 151 TYR A CE1 1 
ATOM   1118 C  CE2 . TYR A 1 151 ? -8.195  1.675   7.437   1.00 26.83 ? 151 TYR A CE2 1 
ATOM   1119 C  CZ  . TYR A 1 151 ? -9.082  1.592   8.523   1.00 28.73 ? 151 TYR A CZ  1 
ATOM   1120 O  OH  . TYR A 1 151 ? -9.276  2.679   9.335   1.00 27.07 ? 151 TYR A OH  1 
ATOM   1121 N  N   . PRO A 1 152 ? -11.880 -1.314  5.546   1.00 22.53 ? 152 PRO A N   1 
ATOM   1122 C  CA  . PRO A 1 152 ? -13.123 -1.579  6.357   1.00 23.66 ? 152 PRO A CA  1 
ATOM   1123 C  C   . PRO A 1 152 ? -13.873 -2.796  5.887   1.00 25.11 ? 152 PRO A C   1 
ATOM   1124 O  O   . PRO A 1 152 ? -14.351 -3.521  6.750   1.00 26.03 ? 152 PRO A O   1 
ATOM   1125 C  CB  . PRO A 1 152 ? -13.915 -0.308  6.211   1.00 22.90 ? 152 PRO A CB  1 
ATOM   1126 C  CG  . PRO A 1 152 ? -12.888 0.771   6.018   1.00 24.00 ? 152 PRO A CG  1 
ATOM   1127 C  CD  . PRO A 1 152 ? -11.783 0.125   5.214   1.00 23.34 ? 152 PRO A CD  1 
ATOM   1128 N  N   . SER A 1 153 ? -13.819 -3.115  4.569   1.00 26.22 ? 153 SER A N   1 
ATOM   1129 C  CA  . SER A 1 153 ? -14.373 -4.339  4.045   1.00 25.75 ? 153 SER A CA  1 
ATOM   1130 C  C   . SER A 1 153 ? -13.687 -5.623  4.536   1.00 26.38 ? 153 SER A C   1 
ATOM   1131 O  O   . SER A 1 153 ? -14.192 -6.704  4.328   1.00 26.39 ? 153 SER A O   1 
ATOM   1132 C  CB  . SER A 1 153 ? -14.447 -4.300  2.518   1.00 26.87 ? 153 SER A CB  1 
ATOM   1133 O  OG  . SER A 1 153 ? -13.121 -4.465  2.016   1.00 27.23 ? 153 SER A OG  1 
ATOM   1134 N  N   . ARG A 1 154 ? -12.604 -5.546  5.285   1.00 25.90 ? 154 ARG A N   1 
ATOM   1135 C  CA  . ARG A 1 154 ? -11.998 -6.748  5.827   1.00 26.82 ? 154 ARG A CA  1 
ATOM   1136 C  C   . ARG A 1 154 ? -12.090 -6.837  7.341   1.00 29.34 ? 154 ARG A C   1 
ATOM   1137 O  O   . ARG A 1 154 ? -11.548 -7.788  7.930   1.00 26.39 ? 154 ARG A O   1 
ATOM   1138 C  CB  . ARG A 1 154 ? -10.502 -6.810  5.433   1.00 25.97 ? 154 ARG A CB  1 
ATOM   1139 C  CG  . ARG A 1 154 ? -10.368 -7.018  3.896   1.00 28.58 ? 154 ARG A CG  1 
ATOM   1140 C  CD  . ARG A 1 154 ? -8.915  -7.058  3.479   1.00 34.93 ? 154 ARG A CD  1 
ATOM   1141 N  NE  . ARG A 1 154 ? -8.729  -7.199  2.022   1.00 32.31 ? 154 ARG A NE  1 
ATOM   1142 C  CZ  . ARG A 1 154 ? -8.781  -8.339  1.354   1.00 39.64 ? 154 ARG A CZ  1 
ATOM   1143 N  NH1 . ARG A 1 154 ? -9.089  -9.469  1.978   1.00 42.89 ? 154 ARG A NH1 1 
ATOM   1144 N  NH2 . ARG A 1 154 ? -8.520  -8.361  0.041   1.00 36.29 ? 154 ARG A NH2 1 
ATOM   1145 N  N   . ILE A 1 155 ? -12.712 -5.845  7.983   1.00 27.08 ? 155 ILE A N   1 
ATOM   1146 C  CA  . ILE A 1 155 ? -12.804 -5.918  9.454   1.00 25.98 ? 155 ILE A CA  1 
ATOM   1147 C  C   . ILE A 1 155 ? -13.779 -7.092  9.760   1.00 27.32 ? 155 ILE A C   1 
ATOM   1148 O  O   . ILE A 1 155 ? -14.824 -7.214  9.094   1.00 23.68 ? 155 ILE A O   1 
ATOM   1149 C  CB  . ILE A 1 155 ? -13.384 -4.616  10.058  1.00 25.33 ? 155 ILE A CB  1 
ATOM   1150 C  CG1 . ILE A 1 155 ? -12.469 -3.395  9.789   1.00 24.97 ? 155 ILE A CG1 1 
ATOM   1151 C  CG2 . ILE A 1 155 ? -13.681 -4.786  11.572  1.00 26.82 ? 155 ILE A CG2 1 
ATOM   1152 C  CD1 . ILE A 1 155 ? -13.189 -2.077  10.000  1.00 25.51 ? 155 ILE A CD1 1 
ATOM   1153 N  N   . GLU A 1 156 ? -13.391 -7.874  10.766  1.00 25.92 ? 156 GLU A N   1 
ATOM   1154 C  CA  . GLU A 1 156 ? -14.162 -8.991  11.355  1.00 30.32 ? 156 GLU A CA  1 
ATOM   1155 C  C   . GLU A 1 156 ? -14.717 -8.621  12.725  1.00 26.33 ? 156 GLU A C   1 
ATOM   1156 O  O   . GLU A 1 156 ? -15.868 -8.884  12.944  1.00 31.98 ? 156 GLU A O   1 
ATOM   1157 C  CB  . GLU A 1 156 ? -13.324 -10.294 11.461  1.00 32.73 ? 156 GLU A CB  1 
ATOM   1158 C  CG  . GLU A 1 156 ? -12.944 -10.827 10.098  1.00 39.30 ? 156 GLU A CG  1 
ATOM   1159 C  CD  . GLU A 1 156 ? -12.154 -12.124 10.125  1.00 46.54 ? 156 GLU A CD  1 
ATOM   1160 O  OE1 . GLU A 1 156 ? -11.683 -12.598 11.208  1.00 47.37 ? 156 GLU A OE1 1 
ATOM   1161 O  OE2 . GLU A 1 156 ? -11.949 -12.637 9.007   1.00 55.76 ? 156 GLU A OE2 1 
ATOM   1162 N  N   . ASN A 1 157 ? -13.948 -7.938  13.559  1.00 25.81 ? 157 ASN A N   1 
ATOM   1163 C  CA  . ASN A 1 157 ? -14.362 -7.484  14.891  1.00 26.04 ? 157 ASN A CA  1 
ATOM   1164 C  C   . ASN A 1 157 ? -14.520 -5.949  14.871  1.00 23.85 ? 157 ASN A C   1 
ATOM   1165 O  O   . ASN A 1 157 ? -13.577 -5.161  15.031  1.00 22.74 ? 157 ASN A O   1 
ATOM   1166 C  CB  . ASN A 1 157 ? -13.362 -7.938  15.993  1.00 28.17 ? 157 ASN A CB  1 
ATOM   1167 C  CG  . ASN A 1 157 ? -13.889 -7.626  17.434  1.00 28.75 ? 157 ASN A CG  1 
ATOM   1168 O  OD1 . ASN A 1 157 ? -14.953 -7.074  17.587  1.00 31.21 ? 157 ASN A OD1 1 
ATOM   1169 N  ND2 . ASN A 1 157 ? -13.126 -7.925  18.445  1.00 28.24 ? 157 ASN A ND2 1 
ATOM   1170 N  N   . PHE A 1 158 ? -15.768 -5.513  14.718  1.00 24.21 ? 158 PHE A N   1 
ATOM   1171 C  CA  . PHE A 1 158 ? -16.094 -4.085  14.694  1.00 25.92 ? 158 PHE A CA  1 
ATOM   1172 C  C   . PHE A 1 158 ? -15.926 -3.329  16.017  1.00 25.87 ? 158 PHE A C   1 
ATOM   1173 O  O   . PHE A 1 158 ? -15.898 -2.119  16.021  1.00 25.81 ? 158 PHE A O   1 
ATOM   1174 C  CB  . PHE A 1 158 ? -17.430 -3.866  14.137  1.00 24.90 ? 158 PHE A CB  1 
ATOM   1175 C  CG  . PHE A 1 158 ? -17.440 -3.905  12.672  1.00 26.94 ? 158 PHE A CG  1 
ATOM   1176 C  CD1 . PHE A 1 158 ? -17.090 -2.783  11.951  1.00 25.25 ? 158 PHE A CD1 1 
ATOM   1177 C  CD2 . PHE A 1 158 ? -17.717 -5.106  11.988  1.00 30.68 ? 158 PHE A CD2 1 
ATOM   1178 C  CE1 . PHE A 1 158 ? -17.093 -2.806  10.548  1.00 28.00 ? 158 PHE A CE1 1 
ATOM   1179 C  CE2 . PHE A 1 158 ? -17.670 -5.139  10.588  1.00 29.41 ? 158 PHE A CE2 1 
ATOM   1180 C  CZ  . PHE A 1 158 ? -17.388 -3.969  9.888   1.00 24.77 ? 158 PHE A CZ  1 
ATOM   1181 N  N   . ASP A 1 159 ? -15.735 -4.037  17.113  1.00 27.29 ? 159 ASP A N   1 
ATOM   1182 C  CA  . ASP A 1 159 ? -15.300 -3.379  18.348  1.00 27.31 ? 159 ASP A CA  1 
ATOM   1183 C  C   . ASP A 1 159 ? -13.932 -2.697  18.305  1.00 27.47 ? 159 ASP A C   1 
ATOM   1184 O  O   . ASP A 1 159 ? -13.637 -1.821  19.114  1.00 24.81 ? 159 ASP A O   1 
ATOM   1185 C  CB  . ASP A 1 159 ? -15.240 -4.424  19.453  1.00 31.89 ? 159 ASP A CB  1 
ATOM   1186 C  CG  . ASP A 1 159 ? -16.648 -4.884  19.950  1.00 34.24 ? 159 ASP A CG  1 
ATOM   1187 O  OD1 . ASP A 1 159 ? -17.723 -4.521  19.416  1.00 34.53 ? 159 ASP A OD1 1 
ATOM   1188 O  OD2 . ASP A 1 159 ? -16.616 -5.677  20.899  1.00 39.32 ? 159 ASP A OD2 1 
ATOM   1189 N  N   . THR A 1 160 ? -13.064 -3.114  17.374  1.00 27.43 ? 160 THR A N   1 
ATOM   1190 C  CA  . THR A 1 160 ? -11.728 -2.545  17.237  1.00 28.19 ? 160 THR A CA  1 
ATOM   1191 C  C   . THR A 1 160 ? -11.670 -1.378  16.281  1.00 23.61 ? 160 THR A C   1 
ATOM   1192 O  O   . THR A 1 160 ? -10.625 -0.758  16.159  1.00 24.62 ? 160 THR A O   1 
ATOM   1193 C  CB  . THR A 1 160 ? -10.717 -3.627  16.693  1.00 28.48 ? 160 THR A CB  1 
ATOM   1194 O  OG1 . THR A 1 160 ? -10.996 -3.893  15.286  1.00 26.98 ? 160 THR A OG1 1 
ATOM   1195 C  CG2 . THR A 1 160 ? -10.845 -4.864  17.543  1.00 29.69 ? 160 THR A CG2 1 
ATOM   1196 N  N   . PHE A 1 161 ? -12.765 -1.048  15.628  1.00 22.62 ? 161 PHE A N   1 
ATOM   1197 C  CA  . PHE A 1 161 ? -12.760 0.058   14.659  1.00 23.45 ? 161 PHE A CA  1 
ATOM   1198 C  C   . PHE A 1 161 ? -13.085 1.359   15.368  1.00 27.11 ? 161 PHE A C   1 
ATOM   1199 O  O   . PHE A 1 161 ? -14.098 1.441   16.069  1.00 24.37 ? 161 PHE A O   1 
ATOM   1200 C  CB  . PHE A 1 161 ? -13.812 -0.243  13.637  1.00 21.22 ? 161 PHE A CB  1 
ATOM   1201 C  CG  . PHE A 1 161 ? -13.846 0.677   12.418  1.00 23.22 ? 161 PHE A CG  1 
ATOM   1202 C  CD1 . PHE A 1 161 ? -12.732 1.390   11.954  1.00 24.53 ? 161 PHE A CD1 1 
ATOM   1203 C  CD2 . PHE A 1 161 ? -15.066 0.793   11.689  1.00 23.02 ? 161 PHE A CD2 1 
ATOM   1204 C  CE1 . PHE A 1 161 ? -12.820 2.155   10.770  1.00 23.83 ? 161 PHE A CE1 1 
ATOM   1205 C  CE2 . PHE A 1 161 ? -15.132 1.555   10.502  1.00 24.93 ? 161 PHE A CE2 1 
ATOM   1206 C  CZ  . PHE A 1 161 ? -13.995 2.249   10.063  1.00 25.21 ? 161 PHE A CZ  1 
ATOM   1207 N  N   . GLY A 1 162 ? -12.265 2.387   15.183  1.00 22.34 ? 162 GLY A N   1 
ATOM   1208 C  CA  . GLY A 1 162 ? -12.378 3.571   15.994  1.00 26.82 ? 162 GLY A CA  1 
ATOM   1209 C  C   . GLY A 1 162 ? -11.358 4.632   15.660  1.00 28.90 ? 162 GLY A C   1 
ATOM   1210 O  O   . GLY A 1 162 ? -10.421 4.394   14.858  1.00 23.89 ? 162 GLY A O   1 
ATOM   1211 N  N   . PHE A 1 163 ? -11.540 5.807   16.272  1.00 24.90 ? 163 PHE A N   1 
ATOM   1212 C  CA  . PHE A 1 163 ? -10.596 6.915   16.186  1.00 26.86 ? 163 PHE A CA  1 
ATOM   1213 C  C   . PHE A 1 163 ? -9.329  6.666   16.921  1.00 29.08 ? 163 PHE A C   1 
ATOM   1214 O  O   . PHE A 1 163 ? -9.370  6.182   18.007  1.00 30.74 ? 163 PHE A O   1 
ATOM   1215 C  CB  . PHE A 1 163 ? -11.229 8.226   16.660  1.00 27.60 ? 163 PHE A CB  1 
ATOM   1216 C  CG  . PHE A 1 163 ? -12.174 8.756   15.654  1.00 29.12 ? 163 PHE A CG  1 
ATOM   1217 C  CD1 . PHE A 1 163 ? -11.709 9.478   14.600  1.00 33.34 ? 163 PHE A CD1 1 
ATOM   1218 C  CD2 . PHE A 1 163 ? -13.511 8.389   15.673  1.00 32.40 ? 163 PHE A CD2 1 
ATOM   1219 C  CE1 . PHE A 1 163 ? -12.566 9.917   13.592  1.00 33.00 ? 163 PHE A CE1 1 
ATOM   1220 C  CE2 . PHE A 1 163 ? -14.381 8.797   14.656  1.00 32.36 ? 163 PHE A CE2 1 
ATOM   1221 C  CZ  . PHE A 1 163 ? -13.904 9.566   13.620  1.00 33.42 ? 163 PHE A CZ  1 
ATOM   1222 N  N   . ASP A 1 164 ? -8.191  6.980   16.295  1.00 33.31 ? 164 ASP A N   1 
ATOM   1223 C  CA  . ASP A 1 164 ? -6.846  6.756   16.900  1.00 37.90 ? 164 ASP A CA  1 
ATOM   1224 C  C   . ASP A 1 164 ? -6.666  7.370   18.281  1.00 38.13 ? 164 ASP A C   1 
ATOM   1225 O  O   . ASP A 1 164 ? -6.170  6.706   19.180  1.00 41.93 ? 164 ASP A O   1 
ATOM   1226 C  CB  . ASP A 1 164 ? -5.733  7.289   15.968  1.00 44.15 ? 164 ASP A CB  1 
ATOM   1227 C  CG  . ASP A 1 164 ? -4.334  6.965   16.491  1.00 49.57 ? 164 ASP A CG  1 
ATOM   1228 O  OD1 . ASP A 1 164 ? -4.025  5.789   16.838  1.00 52.77 ? 164 ASP A OD1 1 
ATOM   1229 O  OD2 . ASP A 1 164 ? -3.527  7.913   16.558  1.00 65.57 ? 164 ASP A OD2 1 
ATOM   1230 N  N   . ASP A 1 165 ? -7.058  8.627   18.459  1.00 38.77 ? 165 ASP A N   1 
ATOM   1231 C  CA  . ASP A 1 165 ? -6.897  9.282   19.768  1.00 42.09 ? 165 ASP A CA  1 
ATOM   1232 C  C   . ASP A 1 165 ? -7.722  8.636   20.888  1.00 46.52 ? 165 ASP A C   1 
ATOM   1233 O  O   . ASP A 1 165 ? -7.311  8.681   22.023  1.00 47.43 ? 165 ASP A O   1 
ATOM   1234 C  CB  . ASP A 1 165 ? -7.110  10.822  19.712  1.00 46.50 ? 165 ASP A CB  1 
ATOM   1235 C  CG  . ASP A 1 165 ? -8.454  11.244  19.132  1.00 52.59 ? 165 ASP A CG  1 
ATOM   1236 O  OD1 . ASP A 1 165 ? -9.265  10.400  18.690  1.00 55.37 ? 165 ASP A OD1 1 
ATOM   1237 O  OD2 . ASP A 1 165 ? -8.711  12.461  19.088  1.00 57.48 ? 165 ASP A OD2 1 
ATOM   1238 N  N   . VAL A 1 166 ? -8.843  7.991   20.555  1.00 41.92 ? 166 VAL A N   1 
ATOM   1239 C  CA  . VAL A 1 166 ? -9.729  7.420   21.526  1.00 39.34 ? 166 VAL A CA  1 
ATOM   1240 C  C   . VAL A 1 166 ? -9.318  6.009   21.886  1.00 47.38 ? 166 VAL A C   1 
ATOM   1241 O  O   . VAL A 1 166 ? -9.259  5.708   23.067  1.00 47.43 ? 166 VAL A O   1 
ATOM   1242 C  CB  . VAL A 1 166 ? -11.175 7.422   20.984  1.00 44.95 ? 166 VAL A CB  1 
ATOM   1243 C  CG1 . VAL A 1 166 ? -12.120 6.795   21.999  1.00 43.23 ? 166 VAL A CG1 1 
ATOM   1244 C  CG2 . VAL A 1 166 ? -11.589 8.857   20.638  1.00 40.38 ? 166 VAL A CG2 1 
ATOM   1245 N  N   . LEU A 1 167 ? -9.035  5.141   20.897  1.00 41.90 ? 167 LEU A N   1 
ATOM   1246 C  CA  . LEU A 1 167 ? -8.637  3.737   21.160  1.00 47.46 ? 167 LEU A CA  1 
ATOM   1247 C  C   . LEU A 1 167 ? -7.403  3.590   22.087  1.00 50.02 ? 167 LEU A C   1 
ATOM   1248 O  O   . LEU A 1 167 ? -6.353  4.226   21.844  1.00 55.13 ? 167 LEU A O   1 
ATOM   1249 C  CB  . LEU A 1 167 ? -8.329  3.025   19.836  1.00 43.34 ? 167 LEU A CB  1 
ATOM   1250 C  CG  . LEU A 1 167 ? -9.535  2.727   18.949  1.00 37.61 ? 167 LEU A CG  1 
ATOM   1251 C  CD1 . LEU A 1 167 ? -9.097  2.426   17.520  1.00 38.24 ? 167 LEU A CD1 1 
ATOM   1252 C  CD2 . LEU A 1 167 ? -10.347 1.572   19.502  1.00 41.33 ? 167 LEU A CD2 1 
HETATM 1253 NI NI  . NI  B 2 .   ? -4.301  2.760   2.543   1.00 29.64 ? 201 NI  A NI  1 
HETATM 1254 NI NI  . NI  C 2 .   ? 11.071  -15.220 9.870   1.00 24.48 ? 202 NI  A NI  1 
HETATM 1255 NI NI  . NI  D 2 .   ? 6.094   15.889  9.184   1.00 17.46 ? 203 NI  A NI  1 
HETATM 1256 O  O22 . K2U E 3 .   ? -2.674  2.735   1.759   1.00 18.44 ? 204 K2U A O22 1 
HETATM 1257 C  C1  . K2U E 3 .   ? -2.294  3.419   2.761   1.00 45.03 ? 204 K2U A C1  1 
HETATM 1258 O  O21 . K2U E 3 .   ? -3.133  4.278   3.347   1.00 52.25 ? 204 K2U A O21 1 
HETATM 1259 C  C2  . K2U E 3 .   ? -1.023  3.572   3.558   1.00 48.47 ? 204 K2U A C2  1 
HETATM 1260 C  C3  . K2U E 3 .   ? -1.093  3.204   5.084   1.00 57.70 ? 204 K2U A C3  1 
HETATM 1261 C  C4  . K2U E 3 .   ? -0.347  1.838   5.143   1.00 53.75 ? 204 K2U A C4  1 
HETATM 1262 C  C5  . K2U E 3 .   ? -0.472  0.879   6.331   1.00 49.06 ? 204 K2U A C5  1 
HETATM 1263 C  C6  . K2U E 3 .   ? -0.668  -0.460  6.042   1.00 49.97 ? 204 K2U A C6  1 
HETATM 1264 C  C7  . K2U E 3 .   ? -0.749  -1.439  7.029   1.00 44.41 ? 204 K2U A C7  1 
HETATM 1265 C  C8  . K2U E 3 .   ? -0.634  -1.093  8.371   1.00 47.73 ? 204 K2U A C8  1 
HETATM 1266 C  C9  . K2U E 3 .   ? -0.461  0.253   8.694   1.00 48.13 ? 204 K2U A C9  1 
HETATM 1267 C  C10 . K2U E 3 .   ? -0.368  1.227   7.680   1.00 51.69 ? 204 K2U A C10 1 
HETATM 1268 C  C11 . K2U E 3 .   ? -0.593  4.387   5.996   1.00 62.48 ? 204 K2U A C11 1 
HETATM 1269 O  O12 . K2U E 3 .   ? 0.819   4.363   6.080   1.00 47.37 ? 204 K2U A O12 1 
HETATM 1270 S  S13 . K2U E 3 .   ? -1.223  4.571   7.690   1.00 75.00 ? 204 K2U A S13 1 
HETATM 1271 C  C14 . K2U E 3 .   ? -0.177  5.345   8.930   1.00 82.03 ? 204 K2U A C14 1 
HETATM 1272 C  C15 . K2U E 3 .   ? 0.550   4.393   9.901   1.00 87.46 ? 204 K2U A C15 1 
HETATM 1273 C  C16 . K2U E 3 .   ? -0.082  3.275   10.500  1.00 87.74 ? 204 K2U A C16 1 
HETATM 1274 C  C17 . K2U E 3 .   ? 0.642   2.423   11.372  1.00 87.48 ? 204 K2U A C17 1 
HETATM 1275 C  C18 . K2U E 3 .   ? 1.997   2.672   11.673  1.00 81.55 ? 204 K2U A C18 1 
HETATM 1276 C  C19 . K2U E 3 .   ? 2.629   3.782   11.098  1.00 84.27 ? 204 K2U A C19 1 
HETATM 1277 C  C20 . K2U E 3 .   ? 1.910   4.631   10.225  1.00 87.60 ? 204 K2U A C20 1 
HETATM 1278 O  O   . HOH F 4 .   ? 2.190   -20.822 8.444   1.00 41.25 ? 301 HOH A O   1 
HETATM 1279 O  O   . HOH F 4 .   ? -14.584 -1.770  -7.122  1.00 35.94 ? 302 HOH A O   1 
HETATM 1280 O  O   . HOH F 4 .   ? 8.734   8.628   1.888   1.00 23.03 ? 303 HOH A O   1 
HETATM 1281 O  O   . HOH F 4 .   ? -7.585  4.868   8.822   1.00 31.51 ? 304 HOH A O   1 
HETATM 1282 O  O   . HOH F 4 .   ? -11.171 -10.109 6.760   1.00 31.69 ? 305 HOH A O   1 
HETATM 1283 O  O   . HOH F 4 .   ? -4.982  6.144   12.061  1.00 21.62 ? 306 HOH A O   1 
HETATM 1284 O  O   . HOH F 4 .   ? -7.346  -3.262  2.595   1.00 28.41 ? 307 HOH A O   1 
HETATM 1285 O  O   . HOH F 4 .   ? 16.051  4.744   -18.921 1.00 30.33 ? 308 HOH A O   1 
HETATM 1286 O  O   . HOH F 4 .   ? 1.257   -9.811  8.042   1.00 25.61 ? 309 HOH A O   1 
HETATM 1287 O  O   . HOH F 4 .   ? -0.786  -4.306  15.287  1.00 33.66 ? 310 HOH A O   1 
HETATM 1288 O  O   . HOH F 4 .   ? -13.781 5.332   -1.882  1.00 24.03 ? 311 HOH A O   1 
HETATM 1289 O  O   . HOH F 4 .   ? -4.845  -3.882  -10.539 1.00 24.66 ? 312 HOH A O   1 
HETATM 1290 O  O   . HOH F 4 .   ? 2.570   -2.438  -7.914  1.00 29.18 ? 313 HOH A O   1 
HETATM 1291 O  O   . HOH F 4 .   ? -15.990 -5.856  6.972   1.00 23.24 ? 314 HOH A O   1 
HETATM 1292 O  O   . HOH F 4 .   ? 2.536   3.246   -17.448 1.00 34.33 ? 315 HOH A O   1 
HETATM 1293 O  O   . HOH F 4 .   ? 0.728   -16.830 5.881   1.00 24.01 ? 316 HOH A O   1 
HETATM 1294 O  O   . HOH F 4 .   ? 0.783   -9.431  10.499  1.00 30.08 ? 317 HOH A O   1 
HETATM 1295 O  O   . HOH F 4 .   ? -14.558 -1.614  -5.056  1.00 29.99 ? 318 HOH A O   1 
HETATM 1296 O  O   . HOH F 4 .   ? -12.986 -3.636  -7.281  1.00 42.84 ? 319 HOH A O   1 
HETATM 1297 O  O   . HOH F 4 .   ? -4.680  -9.407  2.474   1.00 26.10 ? 320 HOH A O   1 
HETATM 1298 O  O   . HOH F 4 .   ? -17.353 -0.018  14.598  1.00 24.43 ? 321 HOH A O   1 
HETATM 1299 O  O   . HOH F 4 .   ? 9.804   -9.720  6.197   1.00 29.26 ? 322 HOH A O   1 
HETATM 1300 O  O   . HOH F 4 .   ? -6.294  -1.145  1.141   1.00 26.37 ? 323 HOH A O   1 
HETATM 1301 O  O   . HOH F 4 .   ? -7.351  0.563   3.120   1.00 27.53 ? 324 HOH A O   1 
HETATM 1302 O  O   . HOH F 4 .   ? 1.795   -6.948  11.321  1.00 28.27 ? 325 HOH A O   1 
HETATM 1303 O  O   . HOH F 4 .   ? -1.501  -11.068 -7.188  1.00 30.47 ? 326 HOH A O   1 
# 
